data_4ADI
#
_entry.id   4ADI
#
_cell.length_a   129.980
_cell.length_b   121.380
_cell.length_c   126.430
_cell.angle_alpha   90.00
_cell.angle_beta   90.00
_cell.angle_gamma   90.00
#
_symmetry.space_group_name_H-M   'P 21 21 21'
#
loop_
_entity.id
_entity.type
_entity.pdbx_description
1 polymer 'E1 ENVELOPE GLYCOPROTEIN'
2 non-polymer 2-acetamido-2-deoxy-beta-D-glucopyranose
3 non-polymer GLYCEROL
4 non-polymer 'SODIUM ION'
5 non-polymer 'ACETATE ION'
6 non-polymer DI(HYDROXYETHYL)ETHER
7 non-polymer 2-acetamido-2-deoxy-beta-D-galactopyranose
8 water water
#
_entity_poly.entity_id   1
_entity_poly.type   'polypeptide(L)'
_entity_poly.pdbx_seq_one_letter_code
;EEAFTYLCTAPGCATQTPVPVRLAGVRFESKIVDGGCFAPWDLEATGACICEIPTDVSCEGLGAWVPTAPCARIWNGTQR
ACTFWAVNAYSSGGYAQLASYFNPGGSYYKQYHPTACEVEPAFGHSDAACWGFPTDTVMSVFALASYVQHPHKTVRVKFH
TETRTVWQLSVAGVSCNVTTEHPFCNTPHGQLEVQVPPDPGDLVEYIMNYTGNQQSRWGLGSPNCHGPDWASPVCQRHSP
DCSRLVGATPERPRLRLVDADDPLLRTAPGPGEVWVTPVIGSQARKCGLHIRAGPYGHATVEMPEWIHAHTTSDPWHPPG
PLGLKFKTVRPVALPRALAPPRNVRVTGCYQCGTPALVEGLAPGGGNCHLTVNGEDVGAFPPGKFVTAALLNTPPPYQVS
CGGESDRASARVIDPAAQSFTGVVYGTHTTAVSETRFEDDDDKAGWSHPQFEKGGGSGGGSGGGSWSHPQFEK
;
_entity_poly.pdbx_strand_id   A,B,C
#
loop_
_chem_comp.id
_chem_comp.type
_chem_comp.name
_chem_comp.formula
ACT non-polymer 'ACETATE ION' 'C2 H3 O2 -1'
GOL non-polymer GLYCEROL 'C3 H8 O3'
NA non-polymer 'SODIUM ION' 'Na 1'
NAG D-saccharide, beta linking 2-acetamido-2-deoxy-beta-D-glucopyranose 'C8 H15 N O6'
NGA D-saccharide, beta linking 2-acetamido-2-deoxy-beta-D-galactopyranose 'C8 H15 N O6'
PEG non-polymer DI(HYDROXYETHYL)ETHER 'C4 H10 O3'
#
# COMPACT_ATOMS: atom_id res chain seq x y z
N GLU A 2 -6.70 -13.50 49.58
CA GLU A 2 -6.12 -13.48 48.24
C GLU A 2 -4.64 -13.85 48.22
N ALA A 3 -4.18 -14.45 47.10
CA ALA A 3 -2.79 -14.87 46.90
C ALA A 3 -2.32 -14.49 45.49
N PHE A 4 -0.98 -14.36 45.31
CA PHE A 4 -0.41 -13.99 44.01
C PHE A 4 0.93 -14.67 43.74
N THR A 5 1.16 -15.02 42.47
CA THR A 5 2.40 -15.59 41.97
C THR A 5 2.58 -15.34 40.47
N TYR A 6 3.83 -15.25 40.02
CA TYR A 6 4.12 -15.10 38.60
C TYR A 6 4.39 -16.48 38.00
N LEU A 7 3.81 -16.73 36.83
CA LEU A 7 4.01 -17.99 36.11
C LEU A 7 4.74 -17.70 34.80
N CYS A 8 5.96 -18.27 34.62
CA CYS A 8 6.67 -18.08 33.35
C CYS A 8 5.98 -18.79 32.18
N THR A 9 6.24 -18.36 30.96
CA THR A 9 5.53 -18.84 29.76
C THR A 9 6.25 -19.90 28.92
N ALA A 10 7.40 -20.40 29.39
CA ALA A 10 8.20 -21.37 28.67
C ALA A 10 7.79 -22.82 28.99
N PRO A 11 8.07 -23.82 28.11
CA PRO A 11 7.77 -25.22 28.47
C PRO A 11 8.51 -25.62 29.75
N GLY A 12 7.79 -26.27 30.66
CA GLY A 12 8.34 -26.68 31.95
C GLY A 12 7.98 -25.74 33.08
N CYS A 13 7.48 -24.53 32.75
CA CYS A 13 7.08 -23.53 33.74
C CYS A 13 5.86 -23.99 34.53
N ALA A 14 5.97 -23.90 35.86
CA ALA A 14 4.92 -24.31 36.80
C ALA A 14 5.10 -23.66 38.16
N THR A 15 3.98 -23.35 38.83
CA THR A 15 3.97 -22.80 40.19
C THR A 15 3.30 -23.85 41.08
N GLN A 16 3.51 -23.79 42.41
CA GLN A 16 2.99 -24.81 43.32
C GLN A 16 1.99 -24.32 44.38
N THR A 17 2.16 -23.06 44.84
CA THR A 17 1.36 -22.47 45.92
CA THR A 17 1.33 -22.48 45.90
C THR A 17 0.46 -21.32 45.41
N PRO A 18 -0.81 -21.16 45.91
CA PRO A 18 -1.57 -21.99 46.87
C PRO A 18 -2.16 -23.25 46.23
N VAL A 19 -2.32 -23.21 44.90
CA VAL A 19 -2.82 -24.28 44.04
C VAL A 19 -1.82 -24.38 42.86
N PRO A 20 -1.34 -25.58 42.49
CA PRO A 20 -0.38 -25.67 41.37
C PRO A 20 -0.97 -25.31 40.02
N VAL A 21 -0.23 -24.53 39.25
CA VAL A 21 -0.62 -24.09 37.91
C VAL A 21 0.56 -24.39 36.99
N ARG A 22 0.32 -25.20 35.95
CA ARG A 22 1.34 -25.59 34.99
C ARG A 22 1.05 -24.97 33.63
N LEU A 23 2.10 -24.47 32.95
CA LEU A 23 1.98 -23.94 31.59
C LEU A 23 2.03 -25.17 30.68
N ALA A 24 0.86 -25.59 30.17
CA ALA A 24 0.74 -26.78 29.32
C ALA A 24 1.12 -26.54 27.86
N GLY A 25 0.92 -25.31 27.40
CA GLY A 25 1.23 -24.93 26.02
C GLY A 25 0.78 -23.52 25.69
N VAL A 26 1.18 -23.04 24.51
CA VAL A 26 0.80 -21.71 24.03
C VAL A 26 0.28 -21.86 22.61
N ARG A 27 -0.95 -21.38 22.36
CA ARG A 27 -1.57 -21.42 21.05
C ARG A 27 -2.18 -20.06 20.78
N PHE A 28 -3.01 -19.95 19.75
CA PHE A 28 -3.66 -18.67 19.46
C PHE A 28 -5.02 -18.86 18.81
N GLU A 29 -5.87 -17.86 18.98
CA GLU A 29 -7.20 -17.78 18.35
C GLU A 29 -7.14 -16.55 17.47
N SER A 30 -7.92 -16.54 16.39
CA SER A 30 -7.96 -15.39 15.48
C SER A 30 -9.20 -15.43 14.63
N LYS A 31 -9.44 -14.34 13.89
CA LYS A 31 -10.48 -14.23 12.89
C LYS A 31 -9.72 -14.19 11.58
N ILE A 32 -9.74 -15.33 10.88
CA ILE A 32 -8.99 -15.55 9.65
C ILE A 32 -9.53 -14.76 8.47
N VAL A 33 -8.63 -14.20 7.67
CA VAL A 33 -8.94 -13.50 6.42
C VAL A 33 -8.07 -14.19 5.36
N ASP A 34 -8.66 -15.08 4.56
CA ASP A 34 -7.93 -15.82 3.53
C ASP A 34 -7.78 -14.97 2.27
N GLY A 35 -6.53 -14.61 1.97
CA GLY A 35 -6.20 -13.78 0.81
C GLY A 35 -6.01 -14.55 -0.48
N GLY A 36 -5.99 -15.88 -0.40
CA GLY A 36 -5.79 -16.72 -1.58
C GLY A 36 -4.32 -16.93 -1.88
N CYS A 37 -3.92 -16.77 -3.15
CA CYS A 37 -2.54 -16.98 -3.61
C CYS A 37 -1.78 -15.69 -3.82
N PHE A 38 -0.48 -15.69 -3.43
CA PHE A 38 0.43 -14.57 -3.61
C PHE A 38 1.73 -15.07 -4.18
N ALA A 39 2.38 -14.26 -5.01
CA ALA A 39 3.64 -14.63 -5.64
C ALA A 39 4.44 -13.38 -5.99
N PRO A 40 5.77 -13.47 -6.16
CA PRO A 40 6.52 -12.28 -6.59
C PRO A 40 6.19 -11.92 -8.04
N TRP A 41 6.44 -10.67 -8.43
CA TRP A 41 6.31 -10.24 -9.81
C TRP A 41 7.62 -10.66 -10.46
N ASP A 42 7.60 -11.76 -11.21
CA ASP A 42 8.79 -12.30 -11.85
C ASP A 42 8.86 -11.99 -13.33
N LEU A 43 9.60 -10.95 -13.69
CA LEU A 43 9.81 -10.57 -15.09
C LEU A 43 10.71 -11.61 -15.77
N GLU A 44 10.18 -12.30 -16.79
CA GLU A 44 10.93 -13.29 -17.54
C GLU A 44 11.00 -12.88 -18.99
N ALA A 45 12.15 -13.08 -19.63
CA ALA A 45 12.33 -12.69 -21.02
C ALA A 45 13.10 -13.70 -21.84
N THR A 46 12.78 -13.76 -23.13
CA THR A 46 13.44 -14.62 -24.12
C THR A 46 13.41 -13.89 -25.45
N GLY A 47 13.95 -14.55 -26.47
CA GLY A 47 13.95 -14.01 -27.81
C GLY A 47 14.95 -14.72 -28.68
N ALA A 48 15.27 -14.11 -29.81
CA ALA A 48 16.25 -14.64 -30.74
C ALA A 48 16.74 -13.58 -31.68
N CYS A 49 17.99 -13.74 -32.09
CA CYS A 49 18.60 -12.96 -33.13
C CYS A 49 18.44 -13.87 -34.35
N ILE A 50 17.87 -13.34 -35.45
CA ILE A 50 17.50 -14.13 -36.62
C ILE A 50 18.08 -13.56 -37.92
N CYS A 51 18.83 -14.37 -38.67
CA CYS A 51 19.40 -13.91 -39.95
C CYS A 51 18.45 -14.28 -41.08
N GLU A 52 17.24 -13.71 -41.00
CA GLU A 52 16.11 -13.97 -41.88
C GLU A 52 15.01 -12.96 -41.51
N ILE A 53 13.96 -12.86 -42.34
CA ILE A 53 12.78 -12.06 -42.04
C ILE A 53 11.62 -13.07 -41.90
N PRO A 54 11.41 -13.65 -40.69
CA PRO A 54 10.32 -14.62 -40.52
C PRO A 54 8.96 -14.04 -40.86
N THR A 55 8.07 -14.89 -41.37
CA THR A 55 6.73 -14.53 -41.82
C THR A 55 5.66 -14.85 -40.78
N ASP A 56 6.03 -15.53 -39.67
CA ASP A 56 5.11 -15.87 -38.60
C ASP A 56 5.75 -15.59 -37.25
N VAL A 57 5.43 -14.42 -36.67
CA VAL A 57 5.95 -13.98 -35.38
C VAL A 57 5.05 -14.53 -34.25
N SER A 58 5.37 -15.75 -33.82
CA SER A 58 4.70 -16.51 -32.76
C SER A 58 5.71 -17.57 -32.28
N CYS A 59 5.46 -18.24 -31.15
CA CYS A 59 6.36 -19.28 -30.65
C CYS A 59 6.58 -20.39 -31.67
N GLU A 60 5.49 -20.87 -32.31
CA GLU A 60 5.56 -21.92 -33.34
C GLU A 60 6.26 -21.41 -34.62
N GLY A 61 5.90 -20.20 -35.07
CA GLY A 61 6.48 -19.59 -36.26
C GLY A 61 7.96 -19.28 -36.15
N LEU A 62 8.45 -19.07 -34.91
CA LEU A 62 9.85 -18.75 -34.64
C LEU A 62 10.62 -19.92 -33.99
N GLY A 63 10.03 -21.12 -34.07
CA GLY A 63 10.58 -22.36 -33.52
C GLY A 63 11.99 -22.72 -33.94
N ALA A 64 12.41 -22.27 -35.14
CA ALA A 64 13.76 -22.52 -35.65
C ALA A 64 14.83 -21.69 -34.92
N TRP A 65 14.43 -20.64 -34.17
CA TRP A 65 15.38 -19.75 -33.49
C TRP A 65 15.14 -19.51 -31.99
N VAL A 66 13.87 -19.34 -31.58
CA VAL A 66 13.50 -19.01 -30.20
C VAL A 66 13.41 -20.27 -29.31
N PRO A 67 14.06 -20.28 -28.11
CA PRO A 67 13.96 -21.46 -27.22
C PRO A 67 12.49 -21.83 -26.94
N THR A 68 12.13 -23.09 -27.26
CA THR A 68 10.78 -23.66 -27.18
C THR A 68 10.04 -23.47 -25.85
N ALA A 69 10.53 -24.10 -24.77
CA ALA A 69 9.92 -24.03 -23.43
C ALA A 69 9.87 -22.60 -22.88
N PRO A 70 10.97 -21.77 -22.91
CA PRO A 70 10.84 -20.38 -22.44
C PRO A 70 9.81 -19.57 -23.23
N CYS A 71 9.74 -19.73 -24.58
CA CYS A 71 8.75 -19.00 -25.39
C CYS A 71 7.33 -19.31 -24.95
N ALA A 72 6.96 -20.61 -24.88
CA ALA A 72 5.61 -21.05 -24.49
C ALA A 72 5.21 -20.55 -23.09
N ARG A 73 6.13 -20.67 -22.10
CA ARG A 73 5.91 -20.22 -20.73
C ARG A 73 5.74 -18.69 -20.63
N ILE A 74 6.64 -17.91 -21.27
CA ILE A 74 6.58 -16.45 -21.25
C ILE A 74 5.36 -15.93 -22.03
N TRP A 75 4.99 -16.59 -23.15
CA TRP A 75 3.81 -16.21 -23.94
C TRP A 75 2.53 -16.26 -23.10
N ASN A 76 2.44 -17.23 -22.17
CA ASN A 76 1.30 -17.44 -21.28
C ASN A 76 1.32 -16.57 -20.00
N GLY A 77 2.36 -15.75 -19.85
CA GLY A 77 2.52 -14.88 -18.69
C GLY A 77 1.59 -13.69 -18.66
N THR A 78 1.61 -12.98 -17.53
CA THR A 78 0.80 -11.78 -17.28
C THR A 78 1.48 -10.57 -17.92
N GLN A 79 0.69 -9.67 -18.55
CA GLN A 79 1.17 -8.42 -19.18
C GLN A 79 2.26 -8.67 -20.22
N ARG A 80 2.02 -9.63 -21.11
CA ARG A 80 2.98 -9.98 -22.15
C ARG A 80 3.30 -8.82 -23.11
N ALA A 81 4.57 -8.67 -23.45
CA ALA A 81 5.05 -7.72 -24.44
C ALA A 81 5.97 -8.48 -25.36
N CYS A 82 5.87 -8.22 -26.66
CA CYS A 82 6.76 -8.82 -27.67
C CYS A 82 6.93 -7.88 -28.84
N THR A 83 8.17 -7.80 -29.32
CA THR A 83 8.54 -6.95 -30.45
C THR A 83 9.40 -7.71 -31.43
N PHE A 84 9.12 -7.49 -32.71
CA PHE A 84 9.88 -8.04 -33.83
C PHE A 84 10.48 -6.85 -34.57
N TRP A 85 11.82 -6.74 -34.59
CA TRP A 85 12.52 -5.65 -35.26
C TRP A 85 13.16 -6.12 -36.56
N ALA A 86 12.98 -5.36 -37.65
CA ALA A 86 13.66 -5.68 -38.90
C ALA A 86 14.92 -4.82 -38.96
N VAL A 87 16.09 -5.46 -38.80
CA VAL A 87 17.39 -4.78 -38.78
C VAL A 87 17.87 -4.52 -40.21
N ASN A 88 17.78 -5.55 -41.06
CA ASN A 88 18.12 -5.47 -42.47
C ASN A 88 17.16 -6.38 -43.20
N ALA A 89 16.24 -5.79 -43.96
CA ALA A 89 15.20 -6.51 -44.66
C ALA A 89 15.68 -7.06 -46.02
N TYR A 90 14.77 -7.71 -46.76
CA TYR A 90 15.08 -8.25 -48.09
C TYR A 90 15.35 -7.08 -49.05
N SER A 91 16.39 -7.18 -49.89
CA SER A 91 16.67 -6.13 -50.87
C SER A 91 15.77 -6.29 -52.09
N SER A 92 15.34 -7.53 -52.38
CA SER A 92 14.45 -7.88 -53.49
C SER A 92 13.73 -9.20 -53.20
N GLY A 93 12.68 -9.48 -53.97
CA GLY A 93 11.89 -10.69 -53.85
C GLY A 93 11.17 -10.81 -52.52
N GLY A 94 10.95 -12.04 -52.09
CA GLY A 94 10.25 -12.33 -50.84
C GLY A 94 8.76 -12.06 -50.92
N TYR A 95 8.11 -12.08 -49.75
CA TYR A 95 6.67 -11.86 -49.63
C TYR A 95 6.44 -10.97 -48.42
N ALA A 96 6.19 -9.66 -48.67
CA ALA A 96 6.04 -8.61 -47.66
C ALA A 96 7.25 -8.60 -46.70
N GLN A 97 8.46 -8.73 -47.28
CA GLN A 97 9.73 -8.80 -46.55
C GLN A 97 10.71 -7.68 -46.89
N LEU A 98 10.35 -6.77 -47.82
CA LEU A 98 11.19 -5.61 -48.18
C LEU A 98 11.16 -4.59 -47.03
N ALA A 99 12.14 -3.66 -47.01
CA ALA A 99 12.23 -2.60 -45.98
C ALA A 99 10.96 -1.74 -45.90
N SER A 100 10.30 -1.52 -47.06
CA SER A 100 9.06 -0.73 -47.17
C SER A 100 7.87 -1.31 -46.39
N TYR A 101 7.92 -2.62 -46.05
CA TYR A 101 6.87 -3.26 -45.27
C TYR A 101 7.04 -2.97 -43.77
N PHE A 102 8.21 -2.44 -43.40
CA PHE A 102 8.51 -2.09 -42.03
C PHE A 102 8.41 -0.60 -41.76
N ASN A 103 7.21 -0.06 -41.94
CA ASN A 103 6.89 1.32 -41.62
C ASN A 103 6.78 1.35 -40.07
N PRO A 104 6.83 2.51 -39.36
CA PRO A 104 6.68 2.47 -37.89
C PRO A 104 5.37 1.77 -37.52
N GLY A 105 5.44 0.79 -36.63
CA GLY A 105 4.27 -0.01 -36.23
C GLY A 105 4.06 -1.25 -37.08
N GLY A 106 4.77 -1.32 -38.21
CA GLY A 106 4.76 -2.44 -39.15
C GLY A 106 3.43 -2.91 -39.69
N SER A 107 2.48 -1.99 -39.87
CA SER A 107 1.15 -2.31 -40.40
C SER A 107 1.22 -2.99 -41.77
N TYR A 108 2.15 -2.56 -42.66
CA TYR A 108 2.30 -3.15 -44.00
C TYR A 108 2.71 -4.63 -43.94
N TYR A 109 3.67 -4.97 -43.06
CA TYR A 109 4.13 -6.35 -42.84
C TYR A 109 2.98 -7.17 -42.23
N LYS A 110 2.33 -6.64 -41.17
CA LYS A 110 1.24 -7.29 -40.43
C LYS A 110 -0.01 -7.59 -41.27
N GLN A 111 -0.23 -6.81 -42.35
CA GLN A 111 -1.33 -6.99 -43.30
C GLN A 111 -1.20 -8.37 -43.97
N TYR A 112 0.04 -8.78 -44.30
CA TYR A 112 0.32 -10.08 -44.91
C TYR A 112 0.80 -11.13 -43.94
N HIS A 113 1.44 -10.69 -42.84
CA HIS A 113 1.98 -11.59 -41.82
C HIS A 113 1.45 -11.22 -40.42
N PRO A 114 0.17 -11.57 -40.11
CA PRO A 114 -0.38 -11.21 -38.79
C PRO A 114 0.39 -11.78 -37.61
N THR A 115 0.44 -11.00 -36.52
CA THR A 115 1.12 -11.35 -35.27
C THR A 115 0.53 -10.53 -34.13
N ALA A 116 0.51 -11.13 -32.92
CA ALA A 116 0.05 -10.46 -31.71
C ALA A 116 1.15 -9.52 -31.19
N CYS A 117 2.35 -9.59 -31.77
CA CYS A 117 3.51 -8.80 -31.37
C CYS A 117 3.60 -7.47 -32.09
N GLU A 118 4.33 -6.53 -31.49
CA GLU A 118 4.61 -5.24 -32.13
C GLU A 118 5.69 -5.51 -33.20
N VAL A 119 5.61 -4.78 -34.31
CA VAL A 119 6.56 -4.91 -35.42
C VAL A 119 7.14 -3.53 -35.67
N GLU A 120 8.46 -3.42 -35.70
CA GLU A 120 9.12 -2.13 -35.87
C GLU A 120 10.34 -2.17 -36.78
N PRO A 121 10.61 -1.07 -37.53
CA PRO A 121 11.87 -1.04 -38.28
C PRO A 121 13.03 -0.80 -37.29
N ALA A 122 14.20 -1.34 -37.61
CA ALA A 122 15.40 -1.15 -36.80
C ALA A 122 16.60 -0.88 -37.72
N PHE A 123 16.32 -0.29 -38.90
CA PHE A 123 17.34 0.05 -39.89
C PHE A 123 18.26 1.10 -39.28
N GLY A 124 19.56 0.90 -39.44
CA GLY A 124 20.57 1.76 -38.83
C GLY A 124 21.23 1.08 -37.65
N HIS A 125 20.55 0.06 -37.06
CA HIS A 125 21.14 -0.75 -35.99
C HIS A 125 22.18 -1.65 -36.64
N SER A 126 23.23 -2.04 -35.90
CA SER A 126 24.29 -2.89 -36.42
C SER A 126 23.77 -4.27 -36.85
N ASP A 127 24.11 -4.68 -38.09
CA ASP A 127 23.73 -5.98 -38.62
C ASP A 127 24.93 -6.95 -38.67
N ALA A 128 26.04 -6.56 -37.99
CA ALA A 128 27.30 -7.31 -37.95
C ALA A 128 27.17 -8.75 -37.42
N ALA A 129 26.17 -9.00 -36.55
CA ALA A 129 25.91 -10.32 -35.96
C ALA A 129 25.57 -11.37 -37.02
N CYS A 130 24.98 -10.93 -38.14
CA CYS A 130 24.60 -11.79 -39.27
C CYS A 130 25.60 -11.65 -40.41
N TRP A 131 26.28 -12.75 -40.75
CA TRP A 131 27.28 -12.78 -41.81
C TRP A 131 27.17 -14.06 -42.64
N GLY A 132 27.89 -14.11 -43.76
CA GLY A 132 27.90 -15.27 -44.64
C GLY A 132 26.85 -15.26 -45.73
N PHE A 133 26.35 -14.07 -46.10
CA PHE A 133 25.36 -13.90 -47.16
C PHE A 133 26.07 -13.62 -48.50
N PRO A 134 25.56 -14.17 -49.64
CA PRO A 134 26.22 -13.91 -50.93
C PRO A 134 26.18 -12.44 -51.36
N THR A 135 25.07 -11.73 -51.06
CA THR A 135 24.92 -10.31 -51.39
C THR A 135 24.67 -9.51 -50.11
N ASP A 136 23.45 -8.95 -49.94
CA ASP A 136 23.11 -8.17 -48.76
C ASP A 136 22.74 -9.06 -47.58
N THR A 137 23.01 -8.54 -46.37
CA THR A 137 22.69 -9.20 -45.10
C THR A 137 21.17 -9.10 -44.87
N VAL A 138 20.59 -10.14 -44.24
CA VAL A 138 19.18 -10.18 -43.84
C VAL A 138 19.21 -10.44 -42.33
N MET A 139 18.54 -9.58 -41.53
CA MET A 139 18.57 -9.71 -40.07
C MET A 139 17.35 -9.12 -39.40
N SER A 140 16.85 -9.85 -38.40
CA SER A 140 15.75 -9.43 -37.55
C SER A 140 16.02 -9.88 -36.12
N VAL A 141 15.34 -9.26 -35.15
CA VAL A 141 15.47 -9.58 -33.73
C VAL A 141 14.08 -9.70 -33.13
N PHE A 142 13.88 -10.72 -32.30
CA PHE A 142 12.63 -10.95 -31.59
C PHE A 142 12.89 -10.91 -30.09
N ALA A 143 12.03 -10.20 -29.34
CA ALA A 143 12.11 -10.14 -27.88
C ALA A 143 10.71 -10.39 -27.33
N LEU A 144 10.62 -11.12 -26.23
CA LEU A 144 9.36 -11.49 -25.61
C LEU A 144 9.55 -11.49 -24.10
N ALA A 145 8.66 -10.81 -23.38
CA ALA A 145 8.73 -10.73 -21.93
C ALA A 145 7.35 -10.65 -21.30
N SER A 146 7.23 -11.16 -20.07
CA SER A 146 5.98 -11.14 -19.30
C SER A 146 6.29 -11.42 -17.84
N TYR A 147 5.26 -11.29 -16.99
CA TYR A 147 5.39 -11.62 -15.58
C TYR A 147 4.86 -13.04 -15.41
N VAL A 148 5.79 -13.99 -15.25
CA VAL A 148 5.48 -15.42 -15.13
C VAL A 148 5.24 -15.77 -13.66
N GLN A 149 4.19 -16.54 -13.38
CA GLN A 149 3.92 -16.97 -12.01
C GLN A 149 4.55 -18.35 -11.82
N HIS A 150 5.66 -18.41 -11.06
CA HIS A 150 6.38 -19.65 -10.80
C HIS A 150 5.66 -20.43 -9.69
N PRO A 151 5.18 -21.67 -9.95
CA PRO A 151 4.46 -22.44 -8.90
C PRO A 151 5.20 -22.58 -7.57
N HIS A 152 6.56 -22.77 -7.63
CA HIS A 152 7.41 -22.92 -6.44
CA HIS A 152 7.37 -22.92 -6.42
C HIS A 152 7.55 -21.59 -5.66
N LYS A 153 7.15 -20.47 -6.28
CA LYS A 153 7.22 -19.15 -5.67
C LYS A 153 5.84 -18.67 -5.19
N THR A 154 4.78 -19.45 -5.48
CA THR A 154 3.41 -19.14 -5.09
C THR A 154 3.14 -19.65 -3.68
N VAL A 155 2.58 -18.77 -2.83
CA VAL A 155 2.27 -19.05 -1.42
CA VAL A 155 2.23 -19.11 -1.45
C VAL A 155 0.78 -18.76 -1.15
N ARG A 156 0.11 -19.60 -0.35
CA ARG A 156 -1.26 -19.36 0.08
C ARG A 156 -1.08 -18.52 1.34
N VAL A 157 -1.82 -17.41 1.47
CA VAL A 157 -1.67 -16.55 2.64
C VAL A 157 -2.97 -16.31 3.37
N LYS A 158 -2.96 -16.53 4.69
CA LYS A 158 -4.10 -16.24 5.54
C LYS A 158 -3.67 -15.15 6.53
N PHE A 159 -4.43 -14.07 6.58
CA PHE A 159 -4.18 -12.97 7.51
C PHE A 159 -4.94 -13.31 8.78
N HIS A 160 -4.29 -13.15 9.93
CA HIS A 160 -4.92 -13.44 11.20
C HIS A 160 -5.20 -12.13 11.92
N THR A 161 -6.49 -11.82 12.12
CA THR A 161 -6.93 -10.58 12.76
C THR A 161 -7.53 -10.92 14.12
N GLU A 162 -7.74 -9.89 14.98
CA GLU A 162 -8.32 -10.08 16.33
C GLU A 162 -7.61 -11.24 17.03
N THR A 163 -6.26 -11.31 16.87
CA THR A 163 -5.42 -12.38 17.43
CA THR A 163 -5.47 -12.40 17.44
C THR A 163 -5.49 -12.40 18.95
N ARG A 164 -5.64 -13.59 19.53
CA ARG A 164 -5.68 -13.78 20.97
C ARG A 164 -4.72 -14.89 21.33
N THR A 165 -3.65 -14.57 22.09
CA THR A 165 -2.73 -15.61 22.55
C THR A 165 -3.50 -16.48 23.55
N VAL A 166 -3.38 -17.81 23.39
CA VAL A 166 -4.05 -18.77 24.27
C VAL A 166 -2.99 -19.38 25.18
N TRP A 167 -3.07 -19.07 26.47
CA TRP A 167 -2.15 -19.63 27.46
C TRP A 167 -2.85 -20.84 28.04
N GLN A 168 -2.42 -22.04 27.59
CA GLN A 168 -3.05 -23.30 28.02
C GLN A 168 -2.47 -23.69 29.35
N LEU A 169 -3.32 -23.62 30.38
CA LEU A 169 -2.92 -23.93 31.75
C LEU A 169 -3.57 -25.19 32.27
N SER A 170 -2.94 -25.79 33.29
CA SER A 170 -3.50 -26.93 34.00
C SER A 170 -3.50 -26.50 35.47
N VAL A 171 -4.71 -26.24 36.00
CA VAL A 171 -4.90 -25.76 37.37
C VAL A 171 -5.27 -26.96 38.22
N ALA A 172 -4.28 -27.46 38.99
CA ALA A 172 -4.39 -28.69 39.80
C ALA A 172 -4.98 -29.84 38.96
N GLY A 173 -4.49 -29.96 37.72
CA GLY A 173 -4.91 -30.98 36.77
C GLY A 173 -6.09 -30.65 35.88
N VAL A 174 -6.78 -29.53 36.15
CA VAL A 174 -7.95 -29.10 35.38
C VAL A 174 -7.54 -28.13 34.27
N SER A 175 -7.86 -28.46 33.02
CA SER A 175 -7.54 -27.62 31.86
C SER A 175 -8.28 -26.28 31.90
N CYS A 176 -7.53 -25.19 31.64
CA CYS A 176 -8.05 -23.82 31.55
C CYS A 176 -7.27 -23.10 30.48
N ASN A 177 -7.97 -22.59 29.45
CA ASN A 177 -7.37 -21.85 28.35
C ASN A 177 -7.65 -20.37 28.56
N VAL A 178 -6.60 -19.64 28.97
CA VAL A 178 -6.73 -18.20 29.24
CA VAL A 178 -6.66 -18.21 29.30
C VAL A 178 -6.31 -17.31 28.10
N THR A 179 -7.12 -16.27 27.88
CA THR A 179 -6.90 -15.26 26.85
C THR A 179 -7.31 -13.92 27.48
N THR A 180 -7.03 -12.82 26.78
CA THR A 180 -7.44 -11.46 27.17
C THR A 180 -8.98 -11.39 27.23
N GLU A 181 -9.68 -12.25 26.45
CA GLU A 181 -11.15 -12.30 26.45
C GLU A 181 -11.69 -13.13 27.62
N HIS A 182 -11.01 -14.25 27.94
CA HIS A 182 -11.46 -15.18 28.97
C HIS A 182 -10.30 -15.48 29.95
N PRO A 183 -10.04 -14.56 30.91
CA PRO A 183 -8.88 -14.74 31.80
C PRO A 183 -9.16 -15.46 33.12
N PHE A 184 -10.35 -16.03 33.31
CA PHE A 184 -10.73 -16.70 34.56
C PHE A 184 -10.70 -18.23 34.52
N CYS A 185 -10.27 -18.84 35.63
CA CYS A 185 -10.19 -20.28 35.84
C CYS A 185 -10.82 -20.61 37.17
N ASN A 186 -11.48 -21.77 37.25
CA ASN A 186 -11.97 -22.25 38.53
C ASN A 186 -10.82 -23.00 39.19
N THR A 187 -10.66 -22.80 40.50
CA THR A 187 -9.67 -23.54 41.30
C THR A 187 -10.51 -24.50 42.15
N PRO A 188 -9.92 -25.49 42.89
CA PRO A 188 -10.77 -26.42 43.66
C PRO A 188 -11.84 -25.78 44.55
N HIS A 189 -11.50 -24.70 45.27
CA HIS A 189 -12.43 -24.00 46.17
C HIS A 189 -12.52 -22.47 45.94
N GLY A 190 -12.10 -22.01 44.77
CA GLY A 190 -12.14 -20.59 44.44
C GLY A 190 -12.03 -20.25 42.97
N GLN A 191 -11.52 -19.06 42.68
CA GLN A 191 -11.34 -18.57 41.32
C GLN A 191 -9.94 -18.02 41.13
N LEU A 192 -9.39 -18.26 39.94
CA LEU A 192 -8.09 -17.75 39.53
C LEU A 192 -8.33 -16.75 38.41
N GLU A 193 -7.84 -15.51 38.60
CA GLU A 193 -7.91 -14.48 37.57
C GLU A 193 -6.48 -14.33 37.07
N VAL A 194 -6.28 -14.51 35.76
CA VAL A 194 -4.94 -14.44 35.20
C VAL A 194 -4.70 -13.10 34.50
N GLN A 195 -3.66 -12.38 34.95
CA GLN A 195 -3.24 -11.15 34.30
C GLN A 195 -2.34 -11.60 33.15
N VAL A 196 -2.70 -11.22 31.93
CA VAL A 196 -1.98 -11.62 30.72
C VAL A 196 -1.43 -10.41 29.97
N PRO A 197 -0.31 -10.55 29.22
CA PRO A 197 0.19 -9.41 28.43
C PRO A 197 -0.77 -9.12 27.26
N PRO A 198 -0.67 -7.96 26.57
CA PRO A 198 -1.55 -7.73 25.42
C PRO A 198 -1.31 -8.75 24.32
N ASP A 199 -2.31 -8.88 23.43
CA ASP A 199 -2.22 -9.74 22.27
C ASP A 199 -1.19 -9.18 21.28
N PRO A 200 -0.60 -10.00 20.40
CA PRO A 200 0.48 -9.50 19.52
C PRO A 200 0.07 -8.69 18.29
N GLY A 201 -1.23 -8.53 18.07
CA GLY A 201 -1.71 -7.84 16.87
C GLY A 201 -1.84 -8.84 15.74
N ASP A 202 -2.06 -8.34 14.51
CA ASP A 202 -2.25 -9.20 13.35
C ASP A 202 -1.04 -10.07 13.01
N LEU A 203 -1.31 -11.28 12.49
CA LEU A 203 -0.28 -12.23 12.06
C LEU A 203 -0.47 -12.51 10.58
N VAL A 204 0.59 -12.99 9.92
CA VAL A 204 0.54 -13.39 8.52
C VAL A 204 0.95 -14.87 8.50
N GLU A 205 0.07 -15.73 7.94
CA GLU A 205 0.36 -17.16 7.84
C GLU A 205 0.68 -17.47 6.38
N TYR A 206 1.95 -17.81 6.12
CA TYR A 206 2.44 -18.18 4.79
C TYR A 206 2.34 -19.70 4.70
N ILE A 207 1.53 -20.20 3.76
CA ILE A 207 1.30 -21.64 3.59
C ILE A 207 1.92 -22.13 2.27
N MET A 208 2.86 -23.08 2.36
CA MET A 208 3.49 -23.71 1.17
C MET A 208 3.26 -25.22 1.17
N ASN A 209 3.07 -25.80 -0.04
CA ASN A 209 2.81 -27.22 -0.24
C ASN A 209 3.45 -27.75 -1.50
C ASN A 213 3.44 -30.25 3.31
N GLN A 214 2.15 -29.91 3.53
CA GLN A 214 1.71 -28.56 3.87
C GLN A 214 2.40 -28.03 5.14
N GLN A 215 3.06 -26.87 5.03
CA GLN A 215 3.76 -26.25 6.14
C GLN A 215 3.38 -24.77 6.26
N SER A 216 3.18 -24.30 7.51
CA SER A 216 2.85 -22.91 7.77
C SER A 216 4.03 -22.18 8.41
N ARG A 217 4.31 -20.98 7.90
CA ARG A 217 5.36 -20.10 8.41
C ARG A 217 4.70 -18.78 8.80
N TRP A 218 5.26 -18.12 9.82
CA TRP A 218 4.61 -16.96 10.42
C TRP A 218 5.32 -15.63 10.34
N GLY A 219 4.53 -14.61 10.05
CA GLY A 219 4.96 -13.22 10.03
C GLY A 219 4.16 -12.48 11.08
N LEU A 220 4.74 -11.44 11.65
CA LEU A 220 4.09 -10.60 12.65
C LEU A 220 3.82 -9.23 12.00
N GLY A 221 2.54 -8.86 11.91
CA GLY A 221 2.13 -7.61 11.28
C GLY A 221 1.13 -7.73 10.15
N SER A 222 1.07 -6.68 9.28
CA SER A 222 0.10 -6.54 8.18
C SER A 222 0.29 -7.28 6.83
N PRO A 223 1.48 -7.47 6.22
CA PRO A 223 2.82 -7.07 6.65
C PRO A 223 3.11 -5.61 6.34
N ASN A 224 4.29 -5.15 6.74
CA ASN A 224 4.72 -3.79 6.45
C ASN A 224 5.53 -3.84 5.15
N CYS A 225 4.90 -3.45 4.04
CA CYS A 225 5.54 -3.44 2.72
C CYS A 225 6.58 -2.32 2.55
N HIS A 226 6.70 -1.44 3.56
CA HIS A 226 7.65 -0.33 3.55
C HIS A 226 8.92 -0.60 4.38
N GLY A 227 9.02 -1.79 4.99
CA GLY A 227 10.19 -2.13 5.80
C GLY A 227 11.02 -3.28 5.28
N PRO A 228 11.74 -4.01 6.17
CA PRO A 228 12.57 -5.13 5.69
C PRO A 228 11.83 -6.28 5.01
N ASP A 229 10.49 -6.36 5.18
CA ASP A 229 9.66 -7.40 4.56
C ASP A 229 9.01 -6.93 3.25
N TRP A 230 9.56 -5.87 2.63
CA TRP A 230 9.07 -5.26 1.38
C TRP A 230 8.90 -6.26 0.23
N ALA A 231 9.76 -7.31 0.18
CA ALA A 231 9.73 -8.30 -0.90
C ALA A 231 8.77 -9.46 -0.65
N SER A 232 7.96 -9.38 0.42
CA SER A 232 6.95 -10.40 0.71
C SER A 232 6.04 -10.57 -0.50
N PRO A 233 5.68 -11.83 -0.87
CA PRO A 233 4.74 -12.02 -1.99
C PRO A 233 3.40 -11.29 -1.77
N VAL A 234 3.04 -11.03 -0.50
CA VAL A 234 1.82 -10.27 -0.12
C VAL A 234 1.87 -8.85 -0.71
N CYS A 235 3.07 -8.26 -0.80
CA CYS A 235 3.30 -6.91 -1.34
C CYS A 235 3.29 -6.92 -2.87
N GLN A 236 3.13 -8.12 -3.48
CA GLN A 236 3.22 -8.28 -4.92
C GLN A 236 1.96 -8.79 -5.63
N ARG A 237 2.06 -9.93 -6.35
CA ARG A 237 0.97 -10.50 -7.15
C ARG A 237 -0.11 -11.18 -6.30
N HIS A 238 -1.35 -10.69 -6.40
CA HIS A 238 -2.48 -11.22 -5.62
C HIS A 238 -3.56 -11.89 -6.49
N SER A 239 -3.80 -13.19 -6.24
CA SER A 239 -4.84 -13.97 -6.91
CA SER A 239 -4.83 -13.97 -6.91
C SER A 239 -5.76 -14.60 -5.86
N PRO A 240 -6.94 -13.97 -5.59
CA PRO A 240 -7.84 -14.49 -4.53
C PRO A 240 -8.31 -15.93 -4.70
N ASP A 241 -8.50 -16.35 -5.94
CA ASP A 241 -8.98 -17.70 -6.28
C ASP A 241 -7.87 -18.59 -6.84
N CYS A 242 -6.59 -18.16 -6.72
CA CYS A 242 -5.42 -18.88 -7.23
C CYS A 242 -5.55 -19.16 -8.75
N SER A 243 -6.16 -18.21 -9.48
CA SER A 243 -6.40 -18.33 -10.92
C SER A 243 -6.41 -16.95 -11.60
N ARG A 244 -7.21 -16.01 -11.06
CA ARG A 244 -7.36 -14.67 -11.64
C ARG A 244 -6.66 -13.60 -10.82
N LEU A 245 -5.96 -12.70 -11.49
CA LEU A 245 -5.24 -11.59 -10.87
C LEU A 245 -6.18 -10.41 -10.56
N VAL A 246 -5.95 -9.74 -9.41
CA VAL A 246 -6.70 -8.54 -9.01
C VAL A 246 -5.72 -7.45 -8.54
N GLY A 247 -6.19 -6.20 -8.52
CA GLY A 247 -5.47 -5.05 -8.00
C GLY A 247 -4.26 -4.61 -8.78
N ALA A 248 -3.29 -4.00 -8.06
CA ALA A 248 -2.04 -3.44 -8.58
C ALA A 248 -1.30 -4.42 -9.48
N THR A 249 -0.92 -3.94 -10.69
CA THR A 249 -0.24 -4.75 -11.69
C THR A 249 0.82 -3.89 -12.39
N PRO A 250 2.05 -4.40 -12.61
CA PRO A 250 3.05 -3.63 -13.36
C PRO A 250 2.59 -3.39 -14.79
N GLU A 251 3.17 -2.38 -15.45
CA GLU A 251 2.89 -2.09 -16.85
C GLU A 251 3.48 -3.21 -17.69
N ARG A 252 3.10 -3.30 -18.98
CA ARG A 252 3.68 -4.31 -19.87
C ARG A 252 5.19 -3.98 -19.98
N PRO A 253 6.08 -5.01 -20.00
CA PRO A 253 7.53 -4.73 -20.12
C PRO A 253 7.88 -3.85 -21.31
N ARG A 254 8.90 -3.01 -21.14
CA ARG A 254 9.35 -2.10 -22.21
C ARG A 254 10.57 -2.72 -22.87
N LEU A 255 10.38 -3.26 -24.08
CA LEU A 255 11.42 -3.96 -24.82
C LEU A 255 12.20 -3.00 -25.70
N ARG A 256 13.54 -3.09 -25.65
CA ARG A 256 14.41 -2.23 -26.46
C ARG A 256 15.52 -3.05 -27.11
N LEU A 257 15.81 -2.72 -28.37
CA LEU A 257 16.92 -3.33 -29.09
C LEU A 257 18.10 -2.40 -28.84
N VAL A 258 19.15 -2.91 -28.17
CA VAL A 258 20.30 -2.10 -27.78
C VAL A 258 21.57 -2.71 -28.37
N ASP A 259 22.23 -2.00 -29.30
CA ASP A 259 23.46 -2.48 -29.91
C ASP A 259 24.58 -2.62 -28.90
N ALA A 260 25.52 -3.56 -29.13
CA ALA A 260 26.65 -3.85 -28.24
C ALA A 260 27.48 -2.63 -27.80
N ASP A 261 27.66 -1.64 -28.68
CA ASP A 261 28.43 -0.44 -28.35
C ASP A 261 27.57 0.79 -27.96
N ASP A 262 26.27 0.58 -27.67
CA ASP A 262 25.39 1.69 -27.30
C ASP A 262 25.76 2.17 -25.88
N PRO A 263 26.00 3.49 -25.65
CA PRO A 263 26.33 3.97 -24.30
C PRO A 263 25.27 3.67 -23.23
N LEU A 264 24.03 3.34 -23.65
CA LEU A 264 22.95 2.98 -22.74
C LEU A 264 23.34 1.75 -21.89
N LEU A 265 24.18 0.84 -22.45
CA LEU A 265 24.66 -0.36 -21.75
C LEU A 265 25.58 -0.07 -20.55
N ARG A 266 26.01 1.20 -20.38
CA ARG A 266 26.81 1.64 -19.22
C ARG A 266 25.89 1.85 -18.01
N THR A 267 24.56 1.82 -18.23
CA THR A 267 23.55 1.98 -17.18
C THR A 267 22.76 0.67 -17.04
N ALA A 268 22.02 0.53 -15.95
CA ALA A 268 21.22 -0.66 -15.70
C ALA A 268 19.78 -0.44 -16.18
N PRO A 269 19.09 -1.46 -16.73
CA PRO A 269 17.68 -1.26 -17.09
C PRO A 269 16.83 -0.99 -15.85
N GLY A 270 15.79 -0.18 -16.01
CA GLY A 270 14.85 0.12 -14.93
C GLY A 270 13.88 -1.03 -14.71
N PRO A 271 13.03 -0.98 -13.65
CA PRO A 271 12.07 -2.09 -13.44
C PRO A 271 11.12 -2.27 -14.62
N GLY A 272 11.00 -3.50 -15.10
CA GLY A 272 10.15 -3.83 -16.22
C GLY A 272 10.78 -3.60 -17.58
N GLU A 273 12.02 -3.07 -17.62
CA GLU A 273 12.71 -2.83 -18.88
C GLU A 273 13.51 -4.05 -19.30
N VAL A 274 13.48 -4.38 -20.59
CA VAL A 274 14.19 -5.53 -21.15
C VAL A 274 14.99 -5.04 -22.35
N TRP A 275 16.32 -5.13 -22.26
CA TRP A 275 17.20 -4.72 -23.34
C TRP A 275 17.82 -5.94 -23.99
N VAL A 276 17.69 -6.05 -25.33
CA VAL A 276 18.24 -7.19 -26.08
C VAL A 276 19.38 -6.75 -27.00
N THR A 277 20.45 -7.54 -26.99
CA THR A 277 21.66 -7.22 -27.74
C THR A 277 22.10 -8.40 -28.62
N PRO A 278 22.14 -8.23 -29.96
CA PRO A 278 22.59 -9.33 -30.82
C PRO A 278 24.07 -9.66 -30.57
N VAL A 279 24.38 -10.97 -30.62
CA VAL A 279 25.73 -11.49 -30.42
C VAL A 279 26.14 -12.12 -31.76
N ILE A 280 27.32 -11.76 -32.30
CA ILE A 280 27.79 -12.32 -33.56
C ILE A 280 27.83 -13.87 -33.52
N GLY A 281 27.34 -14.51 -34.58
CA GLY A 281 27.33 -15.96 -34.67
C GLY A 281 28.69 -16.54 -35.01
N SER A 282 28.96 -17.75 -34.50
CA SER A 282 30.18 -18.51 -34.80
C SER A 282 29.96 -19.26 -36.12
N GLN A 283 28.69 -19.36 -36.54
CA GLN A 283 28.22 -20.01 -37.76
C GLN A 283 27.67 -18.96 -38.70
N ALA A 284 27.77 -19.19 -40.02
CA ALA A 284 27.22 -18.31 -41.04
C ALA A 284 25.69 -18.27 -40.92
N ARG A 285 25.10 -17.07 -41.09
CA ARG A 285 23.65 -16.82 -41.06
C ARG A 285 22.96 -17.25 -39.75
N LYS A 286 23.67 -17.12 -38.63
CA LYS A 286 23.18 -17.43 -37.28
C LYS A 286 23.73 -16.39 -36.31
N CYS A 287 22.99 -16.11 -35.23
CA CYS A 287 23.42 -15.16 -34.20
C CYS A 287 22.76 -15.46 -32.85
N GLY A 288 23.39 -14.97 -31.79
CA GLY A 288 22.90 -15.13 -30.42
C GLY A 288 22.27 -13.85 -29.91
N LEU A 289 21.68 -13.91 -28.73
CA LEU A 289 21.05 -12.74 -28.14
C LEU A 289 21.34 -12.65 -26.65
N HIS A 290 21.85 -11.48 -26.21
CA HIS A 290 22.13 -11.22 -24.80
C HIS A 290 20.99 -10.36 -24.27
N ILE A 291 20.38 -10.78 -23.15
CA ILE A 291 19.21 -10.10 -22.57
C ILE A 291 19.52 -9.54 -21.19
N ARG A 292 19.18 -8.27 -20.96
CA ARG A 292 19.33 -7.59 -19.67
C ARG A 292 17.94 -7.15 -19.22
N ALA A 293 17.48 -7.64 -18.07
CA ALA A 293 16.16 -7.28 -17.57
C ALA A 293 16.22 -6.66 -16.18
N GLY A 294 15.45 -5.58 -15.98
CA GLY A 294 15.33 -4.90 -14.71
C GLY A 294 14.17 -5.51 -13.94
N PRO A 295 14.45 -6.29 -12.88
CA PRO A 295 13.34 -6.93 -12.16
C PRO A 295 12.42 -5.94 -11.46
N TYR A 296 11.15 -6.33 -11.30
CA TYR A 296 10.17 -5.52 -10.56
C TYR A 296 10.70 -5.41 -9.13
N GLY A 297 10.66 -4.21 -8.57
CA GLY A 297 11.10 -3.97 -7.21
C GLY A 297 12.60 -3.96 -7.00
N HIS A 298 13.39 -3.99 -8.12
CA HIS A 298 14.86 -3.90 -8.18
C HIS A 298 15.61 -5.17 -7.76
N ALA A 299 14.88 -6.27 -7.48
CA ALA A 299 15.49 -7.53 -7.07
C ALA A 299 14.61 -8.73 -7.39
N THR A 300 15.24 -9.89 -7.59
CA THR A 300 14.55 -11.15 -7.88
C THR A 300 14.37 -11.87 -6.55
N VAL A 301 13.12 -12.24 -6.23
CA VAL A 301 12.83 -12.91 -4.96
C VAL A 301 13.19 -14.41 -5.04
N GLU A 302 13.96 -14.88 -4.05
CA GLU A 302 14.34 -16.29 -3.89
CA GLU A 302 14.33 -16.29 -3.91
C GLU A 302 13.45 -16.81 -2.76
N MET A 303 12.31 -17.42 -3.11
CA MET A 303 11.29 -17.88 -2.17
C MET A 303 11.74 -18.71 -0.95
N PRO A 304 12.44 -19.86 -1.07
CA PRO A 304 12.84 -20.60 0.13
C PRO A 304 13.70 -19.75 1.07
N GLU A 305 14.63 -18.97 0.50
CA GLU A 305 15.53 -18.08 1.23
C GLU A 305 14.78 -16.94 1.92
N TRP A 306 13.79 -16.33 1.22
CA TRP A 306 12.99 -15.25 1.78
C TRP A 306 12.17 -15.76 2.98
N ILE A 307 11.45 -16.87 2.79
CA ILE A 307 10.64 -17.50 3.84
C ILE A 307 11.51 -17.85 5.06
N HIS A 308 12.68 -18.49 4.83
CA HIS A 308 13.58 -18.89 5.91
C HIS A 308 14.00 -17.72 6.82
N ALA A 309 14.32 -16.56 6.23
CA ALA A 309 14.78 -15.39 6.99
C ALA A 309 13.68 -14.45 7.49
N HIS A 310 12.56 -14.34 6.76
CA HIS A 310 11.49 -13.39 7.09
C HIS A 310 10.28 -13.96 7.82
N THR A 311 10.33 -15.23 8.24
CA THR A 311 9.24 -15.89 8.96
C THR A 311 9.78 -16.75 10.09
N THR A 312 8.88 -17.21 10.98
CA THR A 312 9.22 -18.12 12.08
C THR A 312 8.38 -19.39 11.95
N SER A 313 8.80 -20.46 12.65
CA SER A 313 8.09 -21.73 12.64
C SER A 313 6.77 -21.64 13.40
N ASP A 314 6.69 -20.72 14.39
CA ASP A 314 5.51 -20.54 15.23
C ASP A 314 5.10 -19.08 15.37
N PRO A 315 3.81 -18.78 15.64
CA PRO A 315 3.41 -17.37 15.85
C PRO A 315 4.10 -16.80 17.09
N TRP A 316 4.45 -15.52 17.03
CA TRP A 316 5.12 -14.85 18.15
C TRP A 316 4.14 -14.49 19.25
N HIS A 317 4.61 -14.52 20.49
CA HIS A 317 3.85 -14.10 21.65
C HIS A 317 4.79 -13.34 22.61
N PRO A 318 4.28 -12.36 23.40
CA PRO A 318 5.15 -11.66 24.37
C PRO A 318 5.79 -12.60 25.40
N PRO A 319 6.92 -12.22 26.04
CA PRO A 319 7.61 -13.15 26.95
C PRO A 319 6.94 -13.48 28.28
N GLY A 320 5.96 -12.69 28.68
CA GLY A 320 5.29 -12.88 29.97
C GLY A 320 6.07 -12.19 31.08
N PRO A 321 5.97 -12.64 32.35
CA PRO A 321 5.20 -13.79 32.84
C PRO A 321 3.71 -13.48 32.96
N LEU A 322 2.92 -14.47 33.39
CA LEU A 322 1.50 -14.30 33.65
C LEU A 322 1.34 -14.03 35.14
N GLY A 323 0.42 -13.14 35.50
CA GLY A 323 0.13 -12.81 36.89
C GLY A 323 -1.02 -13.64 37.40
N LEU A 324 -0.74 -14.57 38.32
CA LEU A 324 -1.79 -15.45 38.86
C LEU A 324 -2.40 -14.86 40.12
N LYS A 325 -3.66 -14.38 40.02
CA LYS A 325 -4.39 -13.79 41.15
C LYS A 325 -5.39 -14.80 41.69
N PHE A 326 -5.06 -15.40 42.84
CA PHE A 326 -5.90 -16.41 43.49
C PHE A 326 -6.89 -15.76 44.45
N LYS A 327 -8.19 -16.10 44.28
CA LYS A 327 -9.29 -15.54 45.07
C LYS A 327 -10.18 -16.64 45.65
N THR A 328 -10.87 -16.31 46.77
CA THR A 328 -11.82 -17.22 47.43
C THR A 328 -13.22 -17.10 46.81
N VAL A 329 -13.34 -16.25 45.77
CA VAL A 329 -14.55 -15.94 44.99
C VAL A 329 -14.96 -17.15 44.12
N ARG A 330 -16.26 -17.23 43.76
CA ARG A 330 -16.86 -18.25 42.89
C ARG A 330 -18.02 -17.64 42.08
N PRO A 331 -18.05 -17.83 40.72
CA PRO A 331 -19.12 -17.28 39.87
C PRO A 331 -20.53 -17.72 40.27
N ALA A 337 -29.96 -22.71 29.18
CA ALA A 337 -30.58 -23.30 28.00
C ALA A 337 -29.64 -24.28 27.32
N LEU A 338 -30.06 -25.55 27.21
CA LEU A 338 -29.27 -26.62 26.61
C LEU A 338 -29.85 -27.13 25.28
N ALA A 339 -31.13 -26.81 25.00
CA ALA A 339 -31.82 -27.21 23.77
C ALA A 339 -31.21 -26.46 22.55
N PRO A 340 -31.16 -27.06 21.34
CA PRO A 340 -30.57 -26.33 20.19
C PRO A 340 -31.36 -25.08 19.77
N PRO A 341 -30.70 -24.05 19.19
CA PRO A 341 -31.46 -22.87 18.74
C PRO A 341 -32.33 -23.22 17.51
N ARG A 342 -33.42 -22.48 17.31
CA ARG A 342 -34.37 -22.73 16.22
C ARG A 342 -34.31 -21.68 15.13
N ASN A 343 -34.69 -22.09 13.89
CA ASN A 343 -34.76 -21.26 12.67
C ASN A 343 -33.50 -20.41 12.45
N VAL A 344 -32.32 -20.99 12.71
CA VAL A 344 -31.05 -20.28 12.54
C VAL A 344 -30.70 -20.10 11.08
N ARG A 345 -30.36 -18.86 10.71
CA ARG A 345 -29.95 -18.48 9.36
C ARG A 345 -28.61 -17.78 9.45
N VAL A 346 -27.66 -18.18 8.58
CA VAL A 346 -26.31 -17.60 8.51
C VAL A 346 -26.15 -16.99 7.10
N THR A 347 -25.81 -15.68 7.00
CA THR A 347 -25.64 -15.01 5.70
CA THR A 347 -25.67 -14.99 5.70
C THR A 347 -24.37 -14.17 5.65
N GLY A 348 -23.69 -14.23 4.52
CA GLY A 348 -22.46 -13.48 4.28
C GLY A 348 -21.34 -14.33 3.74
N CYS A 349 -20.17 -14.24 4.38
CA CYS A 349 -18.99 -14.99 4.01
C CYS A 349 -18.24 -15.49 5.25
N TYR A 350 -17.30 -16.43 5.04
CA TYR A 350 -16.44 -16.95 6.11
C TYR A 350 -14.99 -16.72 5.71
N GLN A 351 -14.07 -16.64 6.70
CA GLN A 351 -12.63 -16.39 6.50
C GLN A 351 -12.39 -15.22 5.53
N CYS A 352 -13.23 -14.16 5.64
CA CYS A 352 -13.26 -13.03 4.71
C CYS A 352 -12.99 -11.66 5.31
N GLY A 353 -13.19 -11.50 6.63
CA GLY A 353 -12.98 -10.22 7.28
C GLY A 353 -14.23 -9.37 7.44
N THR A 354 -15.36 -9.81 6.86
CA THR A 354 -16.65 -9.11 7.03
C THR A 354 -17.51 -10.01 7.91
N PRO A 355 -17.96 -9.53 9.08
CA PRO A 355 -18.82 -10.36 9.95
C PRO A 355 -20.08 -10.84 9.23
N ALA A 356 -20.39 -12.14 9.39
CA ALA A 356 -21.57 -12.77 8.81
C ALA A 356 -22.75 -12.51 9.75
N LEU A 357 -23.98 -12.47 9.20
CA LEU A 357 -25.17 -12.27 10.02
C LEU A 357 -25.69 -13.63 10.48
N VAL A 358 -25.85 -13.79 11.80
CA VAL A 358 -26.38 -15.01 12.42
C VAL A 358 -27.66 -14.61 13.15
N GLU A 359 -28.80 -15.17 12.72
CA GLU A 359 -30.10 -14.86 13.30
C GLU A 359 -30.90 -16.14 13.59
N GLY A 360 -31.71 -16.10 14.63
CA GLY A 360 -32.53 -17.25 15.00
C GLY A 360 -33.32 -17.07 16.27
N LEU A 361 -33.81 -18.19 16.82
CA LEU A 361 -34.60 -18.21 18.04
C LEU A 361 -33.88 -19.01 19.12
N ALA A 362 -33.53 -18.33 20.22
CA ALA A 362 -32.89 -18.95 21.37
C ALA A 362 -33.99 -19.62 22.22
N PRO A 363 -33.81 -20.87 22.67
CA PRO A 363 -34.88 -21.55 23.42
C PRO A 363 -34.96 -21.16 24.90
N GLY A 364 -35.96 -21.68 25.61
CA GLY A 364 -36.13 -21.42 27.04
C GLY A 364 -35.11 -22.16 27.89
N GLY A 365 -35.10 -21.88 29.18
CA GLY A 365 -34.22 -22.52 30.15
C GLY A 365 -33.09 -21.66 30.69
N GLY A 366 -32.74 -20.61 29.95
CA GLY A 366 -31.68 -19.68 30.30
C GLY A 366 -31.04 -19.07 29.07
N ASN A 367 -29.83 -18.52 29.20
CA ASN A 367 -29.11 -17.92 28.07
C ASN A 367 -28.52 -19.00 27.18
N CYS A 368 -28.65 -18.83 25.86
CA CYS A 368 -28.07 -19.76 24.89
C CYS A 368 -26.63 -19.35 24.63
N HIS A 369 -25.67 -20.20 25.04
CA HIS A 369 -24.25 -19.97 24.75
C HIS A 369 -24.08 -20.51 23.34
N LEU A 370 -24.34 -19.64 22.36
CA LEU A 370 -24.38 -19.99 20.95
C LEU A 370 -23.05 -20.34 20.31
N THR A 371 -23.02 -21.50 19.65
CA THR A 371 -21.85 -21.96 18.88
C THR A 371 -22.28 -22.23 17.44
N VAL A 372 -21.40 -21.89 16.49
CA VAL A 372 -21.61 -22.07 15.06
C VAL A 372 -20.41 -22.92 14.64
N ASN A 373 -20.63 -24.23 14.39
CA ASN A 373 -19.56 -25.21 14.11
C ASN A 373 -18.47 -25.17 15.21
N GLY A 374 -18.93 -25.06 16.46
CA GLY A 374 -18.06 -24.99 17.64
C GLY A 374 -17.46 -23.63 17.96
N GLU A 375 -17.69 -22.61 17.09
N GLU A 375 -17.69 -22.61 17.09
CA GLU A 375 -17.16 -21.26 17.30
CA GLU A 375 -17.15 -21.27 17.31
C GLU A 375 -18.08 -20.45 18.19
C GLU A 375 -18.09 -20.45 18.20
N ASP A 376 -17.53 -19.88 19.28
CA ASP A 376 -18.28 -19.05 20.22
C ASP A 376 -18.67 -17.72 19.56
N VAL A 377 -19.99 -17.47 19.45
CA VAL A 377 -20.49 -16.22 18.85
C VAL A 377 -21.24 -15.33 19.86
N GLY A 378 -21.22 -15.74 21.13
CA GLY A 378 -21.85 -15.03 22.22
C GLY A 378 -23.00 -15.76 22.88
N ALA A 379 -23.55 -15.18 23.96
CA ALA A 379 -24.69 -15.73 24.68
C ALA A 379 -25.90 -14.83 24.49
N PHE A 380 -27.07 -15.45 24.32
CA PHE A 380 -28.31 -14.73 24.02
C PHE A 380 -29.47 -15.14 24.90
N PRO A 381 -30.27 -14.17 25.41
CA PRO A 381 -31.44 -14.55 26.22
C PRO A 381 -32.50 -15.27 25.36
N PRO A 382 -33.41 -16.08 25.95
CA PRO A 382 -34.42 -16.76 25.13
C PRO A 382 -35.20 -15.79 24.24
N GLY A 383 -35.51 -16.24 23.04
CA GLY A 383 -36.24 -15.46 22.04
C GLY A 383 -35.39 -15.14 20.84
N LYS A 384 -35.86 -14.21 20.00
CA LYS A 384 -35.16 -13.81 18.78
C LYS A 384 -33.80 -13.18 19.09
N PHE A 385 -32.79 -13.53 18.29
CA PHE A 385 -31.45 -12.97 18.41
C PHE A 385 -30.91 -12.68 17.01
N VAL A 386 -30.03 -11.67 16.94
CA VAL A 386 -29.35 -11.22 15.72
CA VAL A 386 -29.34 -11.27 15.74
C VAL A 386 -27.91 -10.85 16.14
N THR A 387 -26.90 -11.41 15.46
CA THR A 387 -25.51 -11.09 15.76
C THR A 387 -24.65 -11.05 14.50
N ALA A 388 -23.59 -10.24 14.53
CA ALA A 388 -22.63 -10.13 13.43
C ALA A 388 -21.36 -10.82 13.92
N ALA A 389 -21.08 -12.01 13.36
CA ALA A 389 -19.94 -12.82 13.78
C ALA A 389 -18.94 -13.10 12.67
N LEU A 390 -17.64 -13.00 13.02
CA LEU A 390 -16.58 -13.32 12.06
C LEU A 390 -16.40 -14.83 12.12
N LEU A 391 -16.81 -15.52 11.05
CA LEU A 391 -16.76 -16.98 11.01
C LEU A 391 -15.51 -17.51 10.33
N ASN A 392 -14.89 -18.53 10.94
CA ASN A 392 -13.69 -19.19 10.43
C ASN A 392 -13.99 -20.50 9.71
N THR A 393 -15.19 -21.05 9.91
CA THR A 393 -15.54 -22.34 9.31
C THR A 393 -16.47 -22.20 8.10
N PRO A 394 -16.40 -23.13 7.13
CA PRO A 394 -17.31 -23.06 5.98
C PRO A 394 -18.68 -23.68 6.27
N PRO A 395 -19.73 -23.44 5.41
CA PRO A 395 -20.99 -24.16 5.59
C PRO A 395 -20.82 -25.66 5.26
N PRO A 396 -21.69 -26.59 5.72
CA PRO A 396 -22.90 -26.39 6.55
C PRO A 396 -22.58 -25.99 7.98
N TYR A 397 -23.54 -25.30 8.62
CA TYR A 397 -23.37 -24.82 9.99
C TYR A 397 -24.21 -25.58 10.99
N GLN A 398 -23.54 -26.21 11.96
CA GLN A 398 -24.16 -26.92 13.07
C GLN A 398 -24.23 -25.91 14.21
N VAL A 399 -25.45 -25.62 14.67
CA VAL A 399 -25.70 -24.63 15.73
C VAL A 399 -26.15 -25.29 17.03
N SER A 400 -25.60 -24.83 18.17
CA SER A 400 -25.89 -25.39 19.48
C SER A 400 -25.90 -24.34 20.59
N CYS A 401 -26.58 -24.65 21.72
CA CYS A 401 -26.62 -23.81 22.92
C CYS A 401 -25.82 -24.51 24.03
N GLY A 402 -24.98 -25.47 23.66
CA GLY A 402 -24.14 -26.23 24.59
C GLY A 402 -24.50 -27.70 24.74
N GLY A 403 -25.64 -28.10 24.18
CA GLY A 403 -26.12 -29.46 24.21
C GLY A 403 -26.18 -30.06 22.81
N GLU A 404 -27.38 -30.51 22.40
CA GLU A 404 -27.62 -31.08 21.08
C GLU A 404 -27.50 -30.00 20.00
N SER A 405 -27.08 -30.39 18.79
CA SER A 405 -26.91 -29.47 17.66
C SER A 405 -27.99 -29.64 16.61
N ASP A 406 -28.25 -28.57 15.84
CA ASP A 406 -29.20 -28.56 14.72
C ASP A 406 -28.53 -27.94 13.50
N ARG A 407 -29.03 -28.25 12.30
CA ARG A 407 -28.51 -27.72 11.04
C ARG A 407 -29.16 -26.37 10.75
N ALA A 408 -28.34 -25.33 10.63
CA ALA A 408 -28.80 -23.99 10.30
C ALA A 408 -28.97 -23.83 8.79
N SER A 409 -29.75 -22.82 8.35
CA SER A 409 -29.93 -22.49 6.94
CA SER A 409 -29.93 -22.49 6.94
C SER A 409 -28.80 -21.52 6.59
N ALA A 410 -28.14 -21.71 5.44
CA ALA A 410 -27.03 -20.81 5.11
C ALA A 410 -26.95 -20.35 3.67
N ARG A 411 -26.53 -19.08 3.51
CA ARG A 411 -26.23 -18.43 2.24
C ARG A 411 -24.90 -17.75 2.52
N VAL A 412 -23.84 -18.57 2.59
CA VAL A 412 -22.48 -18.15 2.93
C VAL A 412 -21.50 -18.50 1.81
N ILE A 413 -20.75 -17.49 1.35
CA ILE A 413 -19.78 -17.66 0.27
C ILE A 413 -18.35 -17.76 0.82
N ASP A 414 -17.43 -18.35 0.04
CA ASP A 414 -16.04 -18.52 0.47
C ASP A 414 -15.18 -17.24 0.28
N PRO A 415 -13.95 -17.16 0.83
CA PRO A 415 -13.13 -15.95 0.67
C PRO A 415 -12.84 -15.53 -0.78
N ALA A 416 -12.61 -16.51 -1.68
CA ALA A 416 -12.36 -16.22 -3.09
C ALA A 416 -13.62 -15.58 -3.71
N ALA A 417 -14.81 -16.14 -3.44
CA ALA A 417 -16.09 -15.60 -3.94
C ALA A 417 -16.33 -14.18 -3.40
N GLN A 418 -15.99 -13.95 -2.11
CA GLN A 418 -16.11 -12.62 -1.49
C GLN A 418 -15.24 -11.60 -2.21
N SER A 419 -14.01 -12.00 -2.56
CA SER A 419 -13.05 -11.16 -3.28
C SER A 419 -13.56 -10.73 -4.65
N PHE A 420 -14.47 -11.51 -5.26
CA PHE A 420 -15.06 -11.20 -6.56
C PHE A 420 -16.49 -10.65 -6.47
N THR A 421 -17.02 -10.50 -5.24
CA THR A 421 -18.36 -9.95 -4.99
C THR A 421 -18.27 -8.42 -4.96
N GLY A 422 -19.15 -7.77 -5.71
CA GLY A 422 -19.18 -6.31 -5.80
C GLY A 422 -18.32 -5.79 -6.93
N VAL A 423 -17.79 -6.69 -7.77
CA VAL A 423 -16.99 -6.36 -8.96
C VAL A 423 -17.44 -7.19 -10.17
N VAL A 424 -17.23 -6.65 -11.38
CA VAL A 424 -17.49 -7.35 -12.64
C VAL A 424 -16.09 -7.57 -13.24
N TYR A 425 -15.62 -8.81 -13.20
CA TYR A 425 -14.27 -9.14 -13.67
C TYR A 425 -14.08 -9.08 -15.17
N GLY A 426 -12.88 -8.66 -15.58
CA GLY A 426 -12.42 -8.70 -16.96
C GLY A 426 -12.70 -7.52 -17.84
N THR A 427 -12.42 -7.70 -19.13
CA THR A 427 -12.56 -6.71 -20.20
C THR A 427 -13.95 -6.06 -20.21
N HIS A 428 -13.98 -4.73 -20.29
CA HIS A 428 -15.21 -3.98 -20.40
C HIS A 428 -15.34 -3.57 -21.85
N THR A 429 -16.44 -3.98 -22.48
CA THR A 429 -16.63 -3.65 -23.88
C THR A 429 -17.81 -2.73 -24.12
N THR A 430 -17.73 -1.93 -25.20
N THR A 430 -17.72 -1.94 -25.20
CA THR A 430 -18.77 -1.01 -25.66
CA THR A 430 -18.73 -1.01 -25.68
C THR A 430 -18.71 -0.91 -27.18
C THR A 430 -18.71 -1.03 -27.21
N ALA A 431 -19.86 -0.75 -27.82
CA ALA A 431 -19.97 -0.68 -29.27
C ALA A 431 -20.53 0.68 -29.65
N VAL A 432 -19.80 1.41 -30.48
CA VAL A 432 -20.23 2.70 -30.99
C VAL A 432 -20.90 2.39 -32.33
N SER A 433 -22.19 2.71 -32.45
CA SER A 433 -22.95 2.47 -33.66
C SER A 433 -22.71 3.55 -34.71
N GLU A 434 -22.95 3.21 -35.99
CA GLU A 434 -22.89 4.17 -37.10
C GLU A 434 -24.10 5.08 -36.90
N THR A 435 -24.06 6.33 -37.39
CA THR A 435 -25.22 7.23 -37.23
C THR A 435 -26.38 6.85 -38.15
N GLU B 2 -15.92 -10.47 48.26
CA GLU B 2 -16.06 -10.21 46.83
C GLU B 2 -17.07 -11.15 46.16
N ALA B 3 -17.70 -10.68 45.06
CA ALA B 3 -18.67 -11.44 44.28
C ALA B 3 -18.34 -11.36 42.79
N PHE B 4 -18.67 -12.42 42.03
CA PHE B 4 -18.40 -12.46 40.59
C PHE B 4 -19.55 -13.07 39.79
N THR B 5 -19.78 -12.52 38.57
CA THR B 5 -20.77 -13.03 37.62
C THR B 5 -20.42 -12.61 36.19
N TYR B 6 -20.83 -13.43 35.21
CA TYR B 6 -20.62 -13.11 33.80
C TYR B 6 -21.88 -12.45 33.26
N LEU B 7 -21.69 -11.36 32.50
CA LEU B 7 -22.80 -10.65 31.87
C LEU B 7 -22.67 -10.78 30.36
N CYS B 8 -23.68 -11.39 29.69
CA CYS B 8 -23.63 -11.47 28.22
C CYS B 8 -23.81 -10.09 27.57
N THR B 9 -23.37 -9.95 26.32
CA THR B 9 -23.32 -8.65 25.64
C THR B 9 -24.45 -8.36 24.64
N ALA B 10 -25.45 -9.27 24.56
CA ALA B 10 -26.57 -9.16 23.63
C ALA B 10 -27.74 -8.33 24.21
N PRO B 11 -28.62 -7.72 23.37
CA PRO B 11 -29.78 -7.01 23.94
C PRO B 11 -30.65 -7.96 24.76
N GLY B 12 -31.04 -7.51 25.95
CA GLY B 12 -31.83 -8.32 26.88
C GLY B 12 -30.99 -8.96 27.98
N CYS B 13 -29.64 -8.94 27.82
CA CYS B 13 -28.72 -9.52 28.80
C CYS B 13 -28.73 -8.72 30.09
N ALA B 14 -28.89 -9.42 31.22
CA ALA B 14 -28.95 -8.84 32.55
C ALA B 14 -28.64 -9.88 33.63
N THR B 15 -28.03 -9.43 34.73
CA THR B 15 -27.73 -10.24 35.91
C THR B 15 -28.53 -9.64 37.08
N GLN B 16 -28.89 -10.46 38.07
CA GLN B 16 -29.72 -9.99 39.19
C GLN B 16 -28.99 -9.85 40.51
N THR B 17 -27.97 -10.69 40.75
CA THR B 17 -27.24 -10.71 42.03
C THR B 17 -25.73 -10.45 41.90
N PRO B 18 -25.07 -9.80 42.92
CA PRO B 18 -25.62 -9.24 44.16
C PRO B 18 -26.34 -7.90 43.96
N VAL B 19 -25.97 -7.18 42.89
CA VAL B 19 -26.53 -5.89 42.47
C VAL B 19 -26.99 -6.09 41.00
N PRO B 20 -28.25 -5.78 40.63
CA PRO B 20 -28.67 -6.00 39.24
C PRO B 20 -27.93 -5.15 38.23
N VAL B 21 -27.44 -5.80 37.16
CA VAL B 21 -26.69 -5.14 36.09
C VAL B 21 -27.34 -5.50 34.76
N ARG B 22 -27.70 -4.48 33.97
CA ARG B 22 -28.32 -4.67 32.68
C ARG B 22 -27.43 -4.12 31.57
N LEU B 23 -27.31 -4.85 30.46
CA LEU B 23 -26.57 -4.40 29.28
C LEU B 23 -27.54 -3.46 28.54
N ALA B 24 -27.32 -2.14 28.65
CA ALA B 24 -28.20 -1.14 28.04
C ALA B 24 -27.93 -0.92 26.55
N GLY B 25 -26.69 -1.10 26.14
CA GLY B 25 -26.30 -0.93 24.74
C GLY B 25 -24.81 -1.07 24.54
N VAL B 26 -24.39 -1.06 23.27
CA VAL B 26 -22.98 -1.16 22.89
C VAL B 26 -22.68 -0.07 21.87
N ARG B 27 -21.68 0.76 22.16
CA ARG B 27 -21.26 1.85 21.28
C ARG B 27 -19.74 1.82 21.18
N PHE B 28 -19.13 2.87 20.63
CA PHE B 28 -17.68 2.92 20.55
C PHE B 28 -17.16 4.34 20.58
N GLU B 29 -15.92 4.49 21.03
CA GLU B 29 -15.18 5.75 21.07
C GLU B 29 -14.00 5.54 20.15
N SER B 30 -13.49 6.60 19.53
CA SER B 30 -12.34 6.51 18.64
C SER B 30 -11.71 7.87 18.44
N LYS B 31 -10.54 7.87 17.79
CA LYS B 31 -9.84 9.07 17.36
C LYS B 31 -9.96 9.02 15.84
N ILE B 32 -10.84 9.87 15.32
CA ILE B 32 -11.21 9.91 13.90
C ILE B 32 -10.10 10.49 13.04
N VAL B 33 -9.89 9.88 11.86
CA VAL B 33 -8.97 10.34 10.84
C VAL B 33 -9.82 10.43 9.55
N ASP B 34 -10.22 11.65 9.18
CA ASP B 34 -11.06 11.86 8.01
C ASP B 34 -10.21 11.91 6.74
N GLY B 35 -10.39 10.90 5.88
CA GLY B 35 -9.65 10.77 4.62
C GLY B 35 -10.23 11.54 3.45
N GLY B 36 -11.43 12.09 3.62
CA GLY B 36 -12.10 12.83 2.57
C GLY B 36 -12.89 11.90 1.66
N CYS B 37 -12.76 12.07 0.33
CA CYS B 37 -13.47 11.29 -0.67
C CYS B 37 -12.64 10.19 -1.31
N PHE B 38 -13.27 9.03 -1.53
CA PHE B 38 -12.65 7.89 -2.20
C PHE B 38 -13.59 7.35 -3.25
N ALA B 39 -13.05 6.83 -4.34
CA ALA B 39 -13.86 6.29 -5.44
C ALA B 39 -13.05 5.26 -6.22
N PRO B 40 -13.69 4.33 -6.95
CA PRO B 40 -12.90 3.40 -7.78
C PRO B 40 -12.26 4.12 -8.96
N TRP B 41 -11.21 3.53 -9.53
CA TRP B 41 -10.58 4.03 -10.74
C TRP B 41 -11.44 3.46 -11.87
N ASP B 42 -12.29 4.30 -12.48
CA ASP B 42 -13.23 3.90 -13.53
C ASP B 42 -12.78 4.32 -14.92
N LEU B 43 -12.10 3.41 -15.62
CA LEU B 43 -11.66 3.66 -17.00
C LEU B 43 -12.87 3.66 -17.93
N GLU B 44 -13.12 4.80 -18.59
CA GLU B 44 -14.23 4.93 -19.54
CA GLU B 44 -14.23 4.93 -19.54
C GLU B 44 -13.67 5.30 -20.90
N ALA B 45 -14.23 4.72 -21.96
CA ALA B 45 -13.77 4.99 -23.32
C ALA B 45 -14.88 5.15 -24.32
N THR B 46 -14.61 5.97 -25.35
CA THR B 46 -15.50 6.21 -26.47
C THR B 46 -14.65 6.46 -27.71
N GLY B 47 -15.31 6.72 -28.82
CA GLY B 47 -14.65 7.03 -30.06
C GLY B 47 -15.58 6.87 -31.23
N ALA B 48 -15.00 6.80 -32.43
CA ALA B 48 -15.76 6.61 -33.66
C ALA B 48 -14.86 6.15 -34.78
N CYS B 49 -15.47 5.41 -35.69
CA CYS B 49 -14.87 4.98 -36.94
C CYS B 49 -15.47 6.00 -37.92
N ILE B 50 -14.60 6.68 -38.68
CA ILE B 50 -15.01 7.81 -39.53
C ILE B 50 -14.55 7.65 -40.97
N CYS B 51 -15.49 7.70 -41.94
CA CYS B 51 -15.14 7.58 -43.35
C CYS B 51 -14.93 8.98 -43.94
N GLU B 52 -13.94 9.69 -43.36
CA GLU B 52 -13.58 11.08 -43.63
C GLU B 52 -12.27 11.39 -42.89
N ILE B 53 -11.65 12.54 -43.17
CA ILE B 53 -10.48 13.03 -42.45
C ILE B 53 -10.94 14.33 -41.76
N PRO B 54 -11.55 14.24 -40.55
CA PRO B 54 -12.00 15.47 -39.87
C PRO B 54 -10.87 16.46 -39.62
N THR B 55 -11.21 17.76 -39.67
CA THR B 55 -10.26 18.86 -39.50
C THR B 55 -10.26 19.43 -38.08
N ASP B 56 -11.17 18.95 -37.22
CA ASP B 56 -11.26 19.41 -35.82
C ASP B 56 -11.46 18.20 -34.90
N VAL B 57 -10.34 17.74 -34.32
CA VAL B 57 -10.33 16.59 -33.41
C VAL B 57 -10.62 17.08 -31.98
N SER B 58 -11.92 17.16 -31.66
CA SER B 58 -12.48 17.58 -30.38
C SER B 58 -13.90 17.01 -30.33
N CYS B 59 -14.56 17.04 -29.15
CA CYS B 59 -15.94 16.53 -29.05
C CYS B 59 -16.90 17.23 -30.01
N GLU B 60 -16.82 18.57 -30.08
CA GLU B 60 -17.64 19.39 -30.98
C GLU B 60 -17.30 19.14 -32.46
N GLY B 61 -16.00 19.11 -32.78
CA GLY B 61 -15.51 18.88 -34.13
C GLY B 61 -15.84 17.51 -34.69
N LEU B 62 -16.01 16.51 -33.79
CA LEU B 62 -16.34 15.13 -34.18
C LEU B 62 -17.79 14.74 -33.87
N GLY B 63 -18.63 15.76 -33.61
CA GLY B 63 -20.05 15.60 -33.29
C GLY B 63 -20.89 14.78 -34.26
N ALA B 64 -20.49 14.75 -35.54
CA ALA B 64 -21.19 13.98 -36.57
C ALA B 64 -20.98 12.46 -36.43
N TRP B 65 -19.96 12.03 -35.64
CA TRP B 65 -19.63 10.61 -35.48
C TRP B 65 -19.53 10.09 -34.04
N VAL B 66 -18.90 10.88 -33.14
CA VAL B 66 -18.65 10.47 -31.74
C VAL B 66 -19.87 10.71 -30.84
N PRO B 67 -20.32 9.72 -30.03
CA PRO B 67 -21.46 9.94 -29.13
C PRO B 67 -21.24 11.17 -28.24
N THR B 68 -22.18 12.13 -28.29
CA THR B 68 -22.14 13.43 -27.60
C THR B 68 -21.87 13.40 -26.10
N ALA B 69 -22.80 12.83 -25.30
CA ALA B 69 -22.67 12.75 -23.84
C ALA B 69 -21.43 11.95 -23.40
N PRO B 70 -21.13 10.73 -23.94
CA PRO B 70 -19.88 10.05 -23.53
C PRO B 70 -18.63 10.86 -23.84
N CYS B 71 -18.55 11.54 -25.01
CA CYS B 71 -17.37 12.36 -25.35
C CYS B 71 -17.14 13.46 -24.34
N ALA B 72 -18.17 14.29 -24.05
CA ALA B 72 -18.07 15.40 -23.09
C ALA B 72 -17.68 14.94 -21.69
N ARG B 73 -18.25 13.81 -21.22
N ARG B 73 -18.26 13.80 -21.21
CA ARG B 73 -17.96 13.25 -19.90
CA ARG B 73 -18.00 13.21 -19.90
C ARG B 73 -16.53 12.71 -19.81
C ARG B 73 -16.56 12.68 -19.79
N ILE B 74 -16.11 11.89 -20.79
CA ILE B 74 -14.76 11.30 -20.84
C ILE B 74 -13.67 12.37 -21.03
N TRP B 75 -13.97 13.42 -21.82
CA TRP B 75 -13.04 14.54 -22.05
C TRP B 75 -12.68 15.23 -20.73
N ASN B 76 -13.64 15.33 -19.80
CA ASN B 76 -13.50 15.96 -18.48
C ASN B 76 -12.88 15.05 -17.41
N GLY B 77 -12.59 13.80 -17.76
CA GLY B 77 -12.03 12.82 -16.83
C GLY B 77 -10.57 13.04 -16.48
N THR B 78 -10.08 12.25 -15.51
CA THR B 78 -8.71 12.28 -15.01
C THR B 78 -7.80 11.47 -15.96
N GLN B 79 -6.56 11.98 -16.20
CA GLN B 79 -5.55 11.31 -17.03
C GLN B 79 -6.08 10.99 -18.44
N ARG B 80 -6.72 11.97 -19.08
CA ARG B 80 -7.30 11.81 -20.41
C ARG B 80 -6.26 11.45 -21.47
N ALA B 81 -6.60 10.50 -22.35
CA ALA B 81 -5.81 10.14 -23.51
C ALA B 81 -6.75 10.10 -24.71
N CYS B 82 -6.29 10.61 -25.84
CA CYS B 82 -7.04 10.56 -27.09
C CYS B 82 -6.12 10.50 -28.29
N THR B 83 -6.49 9.67 -29.27
CA THR B 83 -5.72 9.48 -30.49
C THR B 83 -6.62 9.53 -31.71
N PHE B 84 -6.13 10.18 -32.76
CA PHE B 84 -6.78 10.27 -34.05
C PHE B 84 -5.84 9.59 -35.05
N TRP B 85 -6.29 8.48 -35.66
CA TRP B 85 -5.50 7.73 -36.63
C TRP B 85 -6.00 7.95 -38.05
N ALA B 86 -5.10 8.24 -39.01
CA ALA B 86 -5.49 8.36 -40.41
C ALA B 86 -5.23 7.00 -41.06
N VAL B 87 -6.30 6.26 -41.38
CA VAL B 87 -6.20 4.92 -41.97
C VAL B 87 -5.98 5.03 -43.49
N ASN B 88 -6.75 5.89 -44.14
CA ASN B 88 -6.63 6.17 -45.57
C ASN B 88 -6.97 7.63 -45.76
N ALA B 89 -5.94 8.43 -46.08
CA ALA B 89 -6.09 9.88 -46.22
C ALA B 89 -6.59 10.29 -47.61
N TYR B 90 -6.72 11.61 -47.84
CA TYR B 90 -7.17 12.13 -49.13
C TYR B 90 -6.08 11.84 -50.18
N SER B 91 -6.48 11.40 -51.38
CA SER B 91 -5.52 11.13 -52.45
C SER B 91 -5.13 12.45 -53.15
N SER B 92 -6.05 13.43 -53.14
CA SER B 92 -5.87 14.76 -53.74
C SER B 92 -6.81 15.76 -53.07
N GLY B 93 -6.55 17.04 -53.29
CA GLY B 93 -7.35 18.13 -52.76
C GLY B 93 -7.33 18.21 -51.25
N GLY B 94 -8.43 18.69 -50.68
CA GLY B 94 -8.56 18.86 -49.24
C GLY B 94 -7.70 19.97 -48.69
N TYR B 95 -7.61 20.04 -47.35
CA TYR B 95 -6.84 21.06 -46.65
C TYR B 95 -6.10 20.38 -45.51
N ALA B 96 -4.78 20.12 -45.72
CA ALA B 96 -3.90 19.38 -44.79
C ALA B 96 -4.50 18.00 -44.46
N GLN B 97 -5.03 17.33 -45.50
CA GLN B 97 -5.70 16.03 -45.38
C GLN B 97 -5.03 14.91 -46.19
N LEU B 98 -3.94 15.21 -46.92
CA LEU B 98 -3.18 14.20 -47.67
C LEU B 98 -2.40 13.31 -46.69
N ALA B 99 -1.95 12.13 -47.15
CA ALA B 99 -1.16 11.19 -46.34
C ALA B 99 0.11 11.82 -45.77
N SER B 100 0.73 12.75 -46.53
CA SER B 100 1.96 13.45 -46.14
C SER B 100 1.81 14.32 -44.88
N TYR B 101 0.56 14.69 -44.51
CA TYR B 101 0.31 15.47 -43.30
C TYR B 101 0.31 14.59 -42.06
N PHE B 102 0.26 13.26 -42.28
CA PHE B 102 0.25 12.30 -41.19
C PHE B 102 1.62 11.64 -41.01
N ASN B 103 2.62 12.47 -40.68
CA ASN B 103 3.95 11.99 -40.33
C ASN B 103 3.81 11.40 -38.90
N PRO B 104 4.74 10.57 -38.35
CA PRO B 104 4.56 10.11 -36.96
C PRO B 104 4.42 11.31 -36.01
N GLY B 105 3.38 11.30 -35.19
CA GLY B 105 3.07 12.39 -34.27
C GLY B 105 2.17 13.46 -34.87
N GLY B 106 1.96 13.40 -36.19
CA GLY B 106 1.08 14.29 -36.95
C GLY B 106 1.31 15.78 -36.83
N SER B 107 2.59 16.22 -36.66
CA SER B 107 2.92 17.65 -36.55
C SER B 107 2.47 18.46 -37.77
N TYR B 108 2.58 17.89 -38.99
CA TYR B 108 2.16 18.56 -40.22
C TYR B 108 0.66 18.84 -40.25
N TYR B 109 -0.15 17.84 -39.87
CA TYR B 109 -1.60 17.98 -39.77
C TYR B 109 -1.95 19.01 -38.68
N LYS B 110 -1.30 18.90 -37.51
CA LYS B 110 -1.52 19.79 -36.35
C LYS B 110 -1.23 21.26 -36.61
N GLN B 111 -0.31 21.57 -37.55
CA GLN B 111 0.02 22.96 -37.93
C GLN B 111 -1.25 23.68 -38.41
N TYR B 112 -2.09 22.96 -39.18
CA TYR B 112 -3.32 23.48 -39.76
C TYR B 112 -4.55 23.14 -38.94
N HIS B 113 -4.54 21.97 -38.30
CA HIS B 113 -5.68 21.46 -37.54
C HIS B 113 -5.31 21.13 -36.09
N PRO B 114 -5.14 22.16 -35.23
CA PRO B 114 -4.77 21.91 -33.83
C PRO B 114 -5.77 21.05 -33.07
N THR B 115 -5.24 20.23 -32.16
CA THR B 115 -5.99 19.32 -31.31
C THR B 115 -5.17 18.97 -30.08
N ALA B 116 -5.86 18.73 -28.96
CA ALA B 116 -5.23 18.31 -27.71
C ALA B 116 -4.92 16.81 -27.76
N CYS B 117 -5.39 16.11 -28.83
CA CYS B 117 -5.20 14.68 -29.03
C CYS B 117 -3.94 14.35 -29.79
N GLU B 118 -3.47 13.11 -29.64
CA GLU B 118 -2.35 12.61 -30.42
C GLU B 118 -2.87 12.31 -31.82
N VAL B 119 -2.03 12.54 -32.84
CA VAL B 119 -2.38 12.30 -34.24
C VAL B 119 -1.34 11.36 -34.80
N GLU B 120 -1.78 10.25 -35.41
CA GLU B 120 -0.85 9.25 -35.93
C GLU B 120 -1.27 8.67 -37.27
N PRO B 121 -0.29 8.30 -38.13
CA PRO B 121 -0.66 7.58 -39.36
C PRO B 121 -1.05 6.14 -38.98
N ALA B 122 -1.97 5.55 -39.75
CA ALA B 122 -2.39 4.16 -39.55
C ALA B 122 -2.51 3.48 -40.92
N PHE B 123 -1.73 3.96 -41.90
CA PHE B 123 -1.69 3.41 -43.25
C PHE B 123 -1.21 1.97 -43.19
N GLY B 124 -1.90 1.07 -43.88
CA GLY B 124 -1.61 -0.36 -43.82
C GLY B 124 -2.65 -1.09 -43.00
N HIS B 125 -3.37 -0.38 -42.10
CA HIS B 125 -4.47 -0.97 -41.33
C HIS B 125 -5.62 -1.16 -42.31
N SER B 126 -6.49 -2.16 -42.08
CA SER B 126 -7.61 -2.44 -42.98
C SER B 126 -8.60 -1.27 -43.06
N ASP B 127 -8.90 -0.83 -44.30
CA ASP B 127 -9.86 0.25 -44.54
C ASP B 127 -11.20 -0.31 -45.07
N ALA B 128 -11.38 -1.65 -44.98
CA ALA B 128 -12.57 -2.38 -45.44
C ALA B 128 -13.88 -1.89 -44.84
N ALA B 129 -13.85 -1.32 -43.61
CA ALA B 129 -15.03 -0.79 -42.93
C ALA B 129 -15.68 0.40 -43.65
N CYS B 130 -14.88 1.14 -44.44
CA CYS B 130 -15.35 2.29 -45.22
C CYS B 130 -15.44 1.93 -46.69
N TRP B 131 -16.68 1.83 -47.20
CA TRP B 131 -16.96 1.46 -48.59
C TRP B 131 -17.99 2.41 -49.21
N GLY B 132 -18.17 2.30 -50.52
CA GLY B 132 -19.13 3.10 -51.27
C GLY B 132 -18.60 4.45 -51.72
N PHE B 133 -17.29 4.56 -51.92
CA PHE B 133 -16.62 5.78 -52.38
C PHE B 133 -16.51 5.76 -53.91
N PRO B 134 -16.59 6.93 -54.62
CA PRO B 134 -16.48 6.91 -56.08
C PRO B 134 -15.09 6.48 -56.58
N THR B 135 -14.02 6.92 -55.89
CA THR B 135 -12.63 6.58 -56.23
C THR B 135 -11.96 5.87 -55.03
N ASP B 136 -10.97 6.52 -54.40
CA ASP B 136 -10.27 5.96 -53.25
C ASP B 136 -11.07 6.12 -51.96
N THR B 137 -10.86 5.19 -51.03
CA THR B 137 -11.49 5.18 -49.72
C THR B 137 -10.83 6.26 -48.85
N VAL B 138 -11.61 6.89 -47.95
CA VAL B 138 -11.13 7.86 -46.98
C VAL B 138 -11.58 7.31 -45.61
N MET B 139 -10.64 7.15 -44.67
CA MET B 139 -10.96 6.57 -43.37
C MET B 139 -10.03 7.04 -42.25
N SER B 140 -10.63 7.30 -41.09
CA SER B 140 -9.91 7.66 -39.88
C SER B 140 -10.63 7.04 -38.68
N VAL B 141 -9.92 6.94 -37.55
CA VAL B 141 -10.46 6.37 -36.31
C VAL B 141 -10.08 7.30 -35.16
N PHE B 142 -11.05 7.54 -34.26
CA PHE B 142 -10.83 8.34 -33.06
C PHE B 142 -11.11 7.51 -31.83
N ALA B 143 -10.23 7.60 -30.82
CA ALA B 143 -10.39 6.91 -29.54
C ALA B 143 -10.12 7.92 -28.43
N LEU B 144 -10.91 7.84 -27.36
CA LEU B 144 -10.82 8.76 -26.23
C LEU B 144 -11.10 7.98 -24.95
N ALA B 145 -10.22 8.12 -23.96
CA ALA B 145 -10.38 7.43 -22.68
C ALA B 145 -9.83 8.24 -21.52
N SER B 146 -10.42 8.04 -20.33
CA SER B 146 -9.99 8.71 -19.09
C SER B 146 -10.57 7.98 -17.89
N TYR B 147 -10.15 8.38 -16.69
CA TYR B 147 -10.69 7.84 -15.45
C TYR B 147 -11.76 8.82 -14.98
N VAL B 148 -13.03 8.42 -15.19
CA VAL B 148 -14.20 9.24 -14.87
C VAL B 148 -14.62 8.98 -13.41
N GLN B 149 -14.90 10.06 -12.67
CA GLN B 149 -15.35 9.93 -11.29
C GLN B 149 -16.88 9.96 -11.30
N HIS B 150 -17.51 8.85 -10.90
CA HIS B 150 -18.96 8.73 -10.85
C HIS B 150 -19.43 9.14 -9.46
N PRO B 151 -20.28 10.21 -9.34
CA PRO B 151 -20.74 10.64 -8.00
C PRO B 151 -21.37 9.55 -7.13
N HIS B 152 -22.15 8.62 -7.74
N HIS B 152 -22.16 8.63 -7.73
CA HIS B 152 -22.80 7.51 -7.05
CA HIS B 152 -22.79 7.53 -7.02
C HIS B 152 -21.78 6.47 -6.52
C HIS B 152 -21.79 6.45 -6.55
N LYS B 153 -20.54 6.50 -7.07
CA LYS B 153 -19.46 5.58 -6.69
C LYS B 153 -18.51 6.22 -5.66
N THR B 154 -18.66 7.53 -5.40
CA THR B 154 -17.83 8.29 -4.45
C THR B 154 -18.34 8.11 -3.03
N VAL B 155 -17.43 7.78 -2.11
CA VAL B 155 -17.74 7.53 -0.70
CA VAL B 155 -17.77 7.60 -0.69
C VAL B 155 -16.86 8.44 0.19
N ARG B 156 -17.43 8.99 1.26
CA ARG B 156 -16.66 9.78 2.24
C ARG B 156 -16.17 8.71 3.22
N VAL B 157 -14.87 8.72 3.57
CA VAL B 157 -14.34 7.70 4.47
C VAL B 157 -13.66 8.31 5.68
N LYS B 158 -14.04 7.82 6.87
CA LYS B 158 -13.40 8.19 8.13
C LYS B 158 -12.77 6.94 8.72
N PHE B 159 -11.47 7.02 9.01
CA PHE B 159 -10.73 5.92 9.64
C PHE B 159 -10.88 6.11 11.15
N HIS B 160 -11.18 5.04 11.86
CA HIS B 160 -11.35 5.13 13.32
C HIS B 160 -10.18 4.43 13.97
N THR B 161 -9.36 5.21 14.69
CA THR B 161 -8.15 4.70 15.36
C THR B 161 -8.36 4.74 16.87
N GLU B 162 -7.49 4.08 17.65
CA GLU B 162 -7.58 4.03 19.12
C GLU B 162 -9.02 3.70 19.53
N THR B 163 -9.65 2.76 18.79
CA THR B 163 -11.04 2.34 19.02
CA THR B 163 -11.03 2.38 19.04
C THR B 163 -11.22 1.74 20.40
N ARG B 164 -12.30 2.13 21.08
CA ARG B 164 -12.66 1.63 22.41
C ARG B 164 -14.12 1.22 22.39
N THR B 165 -14.41 -0.07 22.57
CA THR B 165 -15.80 -0.53 22.65
C THR B 165 -16.38 0.04 23.95
N VAL B 166 -17.59 0.62 23.88
CA VAL B 166 -18.26 1.19 25.05
C VAL B 166 -19.39 0.24 25.42
N TRP B 167 -19.28 -0.41 26.58
CA TRP B 167 -20.31 -1.31 27.10
C TRP B 167 -21.17 -0.47 28.02
N GLN B 168 -22.35 -0.07 27.55
CA GLN B 168 -23.26 0.78 28.31
C GLN B 168 -24.04 -0.08 29.29
N LEU B 169 -23.74 0.07 30.58
CA LEU B 169 -24.39 -0.71 31.62
C LEU B 169 -25.33 0.13 32.46
N SER B 170 -26.28 -0.54 33.12
CA SER B 170 -27.20 0.06 34.07
C SER B 170 -27.01 -0.76 35.34
N VAL B 171 -26.30 -0.18 36.33
CA VAL B 171 -25.97 -0.83 37.60
C VAL B 171 -26.98 -0.32 38.62
N ALA B 172 -28.01 -1.16 38.90
CA ALA B 172 -29.15 -0.83 39.77
C ALA B 172 -29.77 0.52 39.34
N GLY B 173 -30.06 0.61 38.05
CA GLY B 173 -30.64 1.80 37.42
C GLY B 173 -29.70 2.97 37.17
N VAL B 174 -28.43 2.86 37.61
CA VAL B 174 -27.43 3.91 37.45
C VAL B 174 -26.55 3.64 36.23
N SER B 175 -26.48 4.61 35.31
CA SER B 175 -25.69 4.51 34.08
C SER B 175 -24.19 4.46 34.37
N CYS B 176 -23.49 3.52 33.71
CA CYS B 176 -22.04 3.35 33.77
C CYS B 176 -21.57 2.89 32.39
N ASN B 177 -20.68 3.66 31.77
CA ASN B 177 -20.12 3.35 30.45
C ASN B 177 -18.71 2.80 30.64
N VAL B 178 -18.57 1.48 30.47
CA VAL B 178 -17.28 0.82 30.65
CA VAL B 178 -17.31 0.75 30.67
C VAL B 178 -16.52 0.58 29.36
N THR B 179 -15.21 0.86 29.42
CA THR B 179 -14.26 0.68 28.32
C THR B 179 -12.97 0.12 28.95
N THR B 180 -12.02 -0.29 28.11
CA THR B 180 -10.69 -0.74 28.52
C THR B 180 -9.95 0.41 29.25
N GLU B 181 -10.29 1.67 28.95
CA GLU B 181 -9.69 2.84 29.60
C GLU B 181 -10.36 3.15 30.95
N HIS B 182 -11.69 2.97 31.03
CA HIS B 182 -12.48 3.29 32.23
C HIS B 182 -13.38 2.09 32.61
N PRO B 183 -12.80 1.04 33.25
CA PRO B 183 -13.59 -0.16 33.53
C PRO B 183 -14.33 -0.19 34.87
N PHE B 184 -14.31 0.91 35.63
CA PHE B 184 -14.91 0.93 36.98
C PHE B 184 -16.26 1.63 37.06
N CYS B 185 -17.14 1.11 37.95
CA CYS B 185 -18.47 1.65 38.26
C CYS B 185 -18.60 1.78 39.78
N ASN B 186 -19.00 2.97 40.28
CA ASN B 186 -19.21 3.16 41.71
C ASN B 186 -20.60 2.65 42.07
N THR B 187 -20.70 1.91 43.18
CA THR B 187 -21.97 1.40 43.74
C THR B 187 -21.93 1.62 45.27
N PRO B 188 -23.07 1.86 45.97
CA PRO B 188 -23.00 2.06 47.43
C PRO B 188 -22.51 0.83 48.19
N HIS B 189 -22.71 -0.37 47.63
CA HIS B 189 -22.27 -1.66 48.18
C HIS B 189 -20.74 -1.78 48.09
N GLY B 190 -20.17 -1.12 47.09
CA GLY B 190 -18.74 -1.09 46.81
C GLY B 190 -18.47 -0.99 45.32
N GLN B 191 -17.21 -0.75 44.95
CA GLN B 191 -16.81 -0.58 43.55
C GLN B 191 -16.99 -1.84 42.70
N LEU B 192 -17.53 -1.65 41.49
CA LEU B 192 -17.69 -2.72 40.51
C LEU B 192 -16.58 -2.55 39.47
N GLU B 193 -15.74 -3.57 39.31
CA GLU B 193 -14.69 -3.59 38.30
C GLU B 193 -15.16 -4.53 37.21
N VAL B 194 -15.19 -4.05 35.97
CA VAL B 194 -15.65 -4.85 34.84
C VAL B 194 -14.47 -5.32 34.00
N GLN B 195 -14.33 -6.65 33.85
CA GLN B 195 -13.32 -7.25 32.99
C GLN B 195 -13.94 -7.25 31.60
N VAL B 196 -13.27 -6.61 30.65
CA VAL B 196 -13.75 -6.46 29.28
C VAL B 196 -12.81 -7.12 28.26
N PRO B 197 -13.31 -7.59 27.10
CA PRO B 197 -12.39 -8.15 26.09
C PRO B 197 -11.56 -7.03 25.44
N PRO B 198 -10.48 -7.34 24.68
CA PRO B 198 -9.72 -6.26 24.04
C PRO B 198 -10.57 -5.51 23.03
N ASP B 199 -10.13 -4.29 22.69
CA ASP B 199 -10.78 -3.47 21.68
C ASP B 199 -10.59 -4.10 20.28
N PRO B 200 -11.46 -3.80 19.30
CA PRO B 200 -11.36 -4.49 18.00
C PRO B 200 -10.31 -4.00 17.02
N GLY B 201 -9.55 -2.96 17.38
CA GLY B 201 -8.57 -2.39 16.47
C GLY B 201 -9.23 -1.35 15.60
N ASP B 202 -8.52 -0.87 14.55
CA ASP B 202 -9.05 0.17 13.67
C ASP B 202 -10.32 -0.22 12.91
N LEU B 203 -11.19 0.77 12.67
CA LEU B 203 -12.43 0.58 11.90
C LEU B 203 -12.39 1.51 10.69
N VAL B 204 -13.19 1.17 9.66
CA VAL B 204 -13.33 2.00 8.47
C VAL B 204 -14.82 2.37 8.39
N GLU B 205 -15.12 3.67 8.36
CA GLU B 205 -16.50 4.14 8.25
C GLU B 205 -16.71 4.66 6.84
N TYR B 206 -17.54 3.96 6.06
CA TYR B 206 -17.88 4.32 4.70
C TYR B 206 -19.18 5.11 4.78
N ILE B 207 -19.13 6.38 4.32
CA ILE B 207 -20.29 7.27 4.38
C ILE B 207 -20.85 7.55 2.98
N MET B 208 -22.12 7.18 2.74
CA MET B 208 -22.81 7.46 1.47
C MET B 208 -24.01 8.36 1.70
N ASN B 209 -24.32 9.22 0.69
CA ASN B 209 -25.43 10.15 0.74
C ASN B 209 -26.05 10.38 -0.63
C ASN B 213 -28.88 9.53 4.03
N GLN B 214 -28.01 10.37 4.62
CA GLN B 214 -26.67 9.97 5.01
C GLN B 214 -26.68 8.68 5.84
N GLN B 215 -25.91 7.67 5.39
CA GLN B 215 -25.83 6.37 6.04
C GLN B 215 -24.39 5.90 6.18
N SER B 216 -24.04 5.35 7.35
CA SER B 216 -22.70 4.85 7.60
C SER B 216 -22.68 3.32 7.56
N ARG B 217 -21.66 2.78 6.89
CA ARG B 217 -21.41 1.34 6.78
C ARG B 217 -20.01 1.09 7.33
N TRP B 218 -19.79 -0.08 7.91
CA TRP B 218 -18.55 -0.36 8.64
C TRP B 218 -17.68 -1.48 8.16
N GLY B 219 -16.38 -1.20 8.16
CA GLY B 219 -15.33 -2.17 7.85
C GLY B 219 -14.47 -2.33 9.08
N LEU B 220 -13.87 -3.52 9.23
CA LEU B 220 -12.98 -3.83 10.35
C LEU B 220 -11.56 -3.94 9.77
N GLY B 221 -10.66 -3.07 10.23
CA GLY B 221 -9.27 -3.05 9.75
C GLY B 221 -8.79 -1.73 9.19
N SER B 222 -7.71 -1.78 8.37
CA SER B 222 -7.01 -0.62 7.80
C SER B 222 -7.54 0.17 6.57
N PRO B 223 -8.16 -0.41 5.51
CA PRO B 223 -8.47 -1.82 5.26
C PRO B 223 -7.24 -2.56 4.73
N ASN B 224 -7.40 -3.86 4.53
CA ASN B 224 -6.34 -4.68 3.99
C ASN B 224 -6.56 -4.72 2.47
N CYS B 225 -5.77 -3.92 1.72
CA CYS B 225 -5.87 -3.86 0.26
C CYS B 225 -5.31 -5.10 -0.45
N HIS B 226 -4.72 -6.02 0.33
CA HIS B 226 -4.14 -7.27 -0.20
C HIS B 226 -5.05 -8.49 0.01
N GLY B 227 -6.23 -8.30 0.60
CA GLY B 227 -7.15 -9.41 0.86
C GLY B 227 -8.47 -9.31 0.11
N PRO B 228 -9.55 -9.94 0.64
CA PRO B 228 -10.86 -9.87 -0.05
C PRO B 228 -11.46 -8.48 -0.24
N ASP B 229 -10.98 -7.47 0.50
CA ASP B 229 -11.45 -6.09 0.39
C ASP B 229 -10.56 -5.23 -0.52
N TRP B 230 -9.78 -5.87 -1.41
CA TRP B 230 -8.85 -5.22 -2.35
C TRP B 230 -9.51 -4.14 -3.22
N ALA B 231 -10.81 -4.31 -3.56
CA ALA B 231 -11.53 -3.39 -4.43
C ALA B 231 -12.18 -2.22 -3.69
N SER B 232 -11.90 -2.08 -2.38
CA SER B 232 -12.40 -0.95 -1.59
C SER B 232 -11.99 0.35 -2.27
N PRO B 233 -12.89 1.36 -2.32
CA PRO B 233 -12.49 2.67 -2.90
C PRO B 233 -11.30 3.30 -2.16
N VAL B 234 -11.07 2.90 -0.88
CA VAL B 234 -9.91 3.35 -0.07
C VAL B 234 -8.60 2.92 -0.73
N CYS B 235 -8.60 1.75 -1.41
CA CYS B 235 -7.43 1.22 -2.11
C CYS B 235 -7.23 1.88 -3.47
N GLN B 236 -8.14 2.80 -3.85
CA GLN B 236 -8.13 3.43 -5.16
C GLN B 236 -7.94 4.95 -5.20
N ARG B 237 -8.89 5.70 -5.78
CA ARG B 237 -8.81 7.15 -5.97
C ARG B 237 -9.05 7.93 -4.67
N HIS B 238 -8.05 8.72 -4.24
CA HIS B 238 -8.13 9.51 -3.00
C HIS B 238 -8.14 11.01 -3.25
N SER B 239 -9.21 11.68 -2.79
CA SER B 239 -9.35 13.14 -2.86
C SER B 239 -9.65 13.68 -1.46
N PRO B 240 -8.62 14.20 -0.75
CA PRO B 240 -8.85 14.68 0.64
C PRO B 240 -9.88 15.78 0.81
N ASP B 241 -9.99 16.67 -0.18
CA ASP B 241 -10.93 17.80 -0.15
C ASP B 241 -12.13 17.58 -1.08
N CYS B 242 -12.32 16.33 -1.58
CA CYS B 242 -13.41 15.95 -2.50
C CYS B 242 -13.41 16.85 -3.76
N SER B 243 -12.20 17.20 -4.22
CA SER B 243 -11.99 18.07 -5.39
C SER B 243 -10.68 17.74 -6.10
N ARG B 244 -9.56 17.72 -5.36
CA ARG B 244 -8.23 17.47 -5.91
C ARG B 244 -7.70 16.10 -5.57
N LEU B 245 -7.12 15.43 -6.57
CA LEU B 245 -6.55 14.10 -6.44
C LEU B 245 -5.13 14.16 -5.84
N VAL B 246 -4.78 13.18 -4.99
CA VAL B 246 -3.45 13.06 -4.39
C VAL B 246 -2.97 11.60 -4.50
N GLY B 247 -1.65 11.41 -4.38
CA GLY B 247 -1.01 10.09 -4.34
C GLY B 247 -1.06 9.28 -5.61
N ALA B 248 -1.06 7.94 -5.45
CA ALA B 248 -1.06 6.94 -6.53
C ALA B 248 -2.11 7.20 -7.57
N THR B 249 -1.71 7.24 -8.85
CA THR B 249 -2.59 7.51 -9.97
C THR B 249 -2.19 6.61 -11.14
N PRO B 250 -3.16 5.98 -11.85
CA PRO B 250 -2.79 5.19 -13.03
C PRO B 250 -2.19 6.08 -14.12
N GLU B 251 -1.45 5.48 -15.03
CA GLU B 251 -0.88 6.20 -16.17
C GLU B 251 -2.03 6.58 -17.09
N ARG B 252 -1.77 7.48 -18.06
CA ARG B 252 -2.79 7.82 -19.05
C ARG B 252 -3.13 6.53 -19.83
N PRO B 253 -4.41 6.28 -20.17
CA PRO B 253 -4.74 5.04 -20.90
C PRO B 253 -3.93 4.88 -22.18
N ARG B 254 -3.60 3.63 -22.52
CA ARG B 254 -2.83 3.31 -23.71
C ARG B 254 -3.79 2.89 -24.80
N LEU B 255 -4.03 3.79 -25.77
CA LEU B 255 -4.98 3.56 -26.86
C LEU B 255 -4.30 2.89 -28.05
N ARG B 256 -4.93 1.83 -28.56
CA ARG B 256 -4.41 1.10 -29.71
C ARG B 256 -5.50 0.83 -30.74
N LEU B 257 -5.15 0.98 -32.02
CA LEU B 257 -6.03 0.66 -33.14
C LEU B 257 -5.71 -0.79 -33.47
N VAL B 258 -6.69 -1.68 -33.28
CA VAL B 258 -6.49 -3.12 -33.49
C VAL B 258 -7.50 -3.62 -34.52
N ASP B 259 -7.02 -4.07 -35.69
CA ASP B 259 -7.89 -4.59 -36.76
C ASP B 259 -8.64 -5.83 -36.31
N ALA B 260 -9.85 -6.05 -36.86
CA ALA B 260 -10.73 -7.17 -36.52
C ALA B 260 -10.10 -8.56 -36.53
N ASP B 261 -9.18 -8.82 -37.46
CA ASP B 261 -8.54 -10.13 -37.53
C ASP B 261 -7.11 -10.16 -36.93
N ASP B 262 -6.76 -9.14 -36.14
CA ASP B 262 -5.43 -9.10 -35.50
C ASP B 262 -5.35 -10.18 -34.41
N PRO B 263 -4.32 -11.06 -34.40
CA PRO B 263 -4.21 -12.09 -33.34
C PRO B 263 -4.17 -11.55 -31.92
N LEU B 264 -3.86 -10.24 -31.74
CA LEU B 264 -3.84 -9.60 -30.43
C LEU B 264 -5.23 -9.72 -29.75
N LEU B 265 -6.31 -9.74 -30.54
CA LEU B 265 -7.69 -9.87 -30.05
C LEU B 265 -8.00 -11.22 -29.37
N ARG B 266 -7.07 -12.20 -29.49
CA ARG B 266 -7.19 -13.51 -28.82
C ARG B 266 -6.79 -13.37 -27.35
N THR B 267 -6.20 -12.22 -26.97
CA THR B 267 -5.80 -11.91 -25.60
C THR B 267 -6.63 -10.76 -25.05
N ALA B 268 -6.63 -10.57 -23.73
CA ALA B 268 -7.39 -9.50 -23.10
C ALA B 268 -6.51 -8.26 -22.92
N PRO B 269 -7.05 -7.03 -23.06
CA PRO B 269 -6.22 -5.84 -22.80
C PRO B 269 -5.81 -5.79 -21.33
N GLY B 270 -4.64 -5.23 -21.07
CA GLY B 270 -4.14 -5.08 -19.71
C GLY B 270 -4.81 -3.90 -19.02
N PRO B 271 -4.58 -3.68 -17.70
CA PRO B 271 -5.21 -2.53 -17.02
C PRO B 271 -4.79 -1.19 -17.65
N GLY B 272 -5.79 -0.37 -17.96
CA GLY B 272 -5.58 0.93 -18.59
C GLY B 272 -5.42 0.90 -20.09
N GLU B 273 -5.45 -0.30 -20.69
CA GLU B 273 -5.34 -0.44 -22.15
C GLU B 273 -6.70 -0.37 -22.79
N VAL B 274 -6.80 0.34 -23.92
CA VAL B 274 -8.05 0.49 -24.66
C VAL B 274 -7.77 0.14 -26.12
N TRP B 275 -8.41 -0.93 -26.61
CA TRP B 275 -8.24 -1.37 -27.98
C TRP B 275 -9.50 -1.06 -28.76
N VAL B 276 -9.35 -0.33 -29.88
CA VAL B 276 -10.49 0.05 -30.72
C VAL B 276 -10.42 -0.68 -32.05
N THR B 277 -11.56 -1.20 -32.50
CA THR B 277 -11.67 -2.01 -33.70
C THR B 277 -12.80 -1.52 -34.62
N PRO B 278 -12.48 -1.10 -35.86
CA PRO B 278 -13.54 -0.67 -36.79
C PRO B 278 -14.46 -1.83 -37.14
N VAL B 279 -15.76 -1.54 -37.26
CA VAL B 279 -16.79 -2.52 -37.61
C VAL B 279 -17.30 -2.11 -38.99
N ILE B 280 -17.21 -3.05 -39.95
CA ILE B 280 -17.64 -2.86 -41.34
C ILE B 280 -19.08 -2.37 -41.35
N GLY B 281 -19.28 -1.21 -41.98
CA GLY B 281 -20.57 -0.55 -42.04
C GLY B 281 -21.64 -1.28 -42.82
N SER B 282 -22.90 -1.06 -42.42
CA SER B 282 -24.08 -1.61 -43.08
C SER B 282 -24.53 -0.58 -44.13
N GLN B 283 -24.09 0.68 -43.96
CA GLN B 283 -24.38 1.84 -44.80
C GLN B 283 -23.10 2.28 -45.50
N ALA B 284 -23.21 2.86 -46.71
CA ALA B 284 -22.07 3.39 -47.45
C ALA B 284 -21.45 4.57 -46.70
N ARG B 285 -20.10 4.65 -46.68
CA ARG B 285 -19.31 5.72 -46.05
C ARG B 285 -19.59 5.91 -44.54
N LYS B 286 -19.89 4.81 -43.84
CA LYS B 286 -20.13 4.77 -42.41
C LYS B 286 -19.54 3.50 -41.84
N CYS B 287 -19.14 3.54 -40.56
CA CYS B 287 -18.60 2.37 -39.87
C CYS B 287 -18.76 2.51 -38.36
N GLY B 288 -18.85 1.35 -37.70
CA GLY B 288 -18.98 1.28 -36.26
C GLY B 288 -17.64 1.07 -35.60
N LEU B 289 -17.63 1.11 -34.27
CA LEU B 289 -16.39 0.90 -33.51
C LEU B 289 -16.63 0.03 -32.30
N HIS B 290 -15.84 -1.06 -32.17
CA HIS B 290 -15.90 -1.95 -31.02
CA HIS B 290 -15.90 -1.95 -31.02
C HIS B 290 -14.74 -1.59 -30.11
N ILE B 291 -15.03 -1.37 -28.82
CA ILE B 291 -14.03 -0.97 -27.85
C ILE B 291 -13.85 -2.03 -26.77
N ARG B 292 -12.59 -2.40 -26.50
CA ARG B 292 -12.23 -3.35 -25.44
C ARG B 292 -11.31 -2.62 -24.47
N ALA B 293 -11.73 -2.51 -23.21
CA ALA B 293 -10.94 -1.81 -22.21
C ALA B 293 -10.61 -2.70 -21.02
N GLY B 294 -9.36 -2.64 -20.57
CA GLY B 294 -8.89 -3.38 -19.42
C GLY B 294 -9.08 -2.52 -18.19
N PRO B 295 -10.08 -2.82 -17.32
CA PRO B 295 -10.28 -1.96 -16.14
C PRO B 295 -9.11 -1.98 -15.18
N TYR B 296 -8.95 -0.87 -14.44
CA TYR B 296 -7.92 -0.80 -13.40
C TYR B 296 -8.25 -1.88 -12.38
N GLY B 297 -7.23 -2.62 -11.94
CA GLY B 297 -7.40 -3.66 -10.94
C GLY B 297 -8.05 -4.93 -11.45
N HIS B 298 -8.25 -5.06 -12.79
CA HIS B 298 -8.82 -6.22 -13.49
C HIS B 298 -10.34 -6.41 -13.35
N ALA B 299 -11.04 -5.47 -12.71
CA ALA B 299 -12.48 -5.55 -12.52
C ALA B 299 -13.12 -4.19 -12.31
N THR B 300 -14.40 -4.06 -12.70
CA THR B 300 -15.17 -2.84 -12.55
C THR B 300 -15.94 -2.94 -11.23
N VAL B 301 -15.76 -1.95 -10.36
CA VAL B 301 -16.42 -1.95 -9.06
C VAL B 301 -17.89 -1.52 -9.17
N GLU B 302 -18.78 -2.34 -8.57
CA GLU B 302 -20.22 -2.09 -8.48
CA GLU B 302 -20.22 -2.08 -8.49
C GLU B 302 -20.44 -1.63 -7.04
N MET B 303 -20.44 -0.31 -6.82
CA MET B 303 -20.54 0.29 -5.48
C MET B 303 -21.65 -0.20 -4.52
N PRO B 304 -22.96 -0.16 -4.85
CA PRO B 304 -23.96 -0.67 -3.89
C PRO B 304 -23.72 -2.13 -3.50
N GLU B 305 -23.35 -2.96 -4.49
CA GLU B 305 -23.07 -4.39 -4.32
C GLU B 305 -21.82 -4.61 -3.47
N TRP B 306 -20.75 -3.82 -3.70
CA TRP B 306 -19.50 -3.94 -2.93
C TRP B 306 -19.77 -3.59 -1.47
N ILE B 307 -20.41 -2.42 -1.22
CA ILE B 307 -20.75 -1.97 0.13
C ILE B 307 -21.63 -3.01 0.86
N HIS B 308 -22.67 -3.53 0.19
CA HIS B 308 -23.57 -4.51 0.79
C HIS B 308 -22.84 -5.77 1.31
N ALA B 309 -21.88 -6.29 0.55
CA ALA B 309 -21.15 -7.51 0.92
C ALA B 309 -19.90 -7.31 1.77
N HIS B 310 -19.21 -6.16 1.63
CA HIS B 310 -17.94 -5.90 2.31
C HIS B 310 -18.01 -5.01 3.55
N THR B 311 -19.23 -4.66 3.99
CA THR B 311 -19.43 -3.82 5.18
C THR B 311 -20.59 -4.35 6.03
N THR B 312 -20.72 -3.82 7.25
CA THR B 312 -21.82 -4.15 8.16
C THR B 312 -22.56 -2.87 8.52
N SER B 313 -23.79 -3.02 9.04
CA SER B 313 -24.61 -1.88 9.46
C SER B 313 -24.06 -1.23 10.74
N ASP B 314 -23.35 -2.01 11.57
CA ASP B 314 -22.79 -1.53 12.83
C ASP B 314 -21.32 -1.94 13.01
N PRO B 315 -20.53 -1.18 13.80
CA PRO B 315 -19.13 -1.60 14.04
C PRO B 315 -19.10 -2.94 14.79
N TRP B 316 -18.10 -3.77 14.49
CA TRP B 316 -17.96 -5.07 15.13
C TRP B 316 -17.36 -4.94 16.52
N HIS B 317 -17.78 -5.82 17.43
CA HIS B 317 -17.22 -5.93 18.77
C HIS B 317 -17.09 -7.41 19.15
N PRO B 318 -16.12 -7.81 20.01
CA PRO B 318 -16.01 -9.22 20.42
C PRO B 318 -17.28 -9.73 21.13
N PRO B 319 -17.53 -11.06 21.15
CA PRO B 319 -18.79 -11.57 21.73
C PRO B 319 -18.96 -11.50 23.24
N GLY B 320 -17.88 -11.26 23.97
CA GLY B 320 -17.92 -11.24 25.43
C GLY B 320 -17.81 -12.64 26.00
N PRO B 321 -18.35 -12.90 27.21
CA PRO B 321 -19.11 -12.00 28.09
C PRO B 321 -18.19 -11.03 28.85
N LEU B 322 -18.80 -10.17 29.67
CA LEU B 322 -18.06 -9.25 30.53
C LEU B 322 -17.97 -9.90 31.90
N GLY B 323 -16.84 -9.73 32.57
CA GLY B 323 -16.62 -10.27 33.91
C GLY B 323 -16.93 -9.21 34.95
N LEU B 324 -18.02 -9.41 35.73
CA LEU B 324 -18.43 -8.45 36.76
C LEU B 324 -17.83 -8.80 38.11
N LYS B 325 -16.86 -8.00 38.57
CA LYS B 325 -16.16 -8.18 39.84
C LYS B 325 -16.70 -7.18 40.87
N PHE B 326 -17.58 -7.67 41.76
CA PHE B 326 -18.20 -6.85 42.80
C PHE B 326 -17.30 -6.83 44.03
N LYS B 327 -16.74 -5.66 44.34
CA LYS B 327 -15.84 -5.44 45.48
C LYS B 327 -16.51 -4.58 46.54
N THR B 328 -15.97 -4.56 47.77
CA THR B 328 -16.49 -3.75 48.87
C THR B 328 -15.70 -2.45 49.05
N VAL B 329 -14.69 -2.24 48.18
CA VAL B 329 -13.83 -1.04 48.19
C VAL B 329 -14.61 0.22 47.78
N ARG B 330 -14.56 1.25 48.63
N ALA B 337 -10.76 20.83 41.41
CA ALA B 337 -10.89 22.13 40.76
C ALA B 337 -12.06 22.13 39.78
N LEU B 338 -12.92 23.15 39.90
CA LEU B 338 -14.10 23.27 39.04
C LEU B 338 -14.14 24.57 38.24
N ALA B 339 -13.26 25.54 38.56
CA ALA B 339 -13.15 26.81 37.82
C ALA B 339 -12.61 26.52 36.41
N PRO B 340 -12.99 27.30 35.35
CA PRO B 340 -12.49 26.99 34.01
C PRO B 340 -10.97 27.19 33.86
N PRO B 341 -10.28 26.47 32.94
CA PRO B 341 -8.84 26.72 32.76
C PRO B 341 -8.62 28.05 32.06
N ARG B 342 -7.46 28.68 32.30
CA ARG B 342 -7.16 29.98 31.71
C ARG B 342 -6.08 29.94 30.64
N ASN B 343 -6.12 30.95 29.73
CA ASN B 343 -5.16 31.16 28.64
C ASN B 343 -4.95 29.91 27.78
N VAL B 344 -6.01 29.13 27.59
CA VAL B 344 -5.94 27.89 26.81
C VAL B 344 -5.76 28.19 25.33
N ARG B 345 -4.76 27.54 24.73
CA ARG B 345 -4.44 27.64 23.31
C ARG B 345 -4.42 26.22 22.71
N VAL B 346 -5.09 26.05 21.56
CA VAL B 346 -5.15 24.78 20.83
C VAL B 346 -4.52 25.00 19.45
N THR B 347 -3.48 24.18 19.10
CA THR B 347 -2.78 24.31 17.81
CA THR B 347 -2.77 24.32 17.82
C THR B 347 -2.60 22.97 17.11
N GLY B 348 -2.81 22.97 15.80
CA GLY B 348 -2.66 21.78 14.97
C GLY B 348 -3.83 21.53 14.05
N CYS B 349 -4.36 20.30 14.11
CA CYS B 349 -5.51 19.89 13.30
C CYS B 349 -6.44 19.00 14.10
N TYR B 350 -7.66 18.78 13.59
CA TYR B 350 -8.65 17.88 14.20
C TYR B 350 -9.04 16.82 13.16
N GLN B 351 -9.51 15.64 13.64
CA GLN B 351 -9.90 14.50 12.79
C GLN B 351 -8.83 14.19 11.71
N CYS B 352 -7.56 14.33 12.09
CA CYS B 352 -6.41 14.23 11.18
C CYS B 352 -5.39 13.14 11.49
N GLY B 353 -5.35 12.66 12.75
CA GLY B 353 -4.40 11.63 13.14
C GLY B 353 -3.10 12.14 13.74
N THR B 354 -2.92 13.48 13.76
CA THR B 354 -1.75 14.09 14.42
C THR B 354 -2.28 14.78 15.68
N PRO B 355 -1.81 14.38 16.87
CA PRO B 355 -2.27 15.06 18.11
C PRO B 355 -2.05 16.57 18.07
N ALA B 356 -3.07 17.32 18.48
CA ALA B 356 -3.01 18.78 18.54
C ALA B 356 -2.39 19.18 19.88
N LEU B 357 -1.73 20.34 19.95
CA LEU B 357 -1.13 20.82 21.18
C LEU B 357 -2.16 21.64 21.96
N VAL B 358 -2.41 21.25 23.22
CA VAL B 358 -3.34 21.95 24.11
C VAL B 358 -2.51 22.45 25.30
N GLU B 359 -2.45 23.77 25.47
CA GLU B 359 -1.68 24.39 26.55
C GLU B 359 -2.50 25.46 27.26
N GLY B 360 -2.26 25.60 28.56
CA GLY B 360 -2.98 26.59 29.37
C GLY B 360 -2.62 26.56 30.84
N LEU B 361 -3.46 27.19 31.64
CA LEU B 361 -3.27 27.29 33.08
C LEU B 361 -4.43 26.63 33.84
N ALA B 362 -4.14 25.56 34.58
CA ALA B 362 -5.13 24.85 35.38
C ALA B 362 -5.32 25.64 36.70
N PRO B 363 -6.58 25.86 37.15
CA PRO B 363 -6.80 26.67 38.35
C PRO B 363 -6.50 25.94 39.65
N GLY B 364 -6.53 26.67 40.77
CA GLY B 364 -6.34 26.10 42.09
C GLY B 364 -7.58 25.35 42.56
N GLY B 365 -7.44 24.58 43.62
CA GLY B 365 -8.55 23.83 44.21
C GLY B 365 -8.53 22.33 44.02
N GLY B 366 -7.69 21.84 43.12
CA GLY B 366 -7.57 20.43 42.81
C GLY B 366 -7.11 20.17 41.38
N ASN B 367 -7.18 18.92 40.94
CA ASN B 367 -6.77 18.56 39.59
C ASN B 367 -7.86 18.90 38.59
N CYS B 368 -7.48 19.58 37.50
CA CYS B 368 -8.39 19.96 36.43
C CYS B 368 -8.63 18.77 35.51
N HIS B 369 -9.86 18.24 35.50
CA HIS B 369 -10.24 17.16 34.58
C HIS B 369 -10.62 17.90 33.30
N LEU B 370 -9.61 18.14 32.47
CA LEU B 370 -9.71 18.94 31.26
C LEU B 370 -10.52 18.34 30.12
N THR B 371 -11.49 19.12 29.62
CA THR B 371 -12.30 18.76 28.46
C THR B 371 -12.17 19.84 27.40
N VAL B 372 -12.13 19.42 26.13
CA VAL B 372 -12.02 20.30 24.96
C VAL B 372 -13.26 19.93 24.13
N ASN B 373 -14.30 20.80 24.12
CA ASN B 373 -15.61 20.53 23.49
C ASN B 373 -16.17 19.19 23.99
N GLY B 374 -16.04 18.94 25.30
CA GLY B 374 -16.51 17.72 25.95
C GLY B 374 -15.60 16.50 25.84
N GLU B 375 -14.50 16.59 25.07
N GLU B 375 -14.51 16.60 25.07
CA GLU B 375 -13.56 15.48 24.89
CA GLU B 375 -13.57 15.49 24.90
C GLU B 375 -12.55 15.45 26.02
C GLU B 375 -12.56 15.45 26.03
N ASP B 376 -12.42 14.29 26.69
CA ASP B 376 -11.48 14.09 27.80
C ASP B 376 -10.04 14.08 27.27
N VAL B 377 -9.21 15.04 27.74
CA VAL B 377 -7.81 15.13 27.32
C VAL B 377 -6.83 14.88 28.49
N GLY B 378 -7.37 14.48 29.64
CA GLY B 378 -6.60 14.17 30.83
C GLY B 378 -6.82 15.12 31.99
N ALA B 379 -6.19 14.82 33.15
CA ALA B 379 -6.28 15.63 34.36
C ALA B 379 -4.93 16.26 34.66
N PHE B 380 -4.93 17.52 35.09
CA PHE B 380 -3.71 18.29 35.33
C PHE B 380 -3.71 18.99 36.68
N PRO B 381 -2.58 18.97 37.42
CA PRO B 381 -2.53 19.70 38.70
C PRO B 381 -2.59 21.22 38.47
N PRO B 382 -2.96 22.05 39.49
CA PRO B 382 -2.98 23.51 39.30
C PRO B 382 -1.65 24.03 38.74
N GLY B 383 -1.74 24.96 37.81
CA GLY B 383 -0.59 25.56 37.16
C GLY B 383 -0.55 25.29 35.67
N LYS B 384 0.58 25.65 35.03
CA LYS B 384 0.78 25.46 33.59
C LYS B 384 0.71 24.00 33.19
N PHE B 385 0.06 23.71 32.06
CA PHE B 385 -0.04 22.37 31.52
C PHE B 385 0.14 22.41 30.01
N VAL B 386 0.65 21.30 29.47
CA VAL B 386 0.92 21.09 28.03
CA VAL B 386 0.87 21.10 28.04
C VAL B 386 0.56 19.63 27.73
N THR B 387 -0.31 19.39 26.74
CA THR B 387 -0.68 18.03 26.34
C THR B 387 -0.88 17.90 24.83
N ALA B 388 -0.63 16.71 24.31
CA ALA B 388 -0.83 16.39 22.89
C ALA B 388 -2.06 15.51 22.82
N ALA B 389 -3.17 16.07 22.31
CA ALA B 389 -4.45 15.37 22.24
C ALA B 389 -5.00 15.20 20.85
N LEU B 390 -5.54 14.00 20.56
CA LEU B 390 -6.16 13.75 19.27
C LEU B 390 -7.59 14.28 19.37
N LEU B 391 -7.87 15.37 18.64
CA LEU B 391 -9.18 16.01 18.70
C LEU B 391 -10.11 15.57 17.59
N ASN B 392 -11.38 15.29 17.94
CA ASN B 392 -12.42 14.89 17.00
C ASN B 392 -13.36 16.03 16.63
N THR B 393 -13.32 17.13 17.38
CA THR B 393 -14.24 18.25 17.14
C THR B 393 -13.53 19.43 16.47
N PRO B 394 -14.26 20.21 15.65
CA PRO B 394 -13.64 21.40 15.03
C PRO B 394 -13.62 22.62 15.97
N PRO B 395 -12.84 23.69 15.65
CA PRO B 395 -12.94 24.92 16.46
C PRO B 395 -14.30 25.62 16.22
N PRO B 396 -14.80 26.50 17.11
CA PRO B 396 -14.20 26.99 18.37
C PRO B 396 -14.17 25.93 19.46
N TYR B 397 -13.22 26.08 20.40
CA TYR B 397 -13.04 25.14 21.50
C TYR B 397 -13.47 25.69 22.85
N GLN B 398 -14.47 25.02 23.46
CA GLN B 398 -14.95 25.34 24.80
C GLN B 398 -14.17 24.44 25.74
N VAL B 399 -13.44 25.05 26.68
CA VAL B 399 -12.58 24.34 27.63
C VAL B 399 -13.11 24.42 29.05
N SER B 400 -13.10 23.28 29.76
CA SER B 400 -13.64 23.18 31.12
C SER B 400 -12.83 22.24 32.01
N CYS B 401 -12.94 22.42 33.34
CA CYS B 401 -12.31 21.55 34.34
C CYS B 401 -13.42 20.72 35.03
N GLY B 402 -14.62 20.73 34.47
CA GLY B 402 -15.76 20.01 35.02
C GLY B 402 -16.94 20.88 35.45
N GLY B 403 -16.72 22.19 35.48
CA GLY B 403 -17.73 23.16 35.85
C GLY B 403 -18.05 24.09 34.69
N GLU B 404 -17.86 25.40 34.90
CA GLU B 404 -18.10 26.42 33.88
C GLU B 404 -17.05 26.31 32.76
N SER B 405 -17.43 26.68 31.54
CA SER B 405 -16.56 26.62 30.38
C SER B 405 -16.10 28.01 29.92
N ASP B 406 -14.94 28.05 29.24
CA ASP B 406 -14.38 29.28 28.67
C ASP B 406 -13.96 29.00 27.23
N ARG B 407 -13.85 30.07 26.41
CA ARG B 407 -13.44 29.96 25.02
C ARG B 407 -11.92 29.97 24.90
N ALA B 408 -11.35 28.89 24.35
CA ALA B 408 -9.91 28.80 24.14
C ALA B 408 -9.52 29.53 22.85
N SER B 409 -8.23 29.88 22.72
CA SER B 409 -7.68 30.50 21.51
CA SER B 409 -7.67 30.50 21.52
C SER B 409 -7.28 29.34 20.61
N ALA B 410 -7.58 29.41 19.31
CA ALA B 410 -7.24 28.29 18.43
C ALA B 410 -6.67 28.64 17.08
N ARG B 411 -5.70 27.82 16.63
CA ARG B 411 -5.09 27.84 15.31
C ARG B 411 -5.12 26.38 14.88
N VAL B 412 -6.33 25.90 14.55
CA VAL B 412 -6.59 24.50 14.20
C VAL B 412 -7.18 24.40 12.79
N ILE B 413 -6.58 23.56 11.94
CA ILE B 413 -7.02 23.35 10.56
C ILE B 413 -7.81 22.04 10.42
N ASP B 414 -8.62 21.94 9.36
CA ASP B 414 -9.45 20.74 9.13
C ASP B 414 -8.67 19.59 8.46
N PRO B 415 -9.24 18.35 8.39
CA PRO B 415 -8.50 17.23 7.77
C PRO B 415 -8.07 17.45 6.32
N ALA B 416 -8.92 18.10 5.50
CA ALA B 416 -8.58 18.40 4.10
C ALA B 416 -7.37 19.35 4.05
N ALA B 417 -7.37 20.42 4.88
CA ALA B 417 -6.27 21.38 4.95
C ALA B 417 -4.98 20.68 5.42
N GLN B 418 -5.08 19.75 6.39
CA GLN B 418 -3.93 18.98 6.89
C GLN B 418 -3.32 18.14 5.75
N SER B 419 -4.19 17.53 4.93
CA SER B 419 -3.77 16.69 3.80
C SER B 419 -2.97 17.49 2.77
N PHE B 420 -3.19 18.82 2.69
CA PHE B 420 -2.47 19.70 1.76
C PHE B 420 -1.36 20.54 2.42
N THR B 421 -1.15 20.34 3.74
CA THR B 421 -0.11 21.04 4.49
C THR B 421 1.19 20.27 4.34
N GLY B 422 2.26 20.98 4.01
CA GLY B 422 3.58 20.39 3.80
C GLY B 422 3.82 19.96 2.37
N VAL B 423 2.90 20.34 1.47
CA VAL B 423 3.00 20.07 0.03
C VAL B 423 2.62 21.32 -0.79
N VAL B 424 3.19 21.43 -1.99
CA VAL B 424 2.86 22.48 -2.95
C VAL B 424 2.16 21.74 -4.09
N TYR B 425 0.84 21.92 -4.19
CA TYR B 425 0.02 21.22 -5.17
C TYR B 425 0.21 21.69 -6.62
N GLY B 426 0.10 20.74 -7.54
CA GLY B 426 0.06 20.98 -8.97
C GLY B 426 1.36 21.05 -9.75
N THR B 427 1.24 21.45 -11.02
CA THR B 427 2.32 21.56 -11.99
C THR B 427 3.51 22.35 -11.46
N HIS B 428 4.71 21.78 -11.64
CA HIS B 428 5.95 22.47 -11.27
C HIS B 428 6.57 22.97 -12.57
N THR B 429 6.79 24.29 -12.66
CA THR B 429 7.33 24.90 -13.87
C THR B 429 8.71 25.50 -13.65
N THR B 430 9.54 25.54 -14.70
N THR B 430 9.52 25.51 -14.72
CA THR B 430 10.86 26.15 -14.70
CA THR B 430 10.87 26.09 -14.73
C THR B 430 11.16 26.71 -16.09
C THR B 430 11.11 26.73 -16.10
N ALA B 431 11.94 27.78 -16.14
CA ALA B 431 12.29 28.45 -17.39
C ALA B 431 13.79 28.44 -17.57
N VAL B 432 14.25 27.88 -18.70
CA VAL B 432 15.67 27.85 -19.05
C VAL B 432 15.87 29.06 -19.94
N SER B 433 16.74 29.99 -19.53
CA SER B 433 17.02 31.20 -20.29
CA SER B 433 17.02 31.20 -20.29
C SER B 433 18.06 30.94 -21.38
N GLU B 434 18.09 31.80 -22.42
CA GLU B 434 19.09 31.74 -23.48
C GLU B 434 20.39 32.22 -22.79
N THR B 435 21.58 31.84 -23.31
CA THR B 435 22.83 32.30 -22.68
C THR B 435 23.12 33.77 -22.96
N GLU C 2 -8.83 -4.01 50.74
CA GLU C 2 -8.37 -3.28 49.56
C GLU C 2 -8.65 -1.78 49.62
N ALA C 3 -7.91 -1.01 48.80
CA ALA C 3 -8.02 0.44 48.67
C ALA C 3 -7.92 0.80 47.18
N PHE C 4 -8.58 1.91 46.76
CA PHE C 4 -8.55 2.34 45.37
C PHE C 4 -8.51 3.86 45.23
N THR C 5 -7.74 4.33 44.24
CA THR C 5 -7.61 5.74 43.88
C THR C 5 -7.21 5.92 42.40
N TYR C 6 -7.62 7.03 41.80
CA TYR C 6 -7.24 7.35 40.43
C TYR C 6 -6.02 8.25 40.45
N LEU C 7 -5.05 7.95 39.59
CA LEU C 7 -3.84 8.75 39.47
C LEU C 7 -3.81 9.40 38.10
N CYS C 8 -3.77 10.74 38.03
CA CYS C 8 -3.66 11.42 36.73
C CYS C 8 -2.28 11.18 36.10
N THR C 9 -2.18 11.36 34.79
CA THR C 9 -0.97 11.02 34.02
C THR C 9 -0.03 12.17 33.67
N ALA C 10 -0.30 13.38 34.18
CA ALA C 10 0.49 14.57 33.91
C ALA C 10 1.71 14.70 34.84
N PRO C 11 2.79 15.43 34.45
CA PRO C 11 3.91 15.63 35.37
C PRO C 11 3.44 16.31 36.65
N GLY C 12 3.81 15.74 37.78
CA GLY C 12 3.43 16.24 39.10
C GLY C 12 2.31 15.46 39.77
N CYS C 13 1.49 14.74 38.99
CA CYS C 13 0.38 13.94 39.51
C CYS C 13 0.82 12.99 40.60
N ALA C 14 0.08 12.98 41.71
CA ALA C 14 0.39 12.15 42.86
C ALA C 14 -0.80 11.88 43.75
N THR C 15 -0.78 10.71 44.40
CA THR C 15 -1.76 10.30 45.40
C THR C 15 -0.99 10.10 46.70
N GLN C 16 -1.62 10.36 47.85
CA GLN C 16 -0.97 10.26 49.14
C GLN C 16 -1.39 9.04 49.96
N THR C 17 -2.65 8.59 49.80
CA THR C 17 -3.21 7.48 50.57
C THR C 17 -3.68 6.29 49.71
N PRO C 18 -3.59 5.02 50.21
CA PRO C 18 -3.01 4.59 51.51
C PRO C 18 -1.48 4.56 51.51
N VAL C 19 -0.88 4.53 50.30
CA VAL C 19 0.57 4.49 50.06
C VAL C 19 0.91 5.64 49.10
N PRO C 20 1.95 6.47 49.37
CA PRO C 20 2.29 7.55 48.42
C PRO C 20 2.70 7.00 47.04
N VAL C 21 2.07 7.54 45.98
CA VAL C 21 2.36 7.14 44.59
C VAL C 21 2.47 8.43 43.76
N ARG C 22 3.62 8.62 43.09
N ARG C 22 3.62 8.63 43.10
CA ARG C 22 3.89 9.79 42.26
CA ARG C 22 3.88 9.80 42.26
C ARG C 22 4.15 9.37 40.82
C ARG C 22 4.15 9.37 40.82
N LEU C 23 3.56 10.11 39.86
CA LEU C 23 3.75 9.88 38.43
C LEU C 23 5.10 10.59 38.13
N ALA C 24 6.18 9.80 37.96
CA ALA C 24 7.54 10.32 37.72
C ALA C 24 7.80 10.70 36.27
N GLY C 25 7.16 10.00 35.35
CA GLY C 25 7.32 10.24 33.92
C GLY C 25 6.58 9.23 33.07
N VAL C 26 6.57 9.49 31.76
CA VAL C 26 5.91 8.61 30.79
C VAL C 26 6.90 8.36 29.65
N ARG C 27 7.17 7.09 29.38
CA ARG C 27 8.04 6.69 28.27
C ARG C 27 7.37 5.55 27.50
N PHE C 28 8.10 4.83 26.64
CA PHE C 28 7.52 3.71 25.92
C PHE C 28 8.57 2.65 25.61
N GLU C 29 8.10 1.41 25.44
CA GLU C 29 8.89 0.26 25.03
C GLU C 29 8.31 -0.18 23.71
N SER C 30 9.12 -0.79 22.85
CA SER C 30 8.64 -1.28 21.54
C SER C 30 9.60 -2.29 20.98
N LYS C 31 9.18 -2.95 19.88
CA LYS C 31 10.01 -3.84 19.09
C LYS C 31 10.22 -3.08 17.80
N ILE C 32 11.43 -2.53 17.65
CA ILE C 32 11.81 -1.66 16.55
C ILE C 32 11.96 -2.41 15.23
N VAL C 33 11.49 -1.79 14.15
CA VAL C 33 11.64 -2.28 12.77
C VAL C 33 12.28 -1.12 12.00
N ASP C 34 13.58 -1.19 11.75
CA ASP C 34 14.30 -0.12 11.06
C ASP C 34 14.14 -0.26 9.55
N GLY C 35 13.44 0.70 8.95
CA GLY C 35 13.17 0.72 7.52
C GLY C 35 14.26 1.34 6.66
N GLY C 36 15.25 1.95 7.31
CA GLY C 36 16.34 2.61 6.58
C GLY C 36 15.96 4.02 6.19
N CYS C 37 16.27 4.42 4.94
CA CYS C 37 16.02 5.77 4.42
C CYS C 37 14.76 5.88 3.57
N PHE C 38 14.04 6.99 3.74
CA PHE C 38 12.83 7.31 2.98
C PHE C 38 12.90 8.74 2.50
N ALA C 39 12.35 9.02 1.33
CA ALA C 39 12.36 10.35 0.75
C ALA C 39 11.20 10.52 -0.21
N PRO C 40 10.75 11.76 -0.52
CA PRO C 40 9.68 11.90 -1.52
C PRO C 40 10.20 11.58 -2.92
N TRP C 41 9.28 11.27 -3.84
CA TRP C 41 9.62 11.07 -5.25
C TRP C 41 9.63 12.48 -5.84
N ASP C 42 10.83 13.02 -6.07
CA ASP C 42 10.99 14.38 -6.60
C ASP C 42 11.36 14.40 -8.06
N LEU C 43 10.36 14.61 -8.92
CA LEU C 43 10.60 14.72 -10.35
C LEU C 43 11.26 16.07 -10.64
N GLU C 44 12.47 16.03 -11.21
N GLU C 44 12.47 16.04 -11.21
CA GLU C 44 13.22 17.24 -11.56
CA GLU C 44 13.21 17.24 -11.56
C GLU C 44 13.53 17.21 -13.05
C GLU C 44 13.53 17.22 -13.05
N ALA C 45 13.40 18.37 -13.71
CA ALA C 45 13.65 18.45 -15.16
C ALA C 45 14.43 19.67 -15.56
N THR C 46 15.20 19.52 -16.64
CA THR C 46 15.98 20.59 -17.26
C THR C 46 16.04 20.32 -18.76
N GLY C 47 16.71 21.20 -19.47
CA GLY C 47 16.90 21.06 -20.90
C GLY C 47 17.34 22.34 -21.52
N ALA C 48 17.22 22.41 -22.85
CA ALA C 48 17.57 23.61 -23.61
C ALA C 48 16.96 23.57 -24.98
N CYS C 49 16.69 24.78 -25.49
CA CYS C 49 16.27 25.01 -26.84
C CYS C 49 17.59 25.42 -27.50
N ILE C 50 17.95 24.76 -28.61
CA ILE C 50 19.25 24.91 -29.24
C ILE C 50 19.14 25.23 -30.73
N CYS C 51 19.75 26.35 -31.18
CA CYS C 51 19.73 26.72 -32.60
C CYS C 51 20.96 26.16 -33.28
N GLU C 52 21.06 24.82 -33.25
CA GLU C 52 22.18 24.03 -33.73
C GLU C 52 21.77 22.55 -33.66
N ILE C 53 22.58 21.67 -34.26
CA ILE C 53 22.39 20.23 -34.16
C ILE C 53 23.63 19.70 -33.41
N PRO C 54 23.62 19.71 -32.05
CA PRO C 54 24.79 19.22 -31.31
C PRO C 54 25.16 17.78 -31.65
N THR C 55 26.47 17.50 -31.60
CA THR C 55 27.04 16.20 -31.94
C THR C 55 27.31 15.33 -30.71
N ASP C 56 27.13 15.89 -29.51
CA ASP C 56 27.36 15.17 -28.25
C ASP C 56 26.24 15.47 -27.27
N VAL C 57 25.25 14.57 -27.21
CA VAL C 57 24.08 14.71 -26.34
C VAL C 57 24.42 14.10 -24.96
N SER C 58 25.01 14.95 -24.10
CA SER C 58 25.42 14.66 -22.73
C SER C 58 25.52 16.01 -22.02
N CYS C 59 25.64 16.03 -20.68
CA CYS C 59 25.76 17.29 -19.94
C CYS C 59 26.94 18.13 -20.42
N GLU C 60 28.12 17.49 -20.59
CA GLU C 60 29.33 18.16 -21.07
C GLU C 60 29.20 18.62 -22.53
N GLY C 61 28.67 17.75 -23.39
CA GLY C 61 28.47 18.03 -24.81
C GLY C 61 27.47 19.14 -25.08
N LEU C 62 26.52 19.35 -24.15
CA LEU C 62 25.48 20.38 -24.28
C LEU C 62 25.71 21.58 -23.33
N GLY C 63 26.93 21.67 -22.78
CA GLY C 63 27.36 22.72 -21.86
C GLY C 63 27.15 24.16 -22.31
N ALA C 64 27.15 24.39 -23.64
CA ALA C 64 26.93 25.72 -24.20
C ALA C 64 25.47 26.19 -24.07
N TRP C 65 24.51 25.26 -23.79
CA TRP C 65 23.09 25.58 -23.72
C TRP C 65 22.35 25.13 -22.45
N VAL C 66 22.64 23.90 -21.97
CA VAL C 66 21.95 23.31 -20.82
C VAL C 66 22.55 23.78 -19.49
N PRO C 67 21.73 24.24 -18.50
CA PRO C 67 22.29 24.65 -17.19
C PRO C 67 23.14 23.54 -16.58
N THR C 68 24.41 23.86 -16.27
CA THR C 68 25.44 22.95 -15.75
C THR C 68 25.07 22.12 -14.52
N ALA C 69 24.84 22.78 -13.37
CA ALA C 69 24.50 22.11 -12.10
C ALA C 69 23.18 21.32 -12.21
N PRO C 70 22.05 21.87 -12.75
CA PRO C 70 20.83 21.05 -12.89
C PRO C 70 21.03 19.82 -13.78
N CYS C 71 21.79 19.93 -14.90
CA CYS C 71 22.05 18.78 -15.77
C CYS C 71 22.77 17.66 -15.03
N ALA C 72 23.89 17.99 -14.35
CA ALA C 72 24.70 17.02 -13.60
C ALA C 72 23.89 16.31 -12.50
N ARG C 73 23.07 17.07 -11.76
N ARG C 73 23.07 17.08 -11.76
CA ARG C 73 22.24 16.54 -10.68
CA ARG C 73 22.22 16.59 -10.66
C ARG C 73 21.14 15.63 -11.21
C ARG C 73 21.10 15.66 -11.17
N ILE C 74 20.38 16.08 -12.23
CA ILE C 74 19.29 15.31 -12.83
C ILE C 74 19.81 14.05 -13.56
N TRP C 75 20.99 14.15 -14.20
CA TRP C 75 21.62 13.02 -14.88
C TRP C 75 21.89 11.85 -13.90
N ASN C 76 22.23 12.18 -12.65
CA ASN C 76 22.53 11.22 -11.58
C ASN C 76 21.28 10.68 -10.84
N GLY C 77 20.10 11.17 -11.22
CA GLY C 77 18.85 10.76 -10.61
C GLY C 77 18.36 9.37 -10.97
N THR C 78 17.29 8.94 -10.29
CA THR C 78 16.66 7.64 -10.48
C THR C 78 15.69 7.71 -11.65
N GLN C 79 15.64 6.61 -12.46
CA GLN C 79 14.74 6.47 -13.61
C GLN C 79 14.89 7.64 -14.60
N ARG C 80 16.14 7.95 -14.95
CA ARG C 80 16.44 9.05 -15.86
C ARG C 80 15.85 8.84 -17.26
N ALA C 81 15.29 9.93 -17.81
CA ALA C 81 14.79 9.95 -19.18
C ALA C 81 15.35 11.21 -19.82
N CYS C 82 15.80 11.09 -21.07
CA CYS C 82 16.29 12.22 -21.84
C CYS C 82 16.04 12.02 -23.31
N THR C 83 15.61 13.10 -23.97
CA THR C 83 15.30 13.08 -25.39
C THR C 83 15.91 14.28 -26.07
N PHE C 84 16.45 14.04 -27.26
CA PHE C 84 17.02 15.06 -28.13
C PHE C 84 16.18 15.04 -29.41
N TRP C 85 15.47 16.15 -29.69
CA TRP C 85 14.61 16.28 -30.86
C TRP C 85 15.24 17.17 -31.91
N ALA C 86 15.27 16.73 -33.18
CA ALA C 86 15.76 17.56 -34.28
C ALA C 86 14.54 18.24 -34.89
N VAL C 87 14.40 19.55 -34.67
CA VAL C 87 13.25 20.35 -35.16
C VAL C 87 13.49 20.75 -36.62
N ASN C 88 14.69 21.24 -36.91
CA ASN C 88 15.09 21.62 -38.26
C ASN C 88 16.58 21.31 -38.36
N ALA C 89 16.90 20.28 -39.14
CA ALA C 89 18.27 19.79 -39.28
C ALA C 89 19.07 20.59 -40.32
N TYR C 90 20.34 20.20 -40.54
CA TYR C 90 21.19 20.86 -41.54
C TYR C 90 20.63 20.58 -42.93
N SER C 91 20.59 21.59 -43.81
CA SER C 91 20.11 21.37 -45.19
C SER C 91 21.22 20.76 -46.04
N SER C 92 22.49 21.06 -45.70
CA SER C 92 23.69 20.56 -46.37
C SER C 92 24.89 20.59 -45.43
N GLY C 93 25.96 19.88 -45.80
CA GLY C 93 27.19 19.81 -45.04
C GLY C 93 27.03 19.14 -43.70
N GLY C 94 27.86 19.57 -42.74
CA GLY C 94 27.87 19.02 -41.39
C GLY C 94 28.45 17.62 -41.31
N TYR C 95 28.21 16.93 -40.20
CA TYR C 95 28.67 15.58 -39.95
C TYR C 95 27.54 14.82 -39.28
N ALA C 96 26.82 13.99 -40.06
CA ALA C 96 25.65 13.23 -39.62
C ALA C 96 24.62 14.17 -38.95
N GLN C 97 24.37 15.31 -39.60
CA GLN C 97 23.47 16.37 -39.10
C GLN C 97 22.30 16.69 -40.02
N LEU C 98 22.20 16.00 -41.18
CA LEU C 98 21.08 16.18 -42.12
C LEU C 98 19.81 15.56 -41.55
N ALA C 99 18.63 15.93 -42.09
CA ALA C 99 17.33 15.40 -41.64
C ALA C 99 17.25 13.87 -41.74
N SER C 100 17.92 13.29 -42.76
CA SER C 100 17.97 11.84 -43.01
C SER C 100 18.61 11.03 -41.88
N TYR C 101 19.43 11.69 -41.02
CA TYR C 101 20.05 11.03 -39.87
C TYR C 101 19.08 10.90 -38.71
N PHE C 102 17.95 11.62 -38.78
CA PHE C 102 16.92 11.60 -37.75
C PHE C 102 15.72 10.75 -38.15
N ASN C 103 15.99 9.46 -38.35
CA ASN C 103 14.94 8.46 -38.60
C ASN C 103 14.28 8.22 -37.22
N PRO C 104 13.06 7.63 -37.10
CA PRO C 104 12.52 7.39 -35.75
C PRO C 104 13.51 6.58 -34.90
N GLY C 105 13.82 7.06 -33.70
CA GLY C 105 14.79 6.43 -32.82
C GLY C 105 16.21 6.92 -33.02
N GLY C 106 16.44 7.66 -34.10
CA GLY C 106 17.72 8.27 -34.45
C GLY C 106 18.94 7.38 -34.55
N SER C 107 18.76 6.10 -34.99
CA SER C 107 19.89 5.16 -35.13
C SER C 107 20.98 5.68 -36.07
N TYR C 108 20.59 6.36 -37.17
CA TYR C 108 21.57 6.90 -38.13
C TYR C 108 22.46 7.98 -37.51
N TYR C 109 21.86 8.93 -36.76
CA TYR C 109 22.60 9.98 -36.03
C TYR C 109 23.51 9.33 -34.98
N LYS C 110 22.94 8.38 -34.19
CA LYS C 110 23.65 7.66 -33.13
C LYS C 110 24.87 6.87 -33.58
N GLN C 111 24.90 6.43 -34.87
CA GLN C 111 26.03 5.69 -35.46
C GLN C 111 27.32 6.51 -35.32
N TYR C 112 27.22 7.82 -35.55
CA TYR C 112 28.34 8.76 -35.52
C TYR C 112 28.36 9.61 -34.26
N HIS C 113 27.19 9.80 -33.64
CA HIS C 113 27.06 10.64 -32.45
C HIS C 113 26.38 9.88 -31.30
N PRO C 114 27.08 8.90 -30.67
CA PRO C 114 26.45 8.13 -29.60
C PRO C 114 26.02 8.97 -28.40
N THR C 115 24.92 8.52 -27.75
CA THR C 115 24.34 9.17 -26.58
C THR C 115 23.49 8.16 -25.81
N ALA C 116 23.39 8.34 -24.48
CA ALA C 116 22.54 7.52 -23.63
C ALA C 116 21.07 7.97 -23.74
N CYS C 117 20.83 9.11 -24.42
CA CYS C 117 19.50 9.69 -24.60
C CYS C 117 18.79 9.17 -25.82
N GLU C 118 17.44 9.31 -25.82
CA GLU C 118 16.64 8.98 -26.98
C GLU C 118 16.82 10.11 -27.99
N VAL C 119 16.85 9.78 -29.28
CA VAL C 119 17.00 10.75 -30.36
C VAL C 119 15.80 10.58 -31.28
N GLU C 120 15.09 11.69 -31.56
CA GLU C 120 13.87 11.64 -32.37
C GLU C 120 13.74 12.77 -33.35
N PRO C 121 13.12 12.54 -34.53
CA PRO C 121 12.82 13.67 -35.42
C PRO C 121 11.65 14.47 -34.83
N ALA C 122 11.62 15.78 -35.07
CA ALA C 122 10.54 16.67 -34.63
C ALA C 122 10.20 17.65 -35.73
N PHE C 123 10.42 17.22 -36.99
CA PHE C 123 10.13 18.01 -38.18
C PHE C 123 8.64 18.27 -38.25
N GLY C 124 8.28 19.53 -38.51
CA GLY C 124 6.88 19.94 -38.52
C GLY C 124 6.54 20.75 -37.28
N HIS C 125 7.34 20.59 -36.18
CA HIS C 125 7.17 21.40 -34.98
C HIS C 125 7.66 22.81 -35.32
N SER C 126 7.12 23.84 -34.65
CA SER C 126 7.52 25.23 -34.91
C SER C 126 9.00 25.47 -34.65
N ASP C 127 9.69 26.06 -35.65
CA ASP C 127 11.11 26.41 -35.54
C ASP C 127 11.30 27.94 -35.42
N ALA C 128 10.20 28.65 -35.10
CA ALA C 128 10.13 30.11 -34.96
C ALA C 128 11.10 30.67 -33.94
N ALA C 129 11.37 29.92 -32.85
CA ALA C 129 12.26 30.33 -31.77
C ALA C 129 13.70 30.61 -32.20
N CYS C 130 14.14 29.98 -33.31
CA CYS C 130 15.49 30.12 -33.85
C CYS C 130 15.49 30.96 -35.12
N TRP C 131 16.09 32.14 -35.05
CA TRP C 131 16.15 33.08 -36.18
C TRP C 131 17.55 33.71 -36.30
N GLY C 132 17.78 34.44 -37.39
CA GLY C 132 19.05 35.11 -37.65
C GLY C 132 20.06 34.29 -38.42
N PHE C 133 19.59 33.24 -39.14
CA PHE C 133 20.44 32.38 -39.97
C PHE C 133 20.54 32.96 -41.39
N PRO C 134 21.69 32.82 -42.09
CA PRO C 134 21.78 33.37 -43.46
C PRO C 134 20.84 32.69 -44.46
N THR C 135 20.64 31.36 -44.32
CA THR C 135 19.75 30.58 -45.19
C THR C 135 18.66 29.90 -44.36
N ASP C 136 18.68 28.55 -44.27
CA ASP C 136 17.69 27.79 -43.51
C ASP C 136 18.00 27.81 -42.02
N THR C 137 16.93 27.68 -41.22
CA THR C 137 16.99 27.63 -39.76
C THR C 137 17.52 26.25 -39.34
N VAL C 138 18.27 26.22 -38.23
CA VAL C 138 18.75 24.98 -37.61
C VAL C 138 18.26 25.01 -36.17
N MET C 139 17.57 23.95 -35.73
CA MET C 139 16.99 23.92 -34.39
C MET C 139 16.84 22.52 -33.84
N SER C 140 17.15 22.37 -32.55
CA SER C 140 16.95 21.14 -31.81
C SER C 140 16.52 21.48 -30.38
N VAL C 141 15.95 20.50 -29.68
CA VAL C 141 15.48 20.66 -28.30
C VAL C 141 15.96 19.46 -27.50
N PHE C 142 16.44 19.73 -26.28
CA PHE C 142 16.88 18.70 -25.35
C PHE C 142 16.07 18.78 -24.08
N ALA C 143 15.61 17.63 -23.57
CA ALA C 143 14.87 17.54 -22.32
C ALA C 143 15.47 16.41 -21.50
N LEU C 144 15.58 16.61 -20.19
CA LEU C 144 16.18 15.64 -19.28
C LEU C 144 15.42 15.69 -17.97
N ALA C 145 14.99 14.52 -17.49
CA ALA C 145 14.25 14.42 -16.23
C ALA C 145 14.55 13.13 -15.49
N SER C 146 14.45 13.17 -14.16
CA SER C 146 14.66 12.01 -13.29
C SER C 146 14.09 12.29 -11.91
N TYR C 147 14.08 11.26 -11.06
CA TYR C 147 13.65 11.39 -9.67
C TYR C 147 14.90 11.59 -8.84
N VAL C 148 15.13 12.84 -8.42
CA VAL C 148 16.31 13.24 -7.67
C VAL C 148 16.03 13.08 -6.17
N GLN C 149 16.97 12.46 -5.45
CA GLN C 149 16.84 12.28 -4.02
C GLN C 149 17.57 13.45 -3.35
N HIS C 150 16.79 14.36 -2.74
CA HIS C 150 17.34 15.53 -2.06
C HIS C 150 17.78 15.14 -0.65
N PRO C 151 19.07 15.31 -0.29
CA PRO C 151 19.53 14.92 1.07
C PRO C 151 18.72 15.53 2.22
N HIS C 152 18.29 16.82 2.09
CA HIS C 152 17.51 17.50 3.12
CA HIS C 152 17.50 17.54 3.09
C HIS C 152 16.06 16.98 3.20
N LYS C 153 15.65 16.18 2.22
CA LYS C 153 14.31 15.57 2.18
C LYS C 153 14.35 14.10 2.61
N THR C 154 15.55 13.54 2.79
CA THR C 154 15.74 12.15 3.20
C THR C 154 15.64 12.03 4.72
N VAL C 155 14.81 11.06 5.18
CA VAL C 155 14.55 10.81 6.60
CA VAL C 155 14.62 10.80 6.60
C VAL C 155 14.85 9.33 6.92
N ARG C 156 15.44 9.06 8.09
CA ARG C 156 15.67 7.70 8.56
C ARG C 156 14.38 7.37 9.31
N VAL C 157 13.78 6.20 9.06
CA VAL C 157 12.51 5.85 9.70
C VAL C 157 12.58 4.52 10.43
N LYS C 158 12.14 4.53 11.70
CA LYS C 158 12.04 3.31 12.50
C LYS C 158 10.57 3.13 12.85
N PHE C 159 10.02 1.94 12.52
CA PHE C 159 8.64 1.60 12.84
C PHE C 159 8.67 0.97 14.23
N HIS C 160 7.75 1.37 15.10
CA HIS C 160 7.70 0.85 16.46
C HIS C 160 6.49 -0.05 16.57
N THR C 161 6.71 -1.34 16.80
CA THR C 161 5.66 -2.35 16.90
C THR C 161 5.58 -2.85 18.34
N GLU C 162 4.48 -3.57 18.70
CA GLU C 162 4.28 -4.09 20.06
C GLU C 162 4.57 -2.99 21.09
N THR C 163 4.09 -1.75 20.79
CA THR C 163 4.31 -0.58 21.63
CA THR C 163 4.34 -0.60 21.65
C THR C 163 3.68 -0.74 23.00
N ARG C 164 4.41 -0.38 24.06
CA ARG C 164 3.94 -0.45 25.43
C ARG C 164 4.22 0.88 26.10
N THR C 165 3.17 1.62 26.50
CA THR C 165 3.36 2.87 27.24
C THR C 165 3.92 2.50 28.61
N VAL C 166 4.96 3.22 29.03
CA VAL C 166 5.59 2.95 30.33
C VAL C 166 5.20 4.10 31.26
N TRP C 167 4.44 3.78 32.29
CA TRP C 167 4.03 4.75 33.30
C TRP C 167 5.04 4.60 34.42
N GLN C 168 5.99 5.54 34.51
CA GLN C 168 7.05 5.51 35.51
C GLN C 168 6.53 6.06 36.81
N LEU C 169 6.44 5.20 37.82
CA LEU C 169 5.93 5.60 39.13
C LEU C 169 6.98 5.51 40.22
N SER C 170 6.75 6.25 41.31
CA SER C 170 7.54 6.15 42.53
C SER C 170 6.51 5.72 43.58
N VAL C 171 6.59 4.45 44.02
CA VAL C 171 5.64 3.84 44.95
C VAL C 171 6.34 3.74 46.30
N ALA C 172 5.95 4.64 47.24
CA ALA C 172 6.58 4.77 48.57
C ALA C 172 8.11 4.94 48.41
N GLY C 173 8.50 5.77 47.43
CA GLY C 173 9.89 6.06 47.11
C GLY C 173 10.62 5.03 46.27
N VAL C 174 9.93 3.93 45.88
CA VAL C 174 10.51 2.84 45.09
C VAL C 174 10.06 2.95 43.64
N SER C 175 11.04 2.92 42.71
CA SER C 175 10.77 2.97 41.27
C SER C 175 9.98 1.74 40.81
N CYS C 176 8.90 1.97 40.06
CA CYS C 176 8.09 0.92 39.45
C CYS C 176 7.68 1.40 38.08
N ASN C 177 8.03 0.64 37.04
CA ASN C 177 7.68 0.98 35.68
C ASN C 177 6.55 0.09 35.26
N VAL C 178 5.33 0.67 35.20
CA VAL C 178 4.09 -0.03 34.90
CA VAL C 178 4.14 -0.09 34.85
C VAL C 178 3.78 -0.02 33.39
N THR C 179 3.41 -1.19 32.85
CA THR C 179 2.97 -1.39 31.47
C THR C 179 1.83 -2.39 31.52
N THR C 180 1.16 -2.60 30.38
CA THR C 180 0.12 -3.61 30.20
C THR C 180 0.72 -5.01 30.42
N GLU C 181 2.04 -5.18 30.16
CA GLU C 181 2.71 -6.46 30.38
C GLU C 181 3.06 -6.66 31.86
N HIS C 182 3.51 -5.58 32.54
CA HIS C 182 3.96 -5.65 33.94
C HIS C 182 3.26 -4.57 34.79
N PRO C 183 1.99 -4.81 35.20
CA PRO C 183 1.24 -3.76 35.91
C PRO C 183 1.32 -3.80 37.44
N PHE C 184 2.18 -4.66 38.00
CA PHE C 184 2.29 -4.79 39.46
C PHE C 184 3.48 -4.05 40.07
N CYS C 185 3.26 -3.49 41.27
CA CYS C 185 4.29 -2.79 42.06
C CYS C 185 4.22 -3.29 43.47
N ASN C 186 5.37 -3.47 44.12
CA ASN C 186 5.38 -3.81 45.53
C ASN C 186 5.15 -2.52 46.31
N THR C 187 4.37 -2.61 47.40
CA THR C 187 4.15 -1.50 48.32
C THR C 187 4.87 -1.95 49.61
N PRO C 188 5.11 -1.09 50.63
CA PRO C 188 5.84 -1.55 51.83
C PRO C 188 5.50 -2.94 52.38
N HIS C 189 4.20 -3.24 52.57
CA HIS C 189 3.77 -4.55 53.06
C HIS C 189 2.56 -5.10 52.28
N GLY C 190 2.52 -4.80 50.99
CA GLY C 190 1.45 -5.26 50.11
C GLY C 190 1.81 -5.20 48.65
N GLN C 191 0.79 -5.18 47.80
CA GLN C 191 0.96 -5.13 46.36
C GLN C 191 0.01 -4.14 45.74
N LEU C 192 0.51 -3.38 44.77
CA LEU C 192 -0.27 -2.44 44.00
C LEU C 192 -0.44 -2.99 42.60
N GLU C 193 -1.68 -3.12 42.15
CA GLU C 193 -1.98 -3.53 40.78
C GLU C 193 -2.48 -2.27 40.10
N VAL C 194 -1.84 -1.89 38.98
CA VAL C 194 -2.23 -0.66 38.29
C VAL C 194 -3.06 -0.99 37.07
N GLN C 195 -4.29 -0.46 37.02
CA GLN C 195 -5.16 -0.59 35.85
C GLN C 195 -4.69 0.51 34.90
N VAL C 196 -4.30 0.12 33.70
CA VAL C 196 -3.76 1.03 32.69
C VAL C 196 -4.62 1.05 31.42
N PRO C 197 -4.65 2.16 30.66
CA PRO C 197 -5.40 2.15 29.40
C PRO C 197 -4.67 1.27 28.35
N PRO C 198 -5.31 0.89 27.22
CA PRO C 198 -4.58 0.10 26.22
C PRO C 198 -3.40 0.86 25.64
N ASP C 199 -2.47 0.11 25.05
CA ASP C 199 -1.31 0.67 24.39
C ASP C 199 -1.76 1.41 23.11
N PRO C 200 -0.97 2.38 22.59
CA PRO C 200 -1.45 3.18 21.45
C PRO C 200 -1.35 2.54 20.06
N GLY C 201 -0.81 1.33 19.97
CA GLY C 201 -0.61 0.68 18.69
C GLY C 201 0.73 1.12 18.10
N ASP C 202 0.98 0.79 16.83
CA ASP C 202 2.26 1.11 16.18
C ASP C 202 2.55 2.61 16.09
N LEU C 203 3.84 2.96 16.17
CA LEU C 203 4.32 4.35 16.04
C LEU C 203 5.29 4.42 14.88
N VAL C 204 5.48 5.63 14.34
CA VAL C 204 6.45 5.89 13.28
C VAL C 204 7.43 6.91 13.84
N GLU C 205 8.73 6.59 13.84
CA GLU C 205 9.77 7.49 14.31
C GLU C 205 10.52 8.05 13.11
N TYR C 206 10.36 9.35 12.85
CA TYR C 206 11.04 10.06 11.77
C TYR C 206 12.29 10.68 12.34
N ILE C 207 13.45 10.25 11.83
CA ILE C 207 14.76 10.71 12.31
C ILE C 207 15.41 11.64 11.30
N MET C 208 15.62 12.91 11.70
CA MET C 208 16.27 13.93 10.86
C MET C 208 17.64 14.29 11.44
N ASN C 209 18.55 14.77 10.58
CA ASN C 209 19.91 15.22 10.91
C ASN C 209 20.76 14.25 11.71
N ASN C 213 21.90 18.24 16.38
CA ASN C 213 22.20 17.10 15.52
C ASN C 213 20.92 16.27 15.26
N GLN C 214 20.92 14.97 15.60
CA GLN C 214 19.84 14.01 15.39
C GLN C 214 18.61 14.37 16.24
N GLN C 215 17.43 14.38 15.60
CA GLN C 215 16.16 14.69 16.24
C GLN C 215 15.10 13.69 15.78
N SER C 216 14.28 13.23 16.73
CA SER C 216 13.19 12.29 16.42
C SER C 216 11.84 12.96 16.49
N ARG C 217 11.00 12.69 15.48
CA ARG C 217 9.63 13.19 15.40
C ARG C 217 8.71 11.99 15.29
N TRP C 218 7.49 12.10 15.83
CA TRP C 218 6.61 10.96 15.95
C TRP C 218 5.29 10.98 15.22
N GLY C 219 4.97 9.85 14.62
CA GLY C 219 3.70 9.60 13.95
C GLY C 219 3.00 8.46 14.68
N LEU C 220 1.67 8.46 14.65
CA LEU C 220 0.86 7.42 15.28
C LEU C 220 0.21 6.62 14.15
N GLY C 221 0.52 5.32 14.09
CA GLY C 221 0.00 4.44 13.03
C GLY C 221 1.04 3.70 12.21
N SER C 222 0.64 3.24 11.00
CA SER C 222 1.44 2.40 10.08
C SER C 222 2.55 3.01 9.17
N PRO C 223 2.45 4.20 8.55
CA PRO C 223 1.36 5.19 8.59
C PRO C 223 0.23 4.81 7.63
N ASN C 224 -0.82 5.61 7.63
CA ASN C 224 -1.94 5.40 6.74
C ASN C 224 -1.68 6.25 5.48
N CYS C 225 -1.21 5.59 4.41
CA CYS C 225 -0.92 6.27 3.14
C CYS C 225 -2.17 6.70 2.37
N HIS C 226 -3.37 6.33 2.88
CA HIS C 226 -4.65 6.68 2.26
C HIS C 226 -5.35 7.85 2.95
N GLY C 227 -4.76 8.42 4.00
CA GLY C 227 -5.36 9.54 4.72
C GLY C 227 -4.59 10.85 4.62
N PRO C 228 -4.74 11.75 5.62
CA PRO C 228 -4.02 13.03 5.58
C PRO C 228 -2.49 12.95 5.55
N ASP C 229 -1.91 11.79 5.92
CA ASP C 229 -0.47 11.57 5.92
C ASP C 229 0.04 10.89 4.63
N TRP C 230 -0.78 10.94 3.55
CA TRP C 230 -0.48 10.34 2.24
C TRP C 230 0.90 10.74 1.66
N ALA C 231 1.37 11.98 1.96
CA ALA C 231 2.62 12.50 1.43
C ALA C 231 3.85 12.15 2.27
N SER C 232 3.67 11.30 3.30
CA SER C 232 4.79 10.84 4.14
C SER C 232 5.85 10.22 3.25
N PRO C 233 7.16 10.49 3.52
CA PRO C 233 8.22 9.84 2.73
C PRO C 233 8.15 8.31 2.80
N VAL C 234 7.53 7.75 3.87
CA VAL C 234 7.32 6.31 4.04
C VAL C 234 6.45 5.74 2.90
N CYS C 235 5.49 6.55 2.41
CA CYS C 235 4.58 6.19 1.31
C CYS C 235 5.28 6.31 -0.05
N GLN C 236 6.55 6.77 -0.06
CA GLN C 236 7.27 7.04 -1.28
C GLN C 236 8.55 6.21 -1.52
N ARG C 237 9.71 6.87 -1.67
CA ARG C 237 10.99 6.23 -2.00
C ARG C 237 11.62 5.51 -0.81
N HIS C 238 11.83 4.19 -0.93
CA HIS C 238 12.41 3.36 0.15
C HIS C 238 13.78 2.79 -0.20
N SER C 239 14.79 3.14 0.63
CA SER C 239 16.15 2.63 0.52
CA SER C 239 16.15 2.63 0.52
C SER C 239 16.59 2.02 1.85
N PRO C 240 16.49 0.66 1.99
CA PRO C 240 16.83 0.03 3.28
C PRO C 240 18.23 0.28 3.81
N ASP C 241 19.21 0.39 2.90
CA ASP C 241 20.62 0.59 3.25
C ASP C 241 21.08 2.03 2.97
N CYS C 242 20.12 2.96 2.72
CA CYS C 242 20.38 4.38 2.40
C CYS C 242 21.33 4.51 1.19
N SER C 243 21.19 3.60 0.22
CA SER C 243 22.02 3.53 -0.98
C SER C 243 21.25 2.97 -2.18
N ARG C 244 20.65 1.78 -2.00
CA ARG C 244 19.92 1.09 -3.06
C ARG C 244 18.42 1.14 -2.87
N LEU C 245 17.71 1.41 -3.96
CA LEU C 245 16.26 1.50 -3.99
C LEU C 245 15.61 0.11 -4.08
N VAL C 246 14.47 -0.09 -3.39
CA VAL C 246 13.69 -1.33 -3.44
C VAL C 246 12.21 -1.02 -3.63
N GLY C 247 11.45 -2.00 -4.09
CA GLY C 247 10.00 -1.94 -4.22
C GLY C 247 9.46 -1.00 -5.27
N ALA C 248 8.24 -0.48 -5.01
CA ALA C 248 7.50 0.43 -5.89
C ALA C 248 8.33 1.61 -6.37
N THR C 249 8.34 1.82 -7.69
CA THR C 249 9.12 2.88 -8.33
C THR C 249 8.30 3.47 -9.49
N PRO C 250 8.25 4.82 -9.64
CA PRO C 250 7.54 5.39 -10.79
C PRO C 250 8.23 4.99 -12.09
N GLU C 251 7.48 5.09 -13.19
CA GLU C 251 8.02 4.81 -14.52
C GLU C 251 9.01 5.92 -14.88
N ARG C 252 9.82 5.72 -15.92
CA ARG C 252 10.71 6.78 -16.37
C ARG C 252 9.83 7.96 -16.83
N PRO C 253 10.23 9.23 -16.56
CA PRO C 253 9.39 10.36 -16.98
C PRO C 253 9.08 10.34 -18.47
N ARG C 254 7.88 10.80 -18.84
CA ARG C 254 7.44 10.85 -20.23
C ARG C 254 7.66 12.25 -20.75
N LEU C 255 8.71 12.42 -21.56
CA LEU C 255 9.12 13.72 -22.11
C LEU C 255 8.42 13.99 -23.43
N ARG C 256 7.87 15.20 -23.55
CA ARG C 256 7.14 15.61 -24.73
C ARG C 256 7.51 17.02 -25.17
N LEU C 257 7.73 17.18 -26.48
CA LEU C 257 7.97 18.49 -27.07
C LEU C 257 6.59 19.03 -27.42
N VAL C 258 6.20 20.15 -26.78
CA VAL C 258 4.86 20.72 -26.95
C VAL C 258 5.00 22.17 -27.42
N ASP C 259 4.55 22.47 -28.65
CA ASP C 259 4.61 23.82 -29.21
C ASP C 259 3.76 24.80 -28.41
N ALA C 260 4.18 26.09 -28.38
CA ALA C 260 3.52 27.16 -27.63
C ALA C 260 2.00 27.29 -27.83
N ASP C 261 1.52 27.04 -29.04
CA ASP C 261 0.09 27.15 -29.34
C ASP C 261 -0.64 25.79 -29.41
N ASP C 262 -0.01 24.72 -28.87
CA ASP C 262 -0.65 23.40 -28.86
C ASP C 262 -1.80 23.40 -27.83
N PRO C 263 -3.04 22.98 -28.21
CA PRO C 263 -4.15 22.95 -27.23
C PRO C 263 -3.90 22.09 -26.00
N LEU C 264 -2.90 21.18 -26.06
CA LEU C 264 -2.53 20.33 -24.92
C LEU C 264 -2.13 21.20 -23.71
N LEU C 265 -1.54 22.40 -23.97
CA LEU C 265 -1.13 23.34 -22.92
C LEU C 265 -2.28 23.93 -22.10
N ARG C 266 -3.54 23.71 -22.52
CA ARG C 266 -4.73 24.14 -21.79
C ARG C 266 -5.01 23.17 -20.63
N THR C 267 -4.31 22.01 -20.62
CA THR C 267 -4.43 20.98 -19.58
C THR C 267 -3.11 20.90 -18.80
N ALA C 268 -3.14 20.25 -17.63
CA ALA C 268 -1.96 20.08 -16.80
C ALA C 268 -1.27 18.74 -17.11
N PRO C 269 0.08 18.66 -17.08
CA PRO C 269 0.72 17.34 -17.28
C PRO C 269 0.36 16.40 -16.14
N GLY C 270 0.28 15.11 -16.45
CA GLY C 270 -0.01 14.08 -15.46
C GLY C 270 1.22 13.76 -14.64
N PRO C 271 1.11 12.94 -13.56
CA PRO C 271 2.31 12.60 -12.77
C PRO C 271 3.39 11.91 -13.61
N GLY C 272 4.61 12.43 -13.51
CA GLY C 272 5.75 11.90 -14.27
C GLY C 272 5.88 12.44 -15.68
N GLU C 273 4.94 13.28 -16.11
CA GLU C 273 4.99 13.87 -17.46
C GLU C 273 5.76 15.17 -17.43
N VAL C 274 6.57 15.40 -18.47
CA VAL C 274 7.38 16.61 -18.60
C VAL C 274 7.16 17.17 -20.01
N TRP C 275 6.57 18.36 -20.08
CA TRP C 275 6.32 19.01 -21.37
C TRP C 275 7.25 20.18 -21.53
N VAL C 276 7.97 20.23 -22.66
CA VAL C 276 8.92 21.30 -22.94
C VAL C 276 8.47 22.14 -24.11
N THR C 277 8.60 23.46 -23.97
CA THR C 277 8.13 24.41 -24.97
C THR C 277 9.19 25.46 -25.31
N PRO C 278 9.63 25.52 -26.58
CA PRO C 278 10.63 26.54 -26.95
C PRO C 278 10.07 27.95 -26.80
N VAL C 279 10.94 28.88 -26.36
CA VAL C 279 10.60 30.29 -26.15
C VAL C 279 11.44 31.07 -27.16
N ILE C 280 10.77 31.89 -28.00
CA ILE C 280 11.42 32.71 -29.02
C ILE C 280 12.56 33.54 -28.43
N GLY C 281 13.74 33.43 -29.04
CA GLY C 281 14.91 34.15 -28.59
C GLY C 281 14.84 35.65 -28.84
N SER C 282 15.42 36.43 -27.90
CA SER C 282 15.53 37.88 -28.01
C SER C 282 16.82 38.19 -28.77
N GLN C 283 17.72 37.19 -28.85
CA GLN C 283 19.02 37.22 -29.53
C GLN C 283 18.98 36.27 -30.72
N ALA C 284 19.76 36.59 -31.77
CA ALA C 284 19.86 35.74 -32.96
C ALA C 284 20.50 34.40 -32.60
N ARG C 285 19.98 33.32 -33.19
CA ARG C 285 20.47 31.93 -33.01
C ARG C 285 20.50 31.44 -31.55
N LYS C 286 19.53 31.92 -30.74
CA LYS C 286 19.34 31.53 -29.34
C LYS C 286 17.86 31.42 -29.06
N CYS C 287 17.51 30.57 -28.08
CA CYS C 287 16.13 30.38 -27.65
C CYS C 287 16.07 29.83 -26.23
N GLY C 288 14.96 30.10 -25.56
CA GLY C 288 14.71 29.64 -24.20
C GLY C 288 13.82 28.42 -24.19
N LEU C 289 13.63 27.83 -23.01
CA LEU C 289 12.77 26.66 -22.88
C LEU C 289 11.92 26.74 -21.63
N HIS C 290 10.60 26.57 -21.80
N HIS C 290 10.59 26.58 -21.80
CA HIS C 290 9.65 26.56 -20.70
CA HIS C 290 9.64 26.56 -20.69
C HIS C 290 9.33 25.10 -20.42
C HIS C 290 9.29 25.11 -20.41
N ILE C 291 9.44 24.69 -19.15
CA ILE C 291 9.21 23.30 -18.75
C ILE C 291 8.03 23.21 -17.77
N ARG C 292 7.11 22.27 -18.05
CA ARG C 292 5.95 21.99 -17.19
C ARG C 292 6.06 20.52 -16.78
N ALA C 293 6.15 20.27 -15.46
CA ALA C 293 6.27 18.90 -14.96
C ALA C 293 5.17 18.57 -13.97
N GLY C 294 4.60 17.37 -14.12
CA GLY C 294 3.56 16.86 -13.24
C GLY C 294 4.23 16.09 -12.11
N PRO C 295 4.26 16.63 -10.87
CA PRO C 295 4.94 15.90 -9.78
C PRO C 295 4.27 14.58 -9.43
N TYR C 296 5.07 13.63 -8.92
CA TYR C 296 4.54 12.35 -8.45
C TYR C 296 3.58 12.67 -7.30
N GLY C 297 2.42 12.02 -7.31
CA GLY C 297 1.44 12.20 -6.24
C GLY C 297 0.68 13.51 -6.29
N HIS C 298 0.85 14.29 -7.39
CA HIS C 298 0.16 15.57 -7.68
C HIS C 298 0.65 16.78 -6.89
N ALA C 299 1.71 16.62 -6.07
CA ALA C 299 2.25 17.69 -5.25
C ALA C 299 3.71 17.47 -4.90
N THR C 300 4.43 18.58 -4.67
CA THR C 300 5.84 18.55 -4.28
C THR C 300 5.89 18.65 -2.75
N VAL C 301 6.57 17.69 -2.11
CA VAL C 301 6.65 17.65 -0.66
C VAL C 301 7.69 18.66 -0.13
N GLU C 302 7.28 19.48 0.85
CA GLU C 302 8.14 20.44 1.54
CA GLU C 302 8.15 20.43 1.54
C GLU C 302 8.44 19.80 2.90
N MET C 303 9.58 19.10 3.00
CA MET C 303 9.98 18.34 4.19
C MET C 303 9.89 19.00 5.57
N PRO C 304 10.53 20.16 5.85
CA PRO C 304 10.39 20.75 7.19
C PRO C 304 8.95 21.06 7.56
N GLU C 305 8.17 21.57 6.58
CA GLU C 305 6.76 21.91 6.74
C GLU C 305 5.90 20.66 6.96
N TRP C 306 6.17 19.57 6.21
CA TRP C 306 5.42 18.32 6.36
C TRP C 306 5.66 17.74 7.74
N ILE C 307 6.93 17.62 8.16
CA ILE C 307 7.31 17.09 9.47
C ILE C 307 6.67 17.92 10.60
N HIS C 308 6.75 19.26 10.52
CA HIS C 308 6.19 20.16 11.53
C HIS C 308 4.68 19.92 11.78
N ALA C 309 3.90 19.73 10.72
CA ALA C 309 2.45 19.55 10.83
C ALA C 309 1.97 18.10 11.01
N HIS C 310 2.70 17.12 10.48
CA HIS C 310 2.29 15.71 10.50
C HIS C 310 2.94 14.83 11.56
N THR C 311 3.72 15.43 12.47
CA THR C 311 4.39 14.69 13.54
C THR C 311 4.31 15.46 14.86
N THR C 312 4.69 14.81 15.97
CA THR C 312 4.75 15.42 17.29
C THR C 312 6.17 15.28 17.83
N SER C 313 6.51 16.08 18.86
CA SER C 313 7.84 16.02 19.49
C SER C 313 7.99 14.75 20.32
N ASP C 314 6.88 14.18 20.82
CA ASP C 314 6.89 13.00 21.65
C ASP C 314 5.85 11.96 21.21
N PRO C 315 6.06 10.65 21.51
CA PRO C 315 5.04 9.65 21.15
C PRO C 315 3.74 9.91 21.92
N TRP C 316 2.61 9.62 21.28
CA TRP C 316 1.31 9.82 21.90
C TRP C 316 0.97 8.71 22.87
N HIS C 317 0.24 9.06 23.94
CA HIS C 317 -0.28 8.09 24.91
C HIS C 317 -1.71 8.50 25.30
N PRO C 318 -2.59 7.54 25.67
CA PRO C 318 -3.95 7.93 26.11
C PRO C 318 -3.96 8.84 27.35
N PRO C 319 -5.04 9.61 27.60
CA PRO C 319 -5.03 10.56 28.72
C PRO C 319 -5.09 10.02 30.14
N GLY C 320 -5.46 8.75 30.28
CA GLY C 320 -5.61 8.13 31.60
C GLY C 320 -6.99 8.42 32.18
N PRO C 321 -7.16 8.43 33.52
CA PRO C 321 -6.14 8.22 34.56
C PRO C 321 -5.79 6.74 34.74
N LEU C 322 -4.87 6.45 35.67
CA LEU C 322 -4.50 5.08 36.00
C LEU C 322 -5.29 4.70 37.25
N GLY C 323 -5.74 3.45 37.30
CA GLY C 323 -6.49 2.93 38.43
C GLY C 323 -5.57 2.24 39.40
N LEU C 324 -5.38 2.81 40.60
CA LEU C 324 -4.49 2.23 41.60
C LEU C 324 -5.25 1.31 42.53
N LYS C 325 -5.02 -0.01 42.39
CA LYS C 325 -5.68 -1.04 43.21
C LYS C 325 -4.67 -1.55 44.26
N PHE C 326 -4.83 -1.08 45.51
CA PHE C 326 -3.95 -1.44 46.63
C PHE C 326 -4.47 -2.68 47.34
N LYS C 327 -3.60 -3.71 47.45
CA LYS C 327 -3.96 -4.98 48.08
C LYS C 327 -3.03 -5.32 49.25
N THR C 328 -3.53 -6.15 50.18
CA THR C 328 -2.76 -6.62 51.35
C THR C 328 -1.95 -7.88 51.00
N VAL C 329 -2.03 -8.31 49.71
CA VAL C 329 -1.30 -9.46 49.14
C VAL C 329 0.20 -9.21 49.36
N ARG C 330 0.89 -10.15 50.03
CA ARG C 330 2.32 -10.08 50.39
C ARG C 330 3.22 -9.61 49.23
N PRO C 331 4.23 -8.72 49.48
CA PRO C 331 5.10 -8.26 48.39
C PRO C 331 5.97 -9.37 47.79
N VAL C 332 6.17 -9.34 46.47
C ARG C 336 18.04 -14.55 41.55
N ALA C 337 19.22 -13.90 41.68
CA ALA C 337 20.25 -13.89 40.65
C ALA C 337 20.99 -15.24 40.60
N LEU C 338 20.88 -15.91 39.45
CA LEU C 338 21.51 -17.21 39.21
C LEU C 338 22.79 -17.02 38.40
N ALA C 339 23.48 -18.14 38.10
CA ALA C 339 24.68 -18.16 37.26
C ALA C 339 24.26 -17.78 35.83
N PRO C 340 25.18 -17.28 34.96
CA PRO C 340 24.75 -16.93 33.59
C PRO C 340 24.31 -18.16 32.79
N PRO C 341 23.49 -18.03 31.72
CA PRO C 341 23.18 -19.23 30.93
C PRO C 341 24.43 -19.63 30.13
N ARG C 342 24.49 -20.86 29.63
CA ARG C 342 25.67 -21.31 28.90
C ARG C 342 25.32 -21.84 27.52
N ASN C 343 26.33 -21.87 26.61
CA ASN C 343 26.21 -22.33 25.23
C ASN C 343 25.06 -21.63 24.50
N VAL C 344 24.90 -20.33 24.77
CA VAL C 344 23.83 -19.53 24.18
C VAL C 344 24.19 -19.14 22.77
N ARG C 345 23.24 -19.32 21.85
CA ARG C 345 23.36 -18.95 20.45
C ARG C 345 22.18 -18.07 20.06
N VAL C 346 22.47 -16.99 19.33
CA VAL C 346 21.46 -16.06 18.82
C VAL C 346 21.56 -16.06 17.28
N THR C 347 20.45 -16.35 16.58
CA THR C 347 20.42 -16.44 15.12
CA THR C 347 20.42 -16.40 15.11
C THR C 347 19.24 -15.65 14.54
N GLY C 348 19.49 -14.92 13.44
CA GLY C 348 18.47 -14.16 12.74
C GLY C 348 18.89 -12.73 12.47
N CYS C 349 18.02 -11.78 12.84
CA CYS C 349 18.27 -10.36 12.67
C CYS C 349 17.78 -9.56 13.88
N TYR C 350 18.19 -8.29 13.98
CA TYR C 350 17.75 -7.38 15.04
C TYR C 350 17.12 -6.15 14.38
N GLN C 351 16.20 -5.45 15.10
CA GLN C 351 15.47 -4.28 14.61
C GLN C 351 14.89 -4.51 13.20
N CYS C 352 14.39 -5.73 12.96
CA CYS C 352 13.92 -6.19 11.65
C CYS C 352 12.47 -6.63 11.56
N GLY C 353 11.86 -6.97 12.69
CA GLY C 353 10.46 -7.42 12.69
C GLY C 353 10.26 -8.93 12.63
N THR C 354 11.36 -9.69 12.46
CA THR C 354 11.31 -11.15 12.48
C THR C 354 11.99 -11.60 13.78
N PRO C 355 11.27 -12.31 14.67
CA PRO C 355 11.91 -12.76 15.92
C PRO C 355 13.17 -13.60 15.67
N ALA C 356 14.24 -13.31 16.41
CA ALA C 356 15.50 -14.04 16.34
C ALA C 356 15.39 -15.28 17.22
N LEU C 357 16.14 -16.34 16.88
CA LEU C 357 16.13 -17.56 17.69
C LEU C 357 17.21 -17.46 18.76
N VAL C 358 16.81 -17.62 20.03
CA VAL C 358 17.71 -17.58 21.19
C VAL C 358 17.63 -18.96 21.84
N GLU C 359 18.76 -19.69 21.86
CA GLU C 359 18.82 -21.03 22.42
C GLU C 359 20.04 -21.18 23.33
N GLY C 360 19.89 -21.98 24.37
CA GLY C 360 20.97 -22.20 25.31
C GLY C 360 20.59 -23.10 26.46
N LEU C 361 21.44 -23.09 27.50
CA LEU C 361 21.22 -23.90 28.70
C LEU C 361 21.08 -23.01 29.93
N ALA C 362 19.90 -23.03 30.54
CA ALA C 362 19.64 -22.28 31.76
C ALA C 362 20.26 -23.06 32.94
N PRO C 363 20.85 -22.37 33.95
CA PRO C 363 21.50 -23.10 35.05
C PRO C 363 20.51 -23.72 36.03
N GLY C 364 21.03 -24.51 36.97
CA GLY C 364 20.20 -25.07 38.04
C GLY C 364 19.97 -24.01 39.12
N GLY C 365 19.04 -24.28 40.03
CA GLY C 365 18.76 -23.39 41.15
C GLY C 365 17.47 -22.58 41.10
N GLY C 366 16.80 -22.61 39.95
CA GLY C 366 15.55 -21.89 39.75
C GLY C 366 15.36 -21.47 38.30
N ASN C 367 14.35 -20.62 38.05
CA ASN C 367 14.06 -20.15 36.70
C ASN C 367 14.98 -19.00 36.32
N CYS C 368 15.59 -19.09 35.14
CA CYS C 368 16.50 -18.07 34.63
C CYS C 368 15.70 -16.93 34.01
N HIS C 369 15.76 -15.73 34.60
CA HIS C 369 15.10 -14.54 34.04
C HIS C 369 16.10 -14.02 33.01
N LEU C 370 15.96 -14.55 31.80
CA LEU C 370 16.88 -14.32 30.70
C LEU C 370 16.86 -12.93 30.09
N THR C 371 18.04 -12.32 30.00
CA THR C 371 18.24 -11.03 29.35
C THR C 371 19.28 -11.17 28.24
N VAL C 372 19.06 -10.47 27.12
CA VAL C 372 19.94 -10.46 25.95
C VAL C 372 20.27 -8.97 25.78
N ASN C 373 21.51 -8.56 26.16
CA ASN C 373 21.92 -7.15 26.18
C ASN C 373 20.91 -6.29 27.00
N GLY C 374 20.47 -6.84 28.14
CA GLY C 374 19.52 -6.20 29.03
C GLY C 374 18.06 -6.30 28.64
N GLU C 375 17.76 -6.85 27.45
CA GLU C 375 16.38 -6.99 26.96
C GLU C 375 15.77 -8.27 27.54
N ASP C 376 14.59 -8.14 28.15
CA ASP C 376 13.84 -9.24 28.75
C ASP C 376 13.28 -10.15 27.64
N VAL C 377 13.68 -11.43 27.66
CA VAL C 377 13.20 -12.40 26.66
C VAL C 377 12.38 -13.54 27.29
N GLY C 378 12.10 -13.41 28.58
CA GLY C 378 11.32 -14.38 29.35
C GLY C 378 12.11 -15.14 30.39
N ALA C 379 11.42 -15.99 31.15
CA ALA C 379 12.03 -16.82 32.19
C ALA C 379 11.94 -18.30 31.79
N PHE C 380 13.02 -19.05 32.06
CA PHE C 380 13.11 -20.44 31.64
C PHE C 380 13.56 -21.38 32.73
N PRO C 381 12.95 -22.60 32.83
CA PRO C 381 13.40 -23.57 33.85
C PRO C 381 14.82 -24.08 33.54
N PRO C 382 15.54 -24.67 34.52
CA PRO C 382 16.90 -25.18 34.24
C PRO C 382 16.98 -26.12 33.03
N GLY C 383 18.10 -26.06 32.33
CA GLY C 383 18.35 -26.89 31.16
C GLY C 383 18.08 -26.18 29.85
N LYS C 384 17.89 -26.97 28.79
CA LYS C 384 17.68 -26.48 27.44
C LYS C 384 16.48 -25.55 27.30
N PHE C 385 16.71 -24.42 26.64
CA PHE C 385 15.64 -23.48 26.31
C PHE C 385 15.80 -23.03 24.88
N VAL C 386 14.67 -22.70 24.26
CA VAL C 386 14.56 -22.20 22.88
CA VAL C 386 14.58 -22.17 22.91
C VAL C 386 13.45 -21.14 22.88
N THR C 387 13.76 -19.93 22.39
CA THR C 387 12.77 -18.85 22.33
C THR C 387 12.94 -18.00 21.08
N ALA C 388 11.82 -17.43 20.60
CA ALA C 388 11.82 -16.54 19.44
C ALA C 388 11.60 -15.14 20.00
N ALA C 389 12.65 -14.31 19.99
CA ALA C 389 12.59 -12.96 20.55
C ALA C 389 12.87 -11.86 19.56
N LEU C 390 12.08 -10.78 19.64
CA LEU C 390 12.30 -9.62 18.78
C LEU C 390 13.38 -8.79 19.46
N LEU C 391 14.57 -8.75 18.86
CA LEU C 391 15.71 -8.05 19.45
C LEU C 391 15.88 -6.64 18.90
N ASN C 392 16.13 -5.67 19.80
CA ASN C 392 16.36 -4.27 19.46
C ASN C 392 17.84 -3.90 19.45
N THR C 393 18.70 -4.75 20.03
CA THR C 393 20.12 -4.44 20.12
C THR C 393 20.95 -5.23 19.11
N PRO C 394 22.09 -4.67 18.64
CA PRO C 394 22.95 -5.42 17.71
C PRO C 394 23.90 -6.39 18.43
N PRO C 395 24.55 -7.34 17.71
CA PRO C 395 25.57 -8.17 18.37
C PRO C 395 26.82 -7.32 18.70
N PRO C 396 27.72 -7.72 19.63
CA PRO C 396 27.72 -8.96 20.44
C PRO C 396 26.62 -8.97 21.50
N TYR C 397 26.21 -10.18 21.90
CA TYR C 397 25.15 -10.37 22.89
C TYR C 397 25.65 -10.86 24.22
N GLN C 398 25.40 -10.06 25.26
CA GLN C 398 25.73 -10.40 26.66
C GLN C 398 24.45 -11.01 27.24
N VAL C 399 24.56 -12.25 27.71
CA VAL C 399 23.41 -12.99 28.25
C VAL C 399 23.54 -13.21 29.75
N SER C 400 22.42 -13.03 30.48
CA SER C 400 22.40 -13.14 31.93
C SER C 400 21.09 -13.72 32.47
N CYS C 401 21.13 -14.27 33.70
CA CYS C 401 19.96 -14.78 34.43
C CYS C 401 19.67 -13.84 35.62
N GLY C 402 20.20 -12.62 35.56
CA GLY C 402 20.02 -11.61 36.61
C GLY C 402 21.25 -11.30 37.44
N GLY C 403 22.31 -12.09 37.26
CA GLY C 403 23.58 -11.91 37.95
C GLY C 403 24.69 -11.60 36.98
N GLU C 404 25.74 -12.44 36.97
CA GLU C 404 26.88 -12.30 36.07
C GLU C 404 26.46 -12.60 34.63
N SER C 405 27.13 -11.95 33.67
CA SER C 405 26.84 -12.12 32.24
C SER C 405 27.91 -12.93 31.53
N ASP C 406 27.52 -13.57 30.40
CA ASP C 406 28.41 -14.33 29.54
C ASP C 406 28.16 -13.92 28.08
N ARG C 407 29.14 -14.14 27.20
CA ARG C 407 29.04 -13.80 25.79
C ARG C 407 28.40 -14.95 24.99
N ALA C 408 27.28 -14.67 24.31
CA ALA C 408 26.59 -15.64 23.48
C ALA C 408 27.28 -15.72 22.11
N SER C 409 27.10 -16.83 21.39
CA SER C 409 27.61 -16.93 20.02
C SER C 409 26.48 -16.36 19.15
N ALA C 410 26.85 -15.59 18.11
CA ALA C 410 25.81 -14.98 17.28
C ALA C 410 26.06 -15.00 15.80
N ARG C 411 24.96 -15.19 15.04
CA ARG C 411 24.89 -15.12 13.60
C ARG C 411 23.65 -14.25 13.36
N VAL C 412 23.81 -12.94 13.64
CA VAL C 412 22.73 -11.95 13.56
C VAL C 412 23.08 -10.84 12.59
N ILE C 413 22.18 -10.59 11.62
CA ILE C 413 22.37 -9.55 10.61
C ILE C 413 21.58 -8.28 10.95
N ASP C 414 21.98 -7.15 10.37
CA ASP C 414 21.33 -5.87 10.64
C ASP C 414 20.04 -5.66 9.78
N PRO C 415 19.20 -4.63 10.08
CA PRO C 415 17.96 -4.44 9.29
C PRO C 415 18.17 -4.25 7.80
N ALA C 416 19.24 -3.53 7.38
CA ALA C 416 19.53 -3.33 5.96
C ALA C 416 19.86 -4.69 5.29
N ALA C 417 20.70 -5.52 5.96
CA ALA C 417 21.05 -6.86 5.45
C ALA C 417 19.81 -7.75 5.35
N GLN C 418 18.90 -7.66 6.34
CA GLN C 418 17.64 -8.42 6.34
C GLN C 418 16.78 -8.05 5.13
N SER C 419 16.73 -6.73 4.82
CA SER C 419 15.97 -6.20 3.69
C SER C 419 16.47 -6.75 2.34
N PHE C 420 17.76 -7.16 2.27
CA PHE C 420 18.34 -7.73 1.05
C PHE C 420 18.51 -9.25 1.10
N THR C 421 18.07 -9.89 2.21
CA THR C 421 18.12 -11.35 2.37
C THR C 421 16.87 -11.95 1.72
N GLY C 422 17.08 -12.98 0.91
CA GLY C 422 16.01 -13.66 0.19
C GLY C 422 15.72 -13.04 -1.17
N VAL C 423 16.59 -12.11 -1.59
CA VAL C 423 16.51 -11.45 -2.90
C VAL C 423 17.89 -11.38 -3.56
N VAL C 424 17.91 -11.34 -4.89
CA VAL C 424 19.14 -11.16 -5.68
C VAL C 424 18.95 -9.78 -6.32
N TYR C 425 19.68 -8.78 -5.83
CA TYR C 425 19.55 -7.41 -6.30
C TYR C 425 20.09 -7.16 -7.71
N GLY C 426 19.42 -6.26 -8.43
CA GLY C 426 19.88 -5.77 -9.73
C GLY C 426 19.48 -6.52 -10.97
N THR C 427 20.11 -6.13 -12.09
CA THR C 427 19.87 -6.64 -13.44
C THR C 427 19.95 -8.16 -13.50
N HIS C 428 18.96 -8.78 -14.13
CA HIS C 428 18.94 -10.21 -14.35
C HIS C 428 19.28 -10.42 -15.82
N THR C 429 20.29 -11.23 -16.09
CA THR C 429 20.69 -11.46 -17.49
C THR C 429 20.54 -12.92 -17.92
N THR C 430 20.35 -13.12 -19.23
N THR C 430 20.33 -13.11 -19.23
CA THR C 430 20.26 -14.44 -19.86
CA THR C 430 20.22 -14.42 -19.89
C THR C 430 20.84 -14.34 -21.27
C THR C 430 20.86 -14.33 -21.27
N ALA C 431 21.33 -15.48 -21.78
CA ALA C 431 21.94 -15.54 -23.11
C ALA C 431 21.17 -16.58 -23.92
N VAL C 432 20.71 -16.19 -25.11
CA VAL C 432 20.06 -17.10 -26.04
C VAL C 432 21.15 -17.48 -27.05
N SER C 433 21.49 -18.76 -27.12
CA SER C 433 22.52 -19.20 -28.05
C SER C 433 21.96 -19.44 -29.44
N GLU C 434 22.84 -19.44 -30.46
CA GLU C 434 22.49 -19.78 -31.84
C GLU C 434 22.15 -21.29 -31.84
N THR C 435 21.33 -21.76 -32.78
CA THR C 435 21.01 -23.19 -32.82
C THR C 435 22.19 -24.04 -33.32
N ARG C 436 22.34 -25.25 -32.78
C1 NAG D . -0.21 -22.09 -22.37
C2 NAG D . 0.20 -23.49 -21.92
C3 NAG D . -0.55 -24.53 -22.76
C4 NAG D . -2.05 -24.28 -22.69
C5 NAG D . -2.39 -22.85 -23.11
C6 NAG D . -3.84 -22.49 -22.95
C7 NAG D . 2.50 -23.55 -21.01
C8 NAG D . 3.93 -23.88 -21.32
N2 NAG D . 1.64 -23.68 -22.04
O3 NAG D . -0.25 -25.83 -22.29
O4 NAG D . -2.73 -25.20 -23.55
O5 NAG D . -1.63 -21.93 -22.30
O6 NAG D . -4.24 -22.43 -21.58
O7 NAG D . 2.13 -23.22 -19.88
C1 GOL E . 15.86 -12.07 -18.84
O1 GOL E . 17.09 -11.41 -18.61
C2 GOL E . 15.15 -12.39 -17.55
O2 GOL E . 13.92 -11.68 -17.48
C3 GOL E . 14.94 -13.86 -17.33
O3 GOL E . 14.01 -14.41 -18.25
C1 GOL F . 1.06 -5.88 -26.56
O1 GOL F . -0.32 -5.60 -26.75
C2 GOL F . 1.62 -6.61 -27.76
O2 GOL F . 1.55 -5.79 -28.92
C3 GOL F . 3.04 -7.07 -27.53
O3 GOL F . 3.91 -5.97 -27.28
C1 GOL G . 8.86 -20.56 25.06
O1 GOL G . 9.99 -21.32 24.69
C2 GOL G . 9.22 -19.10 25.25
O2 GOL G . 9.21 -18.43 24.00
C3 GOL G . 8.27 -18.42 26.21
O3 GOL G . 8.67 -17.07 26.42
C1 GOL H . -38.98 -16.49 24.47
O1 GOL H . -39.41 -16.32 23.13
C2 GOL H . -39.27 -17.89 24.96
O2 GOL H . -40.64 -18.22 24.72
C3 GOL H . -38.37 -18.93 24.31
O3 GOL H . -38.65 -20.22 24.83
C1 GOL I . 24.67 3.24 -30.68
O1 GOL I . 24.84 1.83 -30.68
C2 GOL I . 25.99 3.96 -30.78
O2 GOL I . 26.82 3.60 -29.68
C3 GOL I . 26.72 3.69 -32.07
O3 GOL I . 27.82 4.57 -32.23
C1 GOL J . 4.97 -1.81 -49.34
O1 GOL J . 5.80 -1.21 -50.32
C2 GOL J . 3.55 -1.32 -49.46
O2 GOL J . 2.69 -2.21 -48.75
C3 GOL J . 3.38 0.08 -48.90
O3 GOL J . 4.08 1.04 -49.69
NA NA K . 19.06 -6.83 -46.67
C ACT L . 17.69 -11.10 -50.26
O ACT L . 18.22 -10.20 -49.58
OXT ACT L . 17.45 -11.02 -51.49
CH3 ACT L . 17.28 -12.40 -49.54
C ACT M . -20.89 -8.95 -8.70
O ACT M . -20.80 -7.74 -8.43
OXT ACT M . -20.69 -9.45 -9.84
CH3 ACT M . -21.23 -9.91 -7.55
C1 PEG N . 21.96 2.06 -32.91
O1 PEG N . 21.02 2.91 -32.26
C2 PEG N . 22.74 2.80 -33.97
O2 PEG N . 24.12 2.43 -33.91
C3 PEG N . 24.50 1.52 -34.93
C4 PEG N . 25.96 1.65 -35.24
O4 PEG N . 26.38 0.69 -36.20
C1 NAG O . -8.34 -26.00 26.07
C2 NAG O . -9.65 -26.75 26.33
C3 NAG O . -9.42 -28.23 26.03
C4 NAG O . -8.90 -28.41 24.60
C5 NAG O . -7.65 -27.57 24.38
C6 NAG O . -7.15 -27.58 22.95
C7 NAG O . -11.18 -25.88 28.05
C8 NAG O . -11.47 -25.80 29.52
N2 NAG O . -10.08 -26.57 27.71
O3 NAG O . -10.65 -28.93 26.19
O4 NAG O . -8.61 -29.79 24.38
O5 NAG O . -7.92 -26.20 24.72
O6 NAG O . -8.06 -26.93 22.06
O7 NAG O . -11.91 -25.35 27.22
C1 NGA P . -18.49 -6.65 -24.80
C2 NGA P . -20.00 -6.73 -24.59
C3 NGA P . -20.27 -8.21 -24.35
C4 NGA P . -19.85 -9.05 -25.55
C5 NGA P . -18.39 -8.77 -25.91
C6 NGA P . -17.96 -9.36 -27.24
C7 NGA P . -21.26 -4.82 -23.67
C8 NGA P . -21.68 -4.12 -22.41
N2 NGA P . -20.49 -5.91 -23.50
O3 NGA P . -21.66 -8.42 -24.07
O4 NGA P . -20.70 -8.77 -26.67
O5 NGA P . -18.17 -7.35 -26.01
O6 NGA P . -16.67 -8.89 -27.63
O7 NGA P . -21.61 -4.43 -24.78
C1 NGA Q . -20.92 1.52 -25.40
C2 NGA Q . -22.42 1.43 -25.11
C3 NGA Q . -23.12 2.17 -26.25
C4 NGA Q . -22.66 3.61 -26.33
C5 NGA Q . -21.13 3.70 -26.41
C6 NGA Q . -20.59 5.09 -26.28
C7 NGA Q . -23.88 -0.25 -24.06
C8 NGA Q . -24.39 -1.67 -24.13
N2 NGA Q . -22.94 0.08 -24.96
O3 NGA Q . -24.53 2.11 -26.08
O4 NGA Q . -23.14 4.35 -25.20
O5 NGA Q . -20.55 2.90 -25.36
O6 NGA Q . -19.17 5.11 -26.26
O7 NGA Q . -24.32 0.54 -23.23
C1 NAG R . -16.95 19.59 -18.52
C2 NAG R . -18.45 19.67 -18.19
C3 NAG R . -18.96 21.06 -18.54
C4 NAG R . -18.14 22.13 -17.83
C5 NAG R . -16.66 21.96 -18.16
C6 NAG R . -15.75 22.91 -17.40
C7 NAG R . -19.57 17.48 -18.41
C8 NAG R . -20.39 16.60 -19.31
N2 NAG R . -19.19 18.66 -18.93
O3 NAG R . -20.33 21.17 -18.14
O4 NAG R . -18.58 23.42 -18.24
O5 NAG R . -16.24 20.63 -17.84
O6 NAG R . -15.71 22.62 -16.01
O7 NAG R . -19.27 17.13 -17.28
C1 GOL S . 1.31 20.91 17.48
O1 GOL S . 0.53 21.81 16.71
C2 GOL S . 0.95 19.48 17.14
O2 GOL S . 1.15 18.64 18.28
C3 GOL S . 1.76 18.96 15.97
O3 GOL S . 3.11 18.71 16.34
C1 GOL T . 4.01 8.66 -43.53
O1 GOL T . 3.57 8.64 -42.17
C2 GOL T . 3.07 9.50 -44.37
O2 GOL T . 3.01 10.83 -43.86
C3 GOL T . 3.45 9.53 -45.83
O3 GOL T . 4.59 10.36 -46.06
C1 GOL U . 3.29 17.78 -45.48
O1 GOL U . 2.95 17.65 -46.85
C2 GOL U . 4.48 18.70 -45.29
O2 GOL U . 5.56 18.26 -46.12
C3 GOL U . 4.16 20.14 -45.59
O3 GOL U . 3.31 20.70 -44.60
NA NA V . -7.66 7.74 -49.69
C ACT W . -11.55 13.26 -51.73
O ACT W . -11.40 12.29 -52.50
OXT ACT W . -11.03 14.38 -51.87
CH3 ACT W . -12.48 13.07 -50.51
C ACT X . -14.58 18.67 -44.87
O ACT X . -13.37 18.29 -44.85
OXT ACT X . -15.06 19.59 -44.19
CH3 ACT X . -15.53 17.90 -45.82
C ACT Y . -4.85 15.49 -15.72
O ACT Y . -4.48 16.57 -16.24
OXT ACT Y . -4.16 14.44 -15.65
CH3 ACT Y . -6.26 15.46 -15.09
C ACT Z . -2.04 23.95 -47.82
O ACT Z . -1.88 23.08 -46.92
OXT ACT Z . -3.11 24.15 -48.44
CH3 ACT Z . -0.84 24.84 -48.17
C1 PEG AA . -20.86 10.68 -0.70
O1 PEG AA . -20.64 10.56 0.69
C2 PEG AA . -19.79 11.52 -1.35
O2 PEG AA . -19.82 12.83 -0.81
C3 PEG AA . -19.24 13.80 -1.68
C4 PEG AA . -18.98 15.06 -0.93
O4 PEG AA . -18.46 16.08 -1.78
C1 NAG BA . -23.05 6.97 29.20
C2 NAG BA . -23.20 8.21 30.08
C3 NAG BA . -24.57 8.84 29.82
C4 NAG BA . -24.75 9.14 28.33
C5 NAG BA . -24.49 7.89 27.50
C6 NAG BA . -24.51 8.14 26.01
C7 NAG BA . -22.03 8.26 32.25
C8 NAG BA . -22.05 7.80 33.67
N2 NAG BA . -23.06 7.86 31.49
O3 NAG BA . -24.67 10.04 30.58
O4 NAG BA . -26.07 9.62 28.10
O5 NAG BA . -23.21 7.33 27.82
O6 NAG BA . -23.40 8.93 25.59
O7 NAG BA . -21.11 8.95 31.81
C1 NGA CA . 5.58 28.20 -13.52
C2 NGA CA . 6.11 29.46 -12.84
C3 NGA CA . 4.89 30.31 -12.57
C4 NGA CA . 4.22 30.71 -13.89
C5 NGA CA . 3.95 29.47 -14.75
C6 NGA CA . 3.58 29.81 -16.18
C7 NGA CA . 8.31 29.10 -11.77
C8 NGA CA . 9.25 30.06 -12.41
N2 NGA CA . 7.03 29.48 -11.71
O3 NGA CA . 5.24 31.47 -11.82
O4 NGA CA . 5.06 31.64 -14.58
O5 NGA CA . 5.11 28.63 -14.81
O6 NGA CA . 3.36 28.63 -16.95
O7 NGA CA . 8.69 28.04 -11.27
C1 NGA DA . 14.02 26.55 -13.65
C2 NGA DA . 14.55 27.64 -12.69
C3 NGA DA . 15.65 28.37 -13.46
C4 NGA DA . 16.77 27.39 -13.84
C5 NGA DA . 16.20 26.19 -14.59
C6 NGA DA . 17.21 25.07 -14.78
C7 NGA DA . 13.53 29.08 -10.97
C8 NGA DA . 12.47 30.12 -10.69
N2 NGA DA . 13.54 28.57 -12.22
O3 NGA DA . 16.18 29.44 -12.69
O4 NGA DA . 17.48 26.98 -12.67
O5 NGA DA . 15.10 25.63 -13.86
O6 NGA DA . 16.62 23.94 -15.40
O7 NGA DA . 14.33 28.75 -10.11
C1 NAG EA . 27.24 12.27 -10.29
C2 NAG EA . 27.91 13.28 -9.35
C3 NAG EA . 29.42 13.19 -9.52
C4 NAG EA . 29.91 11.77 -9.31
C5 NAG EA . 29.17 10.81 -10.24
C6 NAG EA . 29.50 9.35 -10.02
C7 NAG EA . 26.47 15.24 -8.91
C8 NAG EA . 26.19 16.66 -9.29
N2 NAG EA . 27.43 14.63 -9.62
O3 NAG EA . 30.06 14.06 -8.59
O4 NAG EA . 31.31 11.69 -9.56
O5 NAG EA . 27.74 10.94 -10.06
O6 NAG EA . 29.02 8.88 -8.76
O7 NAG EA . 25.86 14.68 -8.00
C1 GOL FA . 26.47 -31.87 34.06
O1 GOL FA . 26.75 -32.47 32.79
C2 GOL FA . 25.82 -30.51 33.91
O2 GOL FA . 24.50 -30.68 33.39
C3 GOL FA . 25.74 -29.87 35.27
O3 GOL FA . 24.62 -29.00 35.35
C1 GOL GA . 21.21 -29.87 34.15
O1 GOL GA . 22.21 -30.31 35.05
C2 GOL GA . 21.63 -28.59 33.48
O2 GOL GA . 23.02 -28.64 33.18
C3 GOL GA . 21.35 -27.38 34.34
O3 GOL GA . 21.93 -26.21 33.76
C1 GOL HA . 0.46 22.25 -33.17
O1 GOL HA . 0.24 21.60 -31.93
C2 GOL HA . 0.29 23.74 -33.04
O2 GOL HA . 1.03 24.42 -34.06
C3 GOL HA . -1.16 24.18 -33.11
O3 GOL HA . -1.61 24.28 -34.45
C1 GOL IA . 13.95 -16.81 11.88
O1 GOL IA . 12.98 -17.84 11.72
C2 GOL IA . 14.62 -16.87 13.23
O2 GOL IA . 13.64 -17.12 14.25
C3 GOL IA . 15.68 -17.94 13.29
O3 GOL IA . 16.94 -17.41 12.88
C1 GOL JA . 21.59 6.74 -44.66
O1 GOL JA . 20.20 6.48 -44.89
C2 GOL JA . 21.80 7.47 -43.35
O2 GOL JA . 23.19 7.51 -43.03
C3 GOL JA . 21.23 8.87 -43.35
O3 GOL JA . 21.94 9.71 -44.25
C1 GOL KA . 9.19 -19.85 20.24
O1 GOL KA . 9.16 -19.13 21.46
C2 GOL KA . 10.24 -20.95 20.28
O2 GOL KA . 9.72 -22.09 20.97
C3 GOL KA . 10.70 -21.33 18.90
O3 GOL KA . 9.66 -21.94 18.15
NA NA LA . 17.56 23.41 -41.63
C ACT MA . 23.03 24.49 -42.70
O ACT MA . 21.80 24.31 -42.51
OXT ACT MA . 23.89 24.64 -41.79
CH3 ACT MA . 23.52 24.54 -44.15
C1 PEG NA . 28.81 19.29 -29.23
O1 PEG NA . 27.58 18.85 -28.70
C2 PEG NA . 28.66 20.50 -30.11
O2 PEG NA . 27.98 20.14 -31.32
C3 PEG NA . 28.62 20.61 -32.49
C4 PEG NA . 27.62 20.97 -33.54
O4 PEG NA . 28.23 21.20 -34.82
C1 PEG OA . 21.77 29.05 -19.50
O1 PEG OA . 20.51 28.93 -18.86
C2 PEG OA . 22.58 27.79 -19.36
O2 PEG OA . 23.87 27.97 -19.93
C3 PEG OA . 24.78 26.94 -19.61
C4 PEG OA . 26.09 27.52 -19.21
O4 PEG OA . 26.67 28.27 -20.27
C1 NAG PA . 12.37 2.09 35.48
C2 NAG PA . 13.41 1.18 36.16
C3 NAG PA . 14.67 2.01 36.46
C4 NAG PA . 15.17 2.70 35.19
C5 NAG PA . 14.06 3.53 34.56
C6 NAG PA . 14.44 4.15 33.22
C7 NAG PA . 12.63 -0.71 37.51
C8 NAG PA . 12.08 -1.13 38.84
N2 NAG PA . 12.88 0.60 37.37
O3 NAG PA . 15.67 1.14 36.98
O4 NAG PA . 16.28 3.54 35.52
O5 NAG PA . 12.91 2.69 34.31
O6 NAG PA . 14.64 3.16 32.22
O7 NAG PA . 12.84 -1.52 36.60
C1 NGA QA . 24.28 -11.89 -16.88
C2 NGA QA . 24.89 -13.25 -16.53
C3 NGA QA . 26.12 -12.89 -15.70
C4 NGA QA . 27.11 -12.07 -16.52
C5 NGA QA . 26.43 -10.83 -17.11
C6 NGA QA . 27.24 -10.10 -18.14
C7 NGA QA . 23.48 -15.26 -16.32
C8 NGA QA . 22.59 -16.05 -15.42
N2 NGA QA . 23.99 -14.13 -15.80
O3 NGA QA . 26.74 -14.07 -15.22
O4 NGA QA . 27.67 -12.87 -17.56
O5 NGA QA . 25.19 -11.22 -17.75
O6 NGA QA . 26.48 -9.11 -18.82
O7 NGA QA . 23.74 -15.63 -17.47
C1 NGA RA . 18.90 -17.45 -20.41
C2 NGA RA . 19.49 -18.77 -19.88
C3 NGA RA . 19.66 -19.67 -21.10
C4 NGA RA . 18.32 -19.90 -21.79
C5 NGA RA . 17.66 -18.56 -22.14
C6 NGA RA . 16.25 -18.69 -22.65
C7 NGA RA . 21.06 -19.31 -18.05
C8 NGA RA . 22.50 -19.23 -17.62
N2 NGA RA . 20.75 -18.61 -19.16
O3 NGA RA . 20.23 -20.92 -20.71
O4 NGA RA . 17.46 -20.69 -20.98
O5 NGA RA . 17.62 -17.72 -20.98
O6 NGA RA . 15.66 -17.43 -22.93
O7 NGA RA . 20.23 -19.97 -17.44
#